data_6NLI
#
_entry.id   6NLI
#
_cell.length_a   129.546
_cell.length_b   194.227
_cell.length_c   202.759
_cell.angle_alpha   90.000
_cell.angle_beta   90.000
_cell.angle_gamma   90.000
#
_symmetry.space_group_name_H-M   'C 2 2 21'
#
loop_
_entity.id
_entity.type
_entity.pdbx_description
1 polymer Ferroxidase
2 non-polymer 'FE (II) ION'
3 non-polymer 'PROTOPORPHYRIN IX CONTAINING FE'
4 non-polymer 4-{[(2-hydroxyphenyl)methyl]amino}-1H-isoindole-1,3(2H)-dione
5 non-polymer 'TETRAETHYLENE GLYCOL'
6 water water
#
_entity_poly.entity_id   1
_entity_poly.type   'polypeptide(L)'
_entity_poly.pdbx_seq_one_letter_code
;MKGDKKVIQHLNKILGNELIAINQYFLHSRMWNDWGLKRLGAHEYHESIDEMKHADKLIERILFLEGLPNLQDLGKLLIG
ENTQEMLQCDLNLELKATKDLREAIVHCEQVHDYVSRDLLKDILESEEEHIDYLETQLGLIQKVGLENYLQSHMHEDD
;
_entity_poly.pdbx_strand_id   A,B,C,D,E,F,G,H,I,J,K,L
#
# COMPACT_ATOMS: atom_id res chain seq x y z
N MET A 1 -27.41 34.77 -36.74
CA MET A 1 -26.81 34.43 -38.05
C MET A 1 -27.81 33.61 -38.83
N LYS A 2 -28.23 34.08 -40.01
CA LYS A 2 -29.34 33.46 -40.72
C LYS A 2 -28.92 32.08 -41.23
N GLY A 3 -29.61 31.03 -40.77
CA GLY A 3 -29.29 29.68 -41.20
C GLY A 3 -30.03 29.25 -42.46
N ASP A 4 -29.56 28.13 -43.02
CA ASP A 4 -30.23 27.50 -44.14
C ASP A 4 -31.60 26.97 -43.71
N LYS A 5 -32.64 27.31 -44.46
CA LYS A 5 -33.99 26.95 -44.04
C LYS A 5 -34.12 25.44 -43.84
N LYS A 6 -33.55 24.64 -44.74
CA LYS A 6 -33.69 23.21 -44.64
C LYS A 6 -32.84 22.63 -43.50
N VAL A 7 -31.67 23.22 -43.22
CA VAL A 7 -30.90 22.77 -42.05
C VAL A 7 -31.76 22.91 -40.81
N ILE A 8 -32.41 24.05 -40.66
CA ILE A 8 -33.26 24.29 -39.49
C ILE A 8 -34.39 23.26 -39.43
N GLN A 9 -34.98 22.93 -40.58
CA GLN A 9 -36.03 21.91 -40.59
C GLN A 9 -35.47 20.57 -40.14
N HIS A 10 -34.26 20.22 -40.61
CA HIS A 10 -33.61 19.01 -40.15
C HIS A 10 -33.38 19.09 -38.64
N LEU A 11 -32.88 20.23 -38.15
CA LEU A 11 -32.63 20.37 -36.71
C LEU A 11 -33.93 20.25 -35.90
N ASN A 12 -35.04 20.80 -36.41
CA ASN A 12 -36.30 20.64 -35.69
C ASN A 12 -36.79 19.19 -35.72
N LYS A 13 -36.50 18.45 -36.79
CA LYS A 13 -36.86 17.04 -36.84
C LYS A 13 -36.05 16.22 -35.84
N ILE A 14 -34.74 16.46 -35.76
CA ILE A 14 -33.91 15.79 -34.76
C ILE A 14 -34.40 16.16 -33.37
N LEU A 15 -34.72 17.43 -33.17
CA LEU A 15 -35.27 17.89 -31.90
C LEU A 15 -36.55 17.14 -31.55
N GLY A 16 -37.44 16.95 -32.54
CA GLY A 16 -38.65 16.17 -32.29
C GLY A 16 -38.36 14.75 -31.87
N ASN A 17 -37.36 14.12 -32.48
CA ASN A 17 -36.98 12.78 -32.05
C ASN A 17 -36.48 12.79 -30.61
N GLU A 18 -35.69 13.81 -30.23
CA GLU A 18 -35.16 13.90 -28.88
C GLU A 18 -36.27 14.09 -27.87
N LEU A 19 -37.30 14.89 -28.22
CA LEU A 19 -38.40 15.15 -27.31
C LEU A 19 -39.22 13.88 -27.04
N ILE A 20 -39.43 13.05 -28.08
CA ILE A 20 -40.08 11.75 -27.86
C ILE A 20 -39.25 10.93 -26.89
N ALA A 21 -37.95 10.87 -27.14
CA ALA A 21 -37.08 10.00 -26.35
C ALA A 21 -37.03 10.45 -24.90
N ILE A 22 -36.99 11.76 -24.65
CA ILE A 22 -37.00 12.26 -23.28
C ILE A 22 -38.17 11.65 -22.51
N ASN A 23 -39.38 11.78 -23.06
CA ASN A 23 -40.58 11.30 -22.38
C ASN A 23 -40.65 9.79 -22.32
N GLN A 24 -40.28 9.12 -23.41
CA GLN A 24 -40.31 7.65 -23.42
C GLN A 24 -39.33 7.08 -22.39
N TYR A 25 -38.09 7.56 -22.39
CA TYR A 25 -37.11 7.05 -21.44
C TYR A 25 -37.47 7.45 -20.00
N PHE A 26 -38.01 8.66 -19.80
CA PHE A 26 -38.37 9.02 -18.44
C PHE A 26 -39.48 8.14 -17.89
N LEU A 27 -40.48 7.85 -18.73
CA LEU A 27 -41.57 6.99 -18.27
C LEU A 27 -41.08 5.58 -18.03
N HIS A 28 -40.29 5.03 -18.97
CA HIS A 28 -39.72 3.70 -18.74
C HIS A 28 -38.91 3.67 -17.45
N SER A 29 -38.11 4.71 -17.21
CA SER A 29 -37.33 4.78 -15.98
C SER A 29 -38.21 4.63 -14.75
N ARG A 30 -39.30 5.41 -14.71
CA ARG A 30 -40.13 5.43 -13.52
C ARG A 30 -40.95 4.14 -13.39
N MET A 31 -41.27 3.49 -14.52
CA MET A 31 -41.91 2.19 -14.46
C MET A 31 -40.98 1.17 -13.82
N TRP A 32 -39.72 1.15 -14.27
CA TRP A 32 -38.77 0.21 -13.71
C TRP A 32 -38.57 0.46 -12.22
N ASN A 33 -38.48 1.74 -11.81
CA ASN A 33 -38.34 2.04 -10.39
C ASN A 33 -39.55 1.52 -9.61
N ASP A 34 -40.75 1.76 -10.12
CA ASP A 34 -41.98 1.28 -9.47
C ASP A 34 -41.97 -0.24 -9.34
N TRP A 35 -41.39 -0.94 -10.30
CA TRP A 35 -41.30 -2.41 -10.23
C TRP A 35 -40.18 -2.90 -9.32
N GLY A 36 -39.38 -2.00 -8.75
CA GLY A 36 -38.27 -2.42 -7.92
C GLY A 36 -37.01 -2.76 -8.68
N LEU A 37 -36.94 -2.43 -9.96
CA LEU A 37 -35.76 -2.67 -10.78
C LEU A 37 -34.97 -1.37 -10.88
N LYS A 38 -34.37 -1.01 -9.76
CA LYS A 38 -33.84 0.35 -9.57
C LYS A 38 -32.60 0.61 -10.39
N ARG A 39 -31.81 -0.41 -10.69
CA ARG A 39 -30.64 -0.18 -11.52
C ARG A 39 -31.03 0.12 -12.96
N LEU A 40 -32.05 -0.56 -13.48
CA LEU A 40 -32.60 -0.19 -14.79
C LEU A 40 -33.22 1.20 -14.76
N GLY A 41 -33.98 1.48 -13.71
CA GLY A 41 -34.56 2.81 -13.58
C GLY A 41 -33.51 3.90 -13.58
N ALA A 42 -32.42 3.69 -12.83
CA ALA A 42 -31.40 4.74 -12.75
C ALA A 42 -30.73 4.91 -14.11
N HIS A 43 -30.41 3.80 -14.77
CA HIS A 43 -29.74 3.89 -16.05
C HIS A 43 -30.63 4.56 -17.08
N GLU A 44 -31.91 4.22 -17.08
CA GLU A 44 -32.84 4.80 -18.04
C GLU A 44 -33.07 6.29 -17.77
N TYR A 45 -33.05 6.69 -16.49
CA TYR A 45 -33.11 8.09 -16.13
C TYR A 45 -31.95 8.86 -16.74
N HIS A 46 -30.74 8.30 -16.65
CA HIS A 46 -29.59 9.01 -17.22
C HIS A 46 -29.68 9.08 -18.74
N GLU A 47 -30.29 8.05 -19.38
CA GLU A 47 -30.53 8.15 -20.82
C GLU A 47 -31.48 9.30 -21.13
N SER A 48 -32.53 9.46 -20.31
CA SER A 48 -33.46 10.56 -20.53
C SER A 48 -32.76 11.91 -20.36
N ILE A 49 -31.95 12.04 -19.31
CA ILE A 49 -31.22 13.29 -19.08
C ILE A 49 -30.33 13.60 -20.27
N ASP A 50 -29.67 12.58 -20.81
CA ASP A 50 -28.77 12.81 -21.93
CA ASP A 50 -28.77 12.78 -21.94
C ASP A 50 -29.52 13.37 -23.13
N GLU A 51 -30.74 12.84 -23.40
CA GLU A 51 -31.55 13.39 -24.48
C GLU A 51 -32.00 14.80 -24.19
N MET A 52 -32.29 15.12 -22.93
CA MET A 52 -32.59 16.50 -22.54
C MET A 52 -31.43 17.44 -22.89
N LYS A 53 -30.21 17.00 -22.63
CA LYS A 53 -29.05 17.84 -22.94
C LYS A 53 -28.90 18.03 -24.45
N HIS A 54 -29.15 16.96 -25.22
CA HIS A 54 -29.13 17.09 -26.68
C HIS A 54 -30.20 18.05 -27.16
N ALA A 55 -31.42 17.95 -26.60
CA ALA A 55 -32.49 18.84 -27.03
C ALA A 55 -32.13 20.30 -26.73
N ASP A 56 -31.53 20.55 -25.56
CA ASP A 56 -31.05 21.89 -25.22
C ASP A 56 -30.11 22.44 -26.30
N LYS A 57 -29.08 21.66 -26.68
CA LYS A 57 -28.13 22.15 -27.67
C LYS A 57 -28.80 22.41 -29.02
N LEU A 58 -29.75 21.55 -29.41
CA LEU A 58 -30.46 21.77 -30.67
C LEU A 58 -31.29 23.04 -30.62
N ILE A 59 -31.99 23.26 -29.52
CA ILE A 59 -32.76 24.48 -29.34
C ILE A 59 -31.84 25.69 -29.43
N GLU A 60 -30.69 25.64 -28.77
CA GLU A 60 -29.76 26.76 -28.80
C GLU A 60 -29.25 27.02 -30.22
N ARG A 61 -28.92 25.97 -30.96
CA ARG A 61 -28.44 26.14 -32.32
C ARG A 61 -29.52 26.71 -33.23
N ILE A 62 -30.76 26.20 -33.11
CA ILE A 62 -31.86 26.70 -33.94
C ILE A 62 -32.06 28.18 -33.72
N LEU A 63 -32.05 28.63 -32.46
CA LEU A 63 -32.24 30.04 -32.17
C LEU A 63 -31.08 30.87 -32.70
N PHE A 64 -29.84 30.38 -32.56
CA PHE A 64 -28.71 31.10 -33.12
C PHE A 64 -28.88 31.29 -34.62
N LEU A 65 -29.37 30.25 -35.32
CA LEU A 65 -29.59 30.31 -36.76
C LEU A 65 -30.89 31.06 -37.12
N GLU A 66 -31.59 31.64 -36.15
CA GLU A 66 -32.76 32.50 -36.33
C GLU A 66 -33.98 31.72 -36.81
N GLY A 67 -34.05 30.45 -36.45
CA GLY A 67 -35.26 29.66 -36.60
C GLY A 67 -36.07 29.59 -35.31
N LEU A 68 -37.22 28.93 -35.43
CA LEU A 68 -38.14 28.75 -34.29
C LEU A 68 -38.09 27.31 -33.84
N PRO A 69 -37.55 27.02 -32.66
CA PRO A 69 -37.55 25.63 -32.17
C PRO A 69 -38.97 25.14 -31.96
N ASN A 70 -39.25 23.93 -32.41
CA ASN A 70 -40.58 23.34 -32.31
C ASN A 70 -40.60 22.38 -31.12
N LEU A 71 -41.14 22.84 -29.99
CA LEU A 71 -41.36 22.01 -28.80
C LEU A 71 -42.83 21.64 -28.63
N GLN A 72 -43.66 21.97 -29.62
CA GLN A 72 -45.10 21.79 -29.52
C GLN A 72 -45.55 20.45 -30.06
N ASP A 73 -44.97 20.02 -31.17
CA ASP A 73 -45.37 18.79 -31.82
C ASP A 73 -44.55 17.65 -31.22
N LEU A 74 -45.26 16.70 -30.63
CA LEU A 74 -44.69 15.54 -29.97
C LEU A 74 -45.17 14.30 -30.70
N GLY A 75 -44.24 13.54 -31.27
CA GLY A 75 -44.57 12.31 -31.97
C GLY A 75 -44.92 11.17 -31.03
N LYS A 76 -45.03 9.98 -31.60
CA LYS A 76 -45.63 8.86 -30.89
C LYS A 76 -44.62 8.23 -29.93
N LEU A 77 -44.95 8.19 -28.65
CA LEU A 77 -44.12 7.45 -27.70
C LEU A 77 -44.32 5.95 -27.88
N LEU A 78 -43.22 5.20 -27.79
CA LEU A 78 -43.25 3.73 -27.84
C LEU A 78 -43.05 3.23 -26.41
N ILE A 79 -44.14 2.93 -25.72
CA ILE A 79 -44.09 2.50 -24.33
C ILE A 79 -44.29 0.98 -24.28
N GLY A 80 -43.31 0.26 -23.76
CA GLY A 80 -43.45 -1.18 -23.62
C GLY A 80 -44.24 -1.55 -22.38
N GLU A 81 -44.63 -2.83 -22.32
CA GLU A 81 -45.40 -3.35 -21.22
C GLU A 81 -44.61 -4.27 -20.32
N ASN A 82 -43.38 -4.62 -20.70
CA ASN A 82 -42.48 -5.41 -19.88
C ASN A 82 -41.06 -5.03 -20.28
N THR A 83 -40.08 -5.52 -19.52
CA THR A 83 -38.70 -5.03 -19.67
C THR A 83 -38.17 -5.27 -21.08
N GLN A 84 -38.38 -6.48 -21.62
CA GLN A 84 -37.90 -6.78 -22.96
C GLN A 84 -38.55 -5.86 -23.99
N GLU A 85 -39.87 -5.68 -23.90
CA GLU A 85 -40.54 -4.78 -24.85
C GLU A 85 -40.04 -3.34 -24.70
N MET A 86 -39.82 -2.90 -23.46
CA MET A 86 -39.41 -1.51 -23.26
C MET A 86 -38.03 -1.27 -23.86
N LEU A 87 -37.11 -2.22 -23.66
CA LEU A 87 -35.79 -2.10 -24.27
C LEU A 87 -35.91 -2.07 -25.79
N GLN A 88 -36.72 -2.96 -26.37
CA GLN A 88 -36.87 -2.98 -27.82
C GLN A 88 -37.55 -1.72 -28.34
N CYS A 89 -38.53 -1.17 -27.61
CA CYS A 89 -39.11 0.12 -27.97
C CYS A 89 -38.05 1.21 -27.99
N ASP A 90 -37.18 1.24 -26.98
CA ASP A 90 -36.10 2.22 -26.98
C ASP A 90 -35.22 2.03 -28.21
N LEU A 91 -34.90 0.78 -28.53
CA LEU A 91 -34.00 0.50 -29.64
C LEU A 91 -34.62 0.93 -30.96
N ASN A 92 -35.91 0.61 -31.18
CA ASN A 92 -36.58 1.03 -32.39
C ASN A 92 -36.55 2.55 -32.55
N LEU A 93 -36.80 3.29 -31.46
CA LEU A 93 -36.73 4.74 -31.52
C LEU A 93 -35.32 5.23 -31.87
N GLU A 94 -34.30 4.61 -31.28
CA GLU A 94 -32.93 5.03 -31.57
C GLU A 94 -32.57 4.77 -33.03
N LEU A 95 -33.05 3.65 -33.60
CA LEU A 95 -32.70 3.36 -34.98
C LEU A 95 -33.33 4.38 -35.92
N LYS A 96 -34.57 4.80 -35.64
CA LYS A 96 -35.14 5.91 -36.38
C LYS A 96 -34.32 7.18 -36.19
N ALA A 97 -33.89 7.45 -34.95
CA ALA A 97 -33.15 8.69 -34.69
C ALA A 97 -31.83 8.74 -35.46
N THR A 98 -31.11 7.62 -35.53
CA THR A 98 -29.81 7.66 -36.21
C THR A 98 -29.97 7.77 -37.72
N LYS A 99 -31.01 7.17 -38.30
CA LYS A 99 -31.31 7.40 -39.71
C LYS A 99 -31.57 8.87 -39.97
N ASP A 100 -32.40 9.52 -39.14
CA ASP A 100 -32.68 10.93 -39.35
C ASP A 100 -31.44 11.79 -39.16
N LEU A 101 -30.60 11.44 -38.20
CA LEU A 101 -29.36 12.19 -37.98
C LEU A 101 -28.46 12.13 -39.22
N ARG A 102 -28.33 10.94 -39.81
CA ARG A 102 -27.48 10.78 -40.98
C ARG A 102 -27.97 11.67 -42.13
N GLU A 103 -29.29 11.70 -42.36
CA GLU A 103 -29.81 12.54 -43.45
C GLU A 103 -29.57 14.02 -43.17
N ALA A 104 -29.69 14.44 -41.90
CA ALA A 104 -29.42 15.83 -41.58
C ALA A 104 -27.95 16.17 -41.78
N ILE A 105 -27.05 15.26 -41.39
CA ILE A 105 -25.63 15.53 -41.59
C ILE A 105 -25.33 15.68 -43.07
N VAL A 106 -25.89 14.80 -43.91
CA VAL A 106 -25.71 14.94 -45.36
C VAL A 106 -26.05 16.36 -45.80
N HIS A 107 -27.21 16.87 -45.38
CA HIS A 107 -27.63 18.18 -45.86
C HIS A 107 -26.75 19.32 -45.31
N CYS A 108 -26.38 19.26 -44.03
CA CYS A 108 -25.44 20.25 -43.50
C CYS A 108 -24.16 20.29 -44.32
N GLU A 109 -23.63 19.12 -44.68
CA GLU A 109 -22.39 19.11 -45.47
C GLU A 109 -22.60 19.80 -46.81
N GLN A 110 -23.72 19.53 -47.48
CA GLN A 110 -23.96 20.08 -48.81
C GLN A 110 -24.03 21.60 -48.79
N VAL A 111 -24.60 22.19 -47.73
CA VAL A 111 -24.69 23.65 -47.67
C VAL A 111 -23.60 24.27 -46.80
N HIS A 112 -22.60 23.48 -46.40
CA HIS A 112 -21.41 23.97 -45.71
C HIS A 112 -21.69 24.47 -44.30
N ASP A 113 -22.76 23.99 -43.66
CA ASP A 113 -23.02 24.34 -42.26
C ASP A 113 -22.27 23.33 -41.40
N TYR A 114 -20.95 23.55 -41.30
CA TYR A 114 -20.08 22.55 -40.68
C TYR A 114 -20.23 22.50 -39.17
N VAL A 115 -20.63 23.60 -38.55
CA VAL A 115 -20.84 23.57 -37.11
C VAL A 115 -22.08 22.76 -36.76
N SER A 116 -23.18 22.95 -37.52
CA SER A 116 -24.36 22.11 -37.29
C SER A 116 -24.03 20.65 -37.51
N ARG A 117 -23.19 20.36 -38.53
CA ARG A 117 -22.80 18.98 -38.76
C ARG A 117 -22.08 18.41 -37.54
N ASP A 118 -21.18 19.20 -36.95
CA ASP A 118 -20.41 18.74 -35.80
C ASP A 118 -21.32 18.48 -34.59
N LEU A 119 -22.27 19.37 -34.36
CA LEU A 119 -23.26 19.15 -33.31
C LEU A 119 -23.99 17.83 -33.54
N LEU A 120 -24.44 17.58 -34.77
CA LEU A 120 -25.19 16.36 -35.05
C LEU A 120 -24.33 15.11 -34.96
N LYS A 121 -23.05 15.19 -35.38
CA LYS A 121 -22.15 14.06 -35.25
C LYS A 121 -21.98 13.65 -33.79
N ASP A 122 -21.81 14.65 -32.89
CA ASP A 122 -21.71 14.39 -31.45
C ASP A 122 -22.98 13.72 -30.93
N ILE A 123 -24.15 14.20 -31.35
CA ILE A 123 -25.41 13.57 -30.93
C ILE A 123 -25.48 12.13 -31.46
N LEU A 124 -25.05 11.93 -32.71
CA LEU A 124 -25.04 10.59 -33.29
C LEU A 124 -24.11 9.66 -32.53
N GLU A 125 -22.96 10.17 -32.08
CA GLU A 125 -22.07 9.34 -31.26
C GLU A 125 -22.78 8.90 -29.99
N SER A 126 -23.51 9.82 -29.35
N SER A 126 -23.50 9.83 -29.34
CA SER A 126 -24.21 9.44 -28.12
CA SER A 126 -24.23 9.47 -28.13
C SER A 126 -25.33 8.46 -28.40
C SER A 126 -25.30 8.44 -28.42
N GLU A 127 -26.04 8.63 -29.52
CA GLU A 127 -27.14 7.71 -29.83
C GLU A 127 -26.61 6.34 -30.19
N GLU A 128 -25.47 6.26 -30.90
CA GLU A 128 -24.92 4.94 -31.17
C GLU A 128 -24.44 4.26 -29.89
N GLU A 129 -23.96 5.02 -28.90
CA GLU A 129 -23.64 4.40 -27.61
C GLU A 129 -24.90 3.85 -26.96
N HIS A 130 -26.02 4.56 -27.07
CA HIS A 130 -27.26 4.04 -26.52
C HIS A 130 -27.70 2.76 -27.25
N ILE A 131 -27.58 2.75 -28.58
CA ILE A 131 -27.86 1.52 -29.33
C ILE A 131 -27.01 0.38 -28.81
N ASP A 132 -25.71 0.62 -28.61
CA ASP A 132 -24.83 -0.41 -28.05
C ASP A 132 -25.35 -0.91 -26.72
N TYR A 133 -25.72 0.01 -25.82
CA TYR A 133 -26.25 -0.41 -24.54
C TYR A 133 -27.50 -1.29 -24.72
N LEU A 134 -28.42 -0.84 -25.56
CA LEU A 134 -29.70 -1.55 -25.71
C LEU A 134 -29.52 -2.93 -26.32
N GLU A 135 -28.75 -3.02 -27.42
CA GLU A 135 -28.49 -4.32 -28.03
C GLU A 135 -27.83 -5.27 -27.04
N THR A 136 -26.93 -4.75 -26.22
CA THR A 136 -26.23 -5.57 -25.23
C THR A 136 -27.20 -6.09 -24.19
N GLN A 137 -28.12 -5.23 -23.70
CA GLN A 137 -29.08 -5.68 -22.71
C GLN A 137 -29.95 -6.79 -23.28
N LEU A 138 -30.45 -6.60 -24.50
CA LEU A 138 -31.29 -7.62 -25.13
C LEU A 138 -30.53 -8.92 -25.29
N GLY A 139 -29.24 -8.84 -25.62
CA GLY A 139 -28.42 -10.05 -25.69
C GLY A 139 -28.21 -10.69 -24.33
N LEU A 140 -28.02 -9.87 -23.29
CA LEU A 140 -27.81 -10.44 -21.96
C LEU A 140 -29.04 -11.20 -21.50
N ILE A 141 -30.22 -10.69 -21.82
CA ILE A 141 -31.44 -11.38 -21.45
C ILE A 141 -31.44 -12.79 -22.04
N GLN A 142 -30.99 -12.92 -23.28
CA GLN A 142 -30.91 -14.24 -23.89
C GLN A 142 -29.82 -15.09 -23.25
N LYS A 143 -28.70 -14.49 -22.83
CA LYS A 143 -27.58 -15.29 -22.31
C LYS A 143 -27.79 -15.71 -20.86
N VAL A 144 -28.32 -14.83 -20.00
CA VAL A 144 -28.45 -15.16 -18.58
C VAL A 144 -29.88 -15.53 -18.21
N GLY A 145 -30.82 -15.35 -19.10
CA GLY A 145 -32.22 -15.57 -18.78
C GLY A 145 -32.85 -14.33 -18.19
N LEU A 146 -34.15 -14.21 -18.42
CA LEU A 146 -34.85 -13.00 -18.00
C LEU A 146 -34.83 -12.85 -16.49
N GLU A 147 -35.08 -13.91 -15.75
CA GLU A 147 -35.13 -13.77 -14.30
C GLU A 147 -33.78 -13.30 -13.74
N ASN A 148 -32.67 -13.88 -14.21
CA ASN A 148 -31.37 -13.39 -13.74
C ASN A 148 -31.13 -11.96 -14.20
N TYR A 149 -31.55 -11.63 -15.42
CA TYR A 149 -31.30 -10.27 -15.91
C TYR A 149 -31.99 -9.26 -15.01
N LEU A 150 -33.25 -9.54 -14.67
CA LEU A 150 -34.02 -8.67 -13.79
C LEU A 150 -33.43 -8.64 -12.39
N GLN A 151 -33.04 -9.80 -11.85
CA GLN A 151 -32.41 -9.83 -10.54
C GLN A 151 -31.21 -8.90 -10.47
N SER A 152 -30.37 -8.92 -11.53
CA SER A 152 -29.17 -8.11 -11.55
C SER A 152 -29.49 -6.62 -11.60
N HIS A 153 -30.74 -6.26 -11.83
CA HIS A 153 -31.11 -4.86 -11.95
C HIS A 153 -32.07 -4.41 -10.85
N MET A 154 -32.17 -5.20 -9.78
CA MET A 154 -33.01 -4.83 -8.65
C MET A 154 -32.36 -3.73 -7.82
N HIS A 155 -31.08 -3.88 -7.52
CA HIS A 155 -30.38 -3.00 -6.60
C HIS A 155 -29.35 -2.18 -7.38
N GLU A 156 -29.24 -0.90 -7.05
CA GLU A 156 -28.29 -0.03 -7.75
C GLU A 156 -26.86 -0.25 -7.27
N MET B 1 -24.89 -3.34 -33.87
CA MET B 1 -25.49 -2.56 -34.99
C MET B 1 -24.79 -2.95 -36.30
N LYS B 2 -25.51 -3.46 -37.29
CA LYS B 2 -24.85 -4.03 -38.46
C LYS B 2 -24.18 -2.92 -39.27
N GLY B 3 -22.86 -2.99 -39.39
CA GLY B 3 -22.14 -2.02 -40.17
C GLY B 3 -21.95 -2.41 -41.62
N ASP B 4 -21.53 -1.42 -42.40
CA ASP B 4 -21.17 -1.62 -43.79
C ASP B 4 -19.97 -2.56 -43.92
N LYS B 5 -20.10 -3.54 -44.80
CA LYS B 5 -19.07 -4.56 -44.93
C LYS B 5 -17.72 -3.95 -45.29
N LYS B 6 -17.73 -2.98 -46.19
CA LYS B 6 -16.47 -2.41 -46.65
C LYS B 6 -15.86 -1.48 -45.61
N VAL B 7 -16.70 -0.79 -44.83
CA VAL B 7 -16.17 -0.05 -43.67
C VAL B 7 -15.43 -1.00 -42.76
N ILE B 8 -16.04 -2.14 -42.43
CA ILE B 8 -15.40 -3.07 -41.53
C ILE B 8 -14.08 -3.54 -42.12
N GLN B 9 -14.04 -3.76 -43.44
CA GLN B 9 -12.80 -4.16 -44.10
C GLN B 9 -11.74 -3.08 -43.97
N HIS B 10 -12.14 -1.82 -44.17
CA HIS B 10 -11.22 -0.70 -43.98
C HIS B 10 -10.72 -0.64 -42.54
N LEU B 11 -11.63 -0.79 -41.58
CA LEU B 11 -11.23 -0.76 -40.17
C LEU B 11 -10.25 -1.85 -39.84
N ASN B 12 -10.44 -3.04 -40.40
CA ASN B 12 -9.49 -4.12 -40.19
C ASN B 12 -8.15 -3.82 -40.84
N LYS B 13 -8.16 -3.08 -41.95
CA LYS B 13 -6.89 -2.72 -42.57
C LYS B 13 -6.16 -1.69 -41.71
N ILE B 14 -6.88 -0.69 -41.19
CA ILE B 14 -6.26 0.26 -40.25
C ILE B 14 -5.75 -0.49 -39.05
N LEU B 15 -6.58 -1.39 -38.52
CA LEU B 15 -6.17 -2.21 -37.39
C LEU B 15 -4.90 -2.97 -37.69
N GLY B 16 -4.82 -3.55 -38.89
CA GLY B 16 -3.63 -4.28 -39.26
C GLY B 16 -2.38 -3.41 -39.25
N ASN B 17 -2.51 -2.17 -39.73
CA ASN B 17 -1.37 -1.25 -39.70
C ASN B 17 -0.97 -0.93 -38.26
N GLU B 18 -1.95 -0.71 -37.37
CA GLU B 18 -1.63 -0.41 -35.98
C GLU B 18 -0.94 -1.60 -35.31
N LEU B 19 -1.35 -2.83 -35.64
CA LEU B 19 -0.72 -4.01 -35.04
C LEU B 19 0.75 -4.13 -35.46
N ILE B 20 1.07 -3.81 -36.72
CA ILE B 20 2.48 -3.77 -37.12
C ILE B 20 3.23 -2.71 -36.30
N ALA B 21 2.65 -1.53 -36.21
CA ALA B 21 3.33 -0.42 -35.55
C ALA B 21 3.60 -0.74 -34.08
N ILE B 22 2.64 -1.36 -33.40
CA ILE B 22 2.85 -1.71 -32.00
C ILE B 22 4.16 -2.49 -31.86
N ASN B 23 4.29 -3.56 -32.64
CA ASN B 23 5.44 -4.45 -32.53
C ASN B 23 6.68 -3.76 -33.02
N GLN B 24 6.56 -3.00 -34.11
CA GLN B 24 7.72 -2.33 -34.64
C GLN B 24 8.26 -1.31 -33.66
N TYR B 25 7.36 -0.47 -33.12
CA TYR B 25 7.79 0.53 -32.14
C TYR B 25 8.23 -0.12 -30.84
N PHE B 26 7.57 -1.19 -30.41
CA PHE B 26 8.01 -1.78 -29.16
C PHE B 26 9.42 -2.35 -29.31
N LEU B 27 9.69 -3.00 -30.43
CA LEU B 27 11.03 -3.56 -30.62
C LEU B 27 12.07 -2.45 -30.75
N HIS B 28 11.76 -1.40 -31.51
CA HIS B 28 12.71 -0.29 -31.61
C HIS B 28 13.00 0.30 -30.24
N SER B 29 11.95 0.49 -29.42
CA SER B 29 12.12 1.01 -28.05
C SER B 29 13.13 0.16 -27.27
N ARG B 30 12.96 -1.15 -27.32
CA ARG B 30 13.81 -2.01 -26.52
C ARG B 30 15.22 -2.11 -27.11
N MET B 31 15.36 -1.95 -28.43
CA MET B 31 16.69 -1.86 -29.02
C MET B 31 17.42 -0.62 -28.52
N TRP B 32 16.75 0.53 -28.56
CA TRP B 32 17.37 1.75 -28.10
C TRP B 32 17.76 1.64 -26.62
N ASN B 33 16.90 1.05 -25.78
CA ASN B 33 17.26 0.88 -24.38
C ASN B 33 18.50 0.00 -24.25
N ASP B 34 18.55 -1.10 -25.00
CA ASP B 34 19.70 -1.98 -24.98
C ASP B 34 20.97 -1.23 -25.35
N TRP B 35 20.86 -0.27 -26.28
CA TRP B 35 22.03 0.51 -26.71
C TRP B 35 22.38 1.67 -25.78
N GLY B 36 21.61 1.89 -24.71
CA GLY B 36 21.88 2.99 -23.81
C GLY B 36 21.31 4.29 -24.28
N LEU B 37 20.44 4.27 -25.29
CA LEU B 37 19.81 5.48 -25.79
C LEU B 37 18.40 5.59 -25.19
N LYS B 38 18.39 5.84 -23.88
CA LYS B 38 17.19 5.66 -23.07
C LYS B 38 16.11 6.69 -23.35
N ARG B 39 16.47 7.89 -23.80
CA ARG B 39 15.43 8.86 -24.11
C ARG B 39 14.65 8.49 -25.36
N LEU B 40 15.35 7.97 -26.39
CA LEU B 40 14.67 7.41 -27.55
C LEU B 40 13.87 6.19 -27.16
N GLY B 41 14.43 5.32 -26.33
CA GLY B 41 13.70 4.14 -25.90
C GLY B 41 12.39 4.50 -25.22
N ALA B 42 12.42 5.49 -24.33
CA ALA B 42 11.21 5.91 -23.61
C ALA B 42 10.20 6.52 -24.56
N HIS B 43 10.65 7.40 -25.45
CA HIS B 43 9.72 8.06 -26.35
C HIS B 43 9.08 7.04 -27.28
N GLU B 44 9.88 6.08 -27.78
CA GLU B 44 9.37 5.04 -28.68
C GLU B 44 8.42 4.08 -27.95
N TYR B 45 8.67 3.82 -26.67
CA TYR B 45 7.71 3.07 -25.87
C TYR B 45 6.36 3.77 -25.83
N HIS B 46 6.35 5.09 -25.64
CA HIS B 46 5.07 5.81 -25.57
C HIS B 46 4.36 5.83 -26.93
N GLU B 47 5.12 5.86 -28.03
CA GLU B 47 4.51 5.69 -29.35
C GLU B 47 3.87 4.32 -29.49
N SER B 48 4.53 3.27 -29.02
CA SER B 48 3.96 1.92 -29.06
C SER B 48 2.66 1.84 -28.27
N ILE B 49 2.65 2.44 -27.07
CA ILE B 49 1.45 2.49 -26.23
C ILE B 49 0.34 3.23 -26.95
N ASP B 50 0.67 4.35 -27.60
CA ASP B 50 -0.35 5.10 -28.34
CA ASP B 50 -0.36 5.09 -28.31
C ASP B 50 -1.01 4.26 -29.41
N GLU B 51 -0.22 3.42 -30.11
CA GLU B 51 -0.78 2.55 -31.15
C GLU B 51 -1.61 1.44 -30.53
N MET B 52 -1.18 0.91 -29.39
CA MET B 52 -1.99 -0.07 -28.67
C MET B 52 -3.37 0.50 -28.36
N LYS B 53 -3.42 1.76 -27.94
CA LYS B 53 -4.71 2.38 -27.62
C LYS B 53 -5.60 2.57 -28.85
N HIS B 54 -5.00 2.94 -29.98
CA HIS B 54 -5.73 3.01 -31.23
C HIS B 54 -6.27 1.64 -31.64
N ALA B 55 -5.45 0.60 -31.51
CA ALA B 55 -5.88 -0.74 -31.87
C ALA B 55 -7.10 -1.15 -31.03
N ASP B 56 -7.04 -0.88 -29.73
CA ASP B 56 -8.17 -1.13 -28.84
C ASP B 56 -9.44 -0.49 -29.36
N LYS B 57 -9.38 0.80 -29.71
CA LYS B 57 -10.57 1.51 -30.18
C LYS B 57 -11.09 0.94 -31.50
N LEU B 58 -10.19 0.53 -32.40
CA LEU B 58 -10.62 -0.10 -33.64
C LEU B 58 -11.29 -1.45 -33.38
N ILE B 59 -10.71 -2.25 -32.51
CA ILE B 59 -11.31 -3.53 -32.15
C ILE B 59 -12.71 -3.32 -31.60
N GLU B 60 -12.87 -2.35 -30.71
CA GLU B 60 -14.17 -2.08 -30.10
C GLU B 60 -15.18 -1.64 -31.14
N ARG B 61 -14.78 -0.77 -32.07
CA ARG B 61 -15.71 -0.28 -33.08
C ARG B 61 -16.14 -1.41 -34.02
N ILE B 62 -15.20 -2.26 -34.42
CA ILE B 62 -15.47 -3.39 -35.31
C ILE B 62 -16.49 -4.34 -34.67
N LEU B 63 -16.27 -4.69 -33.40
CA LEU B 63 -17.19 -5.56 -32.70
C LEU B 63 -18.56 -4.90 -32.57
N PHE B 64 -18.63 -3.60 -32.29
CA PHE B 64 -19.93 -2.92 -32.24
C PHE B 64 -20.68 -3.06 -33.56
N LEU B 65 -19.96 -2.97 -34.68
CA LEU B 65 -20.55 -3.05 -36.00
C LEU B 65 -20.74 -4.50 -36.45
N GLU B 66 -20.52 -5.47 -35.58
CA GLU B 66 -20.78 -6.89 -35.84
C GLU B 66 -19.82 -7.49 -36.87
N GLY B 67 -18.59 -6.98 -36.94
CA GLY B 67 -17.52 -7.60 -37.67
C GLY B 67 -16.58 -8.41 -36.77
N LEU B 68 -15.61 -9.07 -37.42
CA LEU B 68 -14.61 -9.88 -36.74
C LEU B 68 -13.30 -9.13 -36.80
N PRO B 69 -12.79 -8.59 -35.68
CA PRO B 69 -11.50 -7.90 -35.74
C PRO B 69 -10.39 -8.88 -36.07
N ASN B 70 -9.53 -8.52 -37.00
CA ASN B 70 -8.46 -9.42 -37.44
C ASN B 70 -7.18 -9.09 -36.68
N LEU B 71 -6.87 -9.91 -35.67
CA LEU B 71 -5.59 -9.81 -34.97
C LEU B 71 -4.64 -10.92 -35.39
N GLN B 72 -5.03 -11.71 -36.38
CA GLN B 72 -4.27 -12.89 -36.76
C GLN B 72 -3.25 -12.59 -37.84
N ASP B 73 -3.63 -11.73 -38.78
CA ASP B 73 -2.76 -11.42 -39.91
C ASP B 73 -1.90 -10.24 -39.52
N LEU B 74 -0.60 -10.46 -39.52
CA LEU B 74 0.38 -9.45 -39.18
C LEU B 74 1.24 -9.25 -40.42
N GLY B 75 1.19 -8.04 -40.97
CA GLY B 75 2.01 -7.65 -42.08
C GLY B 75 3.46 -7.41 -41.67
N LYS B 76 4.22 -6.87 -42.60
CA LYS B 76 5.68 -6.83 -42.51
C LYS B 76 6.14 -5.70 -41.58
N LEU B 77 6.91 -6.06 -40.56
CA LEU B 77 7.57 -5.08 -39.70
C LEU B 77 8.79 -4.48 -40.41
N LEU B 78 8.98 -3.18 -40.27
CA LEU B 78 10.16 -2.50 -40.82
C LEU B 78 11.10 -2.16 -39.66
N ILE B 79 12.10 -3.01 -39.43
CA ILE B 79 13.02 -2.89 -38.32
C ILE B 79 14.34 -2.34 -38.86
N GLY B 80 14.77 -1.19 -38.33
CA GLY B 80 16.05 -0.63 -38.73
C GLY B 80 17.22 -1.29 -38.02
N GLU B 81 18.43 -1.00 -38.49
CA GLU B 81 19.63 -1.54 -37.87
C GLU B 81 20.47 -0.48 -37.17
N ASN B 82 20.10 0.78 -37.32
CA ASN B 82 20.70 1.88 -36.59
C ASN B 82 19.62 2.92 -36.40
N THR B 83 19.94 3.95 -35.62
CA THR B 83 18.95 4.92 -35.18
C THR B 83 18.26 5.62 -36.34
N GLN B 84 19.05 6.13 -37.30
CA GLN B 84 18.46 6.85 -38.42
C GLN B 84 17.53 5.96 -39.22
N GLU B 85 17.90 4.69 -39.38
CA GLU B 85 17.09 3.79 -40.17
C GLU B 85 15.83 3.41 -39.43
N MET B 86 15.91 3.26 -38.11
CA MET B 86 14.72 2.96 -37.31
C MET B 86 13.68 4.07 -37.41
N LEU B 87 14.13 5.33 -37.31
CA LEU B 87 13.23 6.47 -37.44
C LEU B 87 12.59 6.51 -38.81
N GLN B 88 13.40 6.26 -39.84
CA GLN B 88 12.87 6.21 -41.20
CA GLN B 88 12.90 6.19 -41.21
C GLN B 88 11.90 5.06 -41.37
N CYS B 89 12.19 3.90 -40.77
CA CYS B 89 11.26 2.79 -40.84
C CYS B 89 9.93 3.16 -40.18
N ASP B 90 9.99 3.81 -39.01
CA ASP B 90 8.76 4.29 -38.40
C ASP B 90 8.04 5.26 -39.33
N LEU B 91 8.79 6.15 -39.94
CA LEU B 91 8.20 7.17 -40.80
C LEU B 91 7.55 6.54 -42.03
N ASN B 92 8.22 5.59 -42.68
CA ASN B 92 7.63 4.95 -43.84
C ASN B 92 6.34 4.23 -43.47
N LEU B 93 6.33 3.52 -42.33
CA LEU B 93 5.12 2.85 -41.87
C LEU B 93 4.01 3.86 -41.64
N GLU B 94 4.33 5.00 -41.01
CA GLU B 94 3.30 6.02 -40.74
C GLU B 94 2.75 6.65 -42.02
N LEU B 95 3.58 6.80 -43.04
CA LEU B 95 3.09 7.40 -44.28
C LEU B 95 2.11 6.47 -45.00
N LYS B 96 2.38 5.17 -44.98
CA LYS B 96 1.40 4.20 -45.47
C LYS B 96 0.14 4.22 -44.63
N ALA B 97 0.29 4.30 -43.31
CA ALA B 97 -0.86 4.27 -42.41
C ALA B 97 -1.80 5.43 -42.68
N THR B 98 -1.25 6.64 -42.90
CA THR B 98 -2.13 7.79 -43.11
C THR B 98 -2.77 7.77 -44.49
N LYS B 99 -2.10 7.24 -45.50
CA LYS B 99 -2.78 7.05 -46.78
C LYS B 99 -3.98 6.11 -46.62
N ASP B 100 -3.79 4.98 -45.93
CA ASP B 100 -4.89 4.05 -45.72
C ASP B 100 -5.99 4.68 -44.90
N LEU B 101 -5.62 5.51 -43.90
CA LEU B 101 -6.63 6.20 -43.13
C LEU B 101 -7.48 7.11 -43.99
N ARG B 102 -6.85 7.86 -44.90
CA ARG B 102 -7.60 8.76 -45.76
C ARG B 102 -8.58 8.00 -46.66
N GLU B 103 -8.15 6.86 -47.20
CA GLU B 103 -9.03 6.08 -48.07
C GLU B 103 -10.22 5.53 -47.28
N ALA B 104 -9.98 5.11 -46.04
CA ALA B 104 -11.05 4.62 -45.18
C ALA B 104 -12.05 5.71 -44.84
N ILE B 105 -11.56 6.94 -44.59
CA ILE B 105 -12.45 8.05 -44.29
C ILE B 105 -13.32 8.38 -45.50
N VAL B 106 -12.73 8.41 -46.69
CA VAL B 106 -13.53 8.62 -47.90
C VAL B 106 -14.73 7.67 -47.91
N HIS B 107 -14.48 6.40 -47.68
CA HIS B 107 -15.56 5.43 -47.79
C HIS B 107 -16.55 5.57 -46.64
N CYS B 108 -16.07 5.79 -45.41
CA CYS B 108 -17.01 6.07 -44.32
C CYS B 108 -17.92 7.23 -44.68
N GLU B 109 -17.36 8.29 -45.26
CA GLU B 109 -18.18 9.43 -45.61
C GLU B 109 -19.22 9.02 -46.64
N GLN B 110 -18.83 8.19 -47.61
CA GLN B 110 -19.75 7.85 -48.69
C GLN B 110 -20.96 7.06 -48.18
N VAL B 111 -20.75 6.16 -47.22
CA VAL B 111 -21.86 5.36 -46.71
C VAL B 111 -22.44 5.93 -45.42
N HIS B 112 -22.05 7.14 -45.04
CA HIS B 112 -22.64 7.91 -43.95
C HIS B 112 -22.33 7.35 -42.58
N ASP B 113 -21.24 6.60 -42.45
CA ASP B 113 -20.80 6.10 -41.15
C ASP B 113 -19.92 7.19 -40.53
N TYR B 114 -20.60 8.22 -40.04
CA TYR B 114 -19.92 9.41 -39.56
C TYR B 114 -19.18 9.17 -38.25
N VAL B 115 -19.63 8.20 -37.43
CA VAL B 115 -18.91 7.90 -36.20
C VAL B 115 -17.59 7.19 -36.51
N SER B 116 -17.62 6.22 -37.42
CA SER B 116 -16.36 5.60 -37.84
C SER B 116 -15.42 6.64 -38.42
N ARG B 117 -15.95 7.60 -39.20
CA ARG B 117 -15.09 8.64 -39.74
C ARG B 117 -14.44 9.42 -38.62
N ASP B 118 -15.23 9.81 -37.61
CA ASP B 118 -14.69 10.62 -36.53
C ASP B 118 -13.59 9.87 -35.79
N LEU B 119 -13.79 8.57 -35.54
CA LEU B 119 -12.73 7.77 -34.93
C LEU B 119 -11.46 7.76 -35.79
N LEU B 120 -11.62 7.55 -37.10
CA LEU B 120 -10.45 7.51 -37.96
C LEU B 120 -9.75 8.86 -38.05
N LYS B 121 -10.54 9.94 -38.04
CA LYS B 121 -9.98 11.28 -38.05
C LYS B 121 -9.11 11.53 -36.81
N ASP B 122 -9.58 11.10 -35.63
CA ASP B 122 -8.78 11.25 -34.40
C ASP B 122 -7.48 10.43 -34.48
N ILE B 123 -7.56 9.20 -34.97
CA ILE B 123 -6.35 8.39 -35.13
C ILE B 123 -5.39 9.06 -36.10
N LEU B 124 -5.93 9.60 -37.20
CA LEU B 124 -5.12 10.31 -38.19
C LEU B 124 -4.41 11.51 -37.57
N GLU B 125 -5.09 12.25 -36.69
CA GLU B 125 -4.42 13.36 -35.98
C GLU B 125 -3.24 12.84 -35.18
N SER B 126 -3.39 11.69 -34.51
N SER B 126 -3.40 11.73 -34.48
CA SER B 126 -2.29 11.11 -33.74
CA SER B 126 -2.26 11.15 -33.75
C SER B 126 -1.16 10.63 -34.64
C SER B 126 -1.15 10.77 -34.72
N GLU B 127 -1.48 10.06 -35.81
CA GLU B 127 -0.42 9.58 -36.70
C GLU B 127 0.31 10.77 -37.34
N GLU B 128 -0.40 11.85 -37.66
CA GLU B 128 0.30 13.01 -38.20
C GLU B 128 1.20 13.68 -37.17
N GLU B 129 0.81 13.66 -35.90
CA GLU B 129 1.72 14.13 -34.84
C GLU B 129 2.96 13.25 -34.78
N HIS B 130 2.78 11.94 -34.91
CA HIS B 130 3.94 11.06 -34.91
C HIS B 130 4.85 11.36 -36.11
N ILE B 131 4.26 11.68 -37.26
CA ILE B 131 5.04 12.05 -38.45
C ILE B 131 5.83 13.33 -38.19
N ASP B 132 5.19 14.31 -37.55
CA ASP B 132 5.88 15.54 -37.16
C ASP B 132 7.11 15.22 -36.33
N TYR B 133 6.95 14.35 -35.32
CA TYR B 133 8.07 13.98 -34.46
C TYR B 133 9.19 13.31 -35.25
N LEU B 134 8.83 12.36 -36.11
CA LEU B 134 9.82 11.58 -36.86
C LEU B 134 10.59 12.45 -37.85
N GLU B 135 9.88 13.26 -38.63
CA GLU B 135 10.55 14.17 -39.56
C GLU B 135 11.49 15.11 -38.83
N THR B 136 11.05 15.61 -37.67
CA THR B 136 11.85 16.53 -36.89
C THR B 136 13.11 15.87 -36.36
N GLN B 137 13.01 14.63 -35.91
CA GLN B 137 14.20 13.92 -35.47
C GLN B 137 15.19 13.72 -36.62
N LEU B 138 14.69 13.34 -37.80
CA LEU B 138 15.59 13.11 -38.93
C LEU B 138 16.27 14.41 -39.35
N GLY B 139 15.54 15.53 -39.30
CA GLY B 139 16.13 16.82 -39.56
C GLY B 139 17.17 17.20 -38.51
N LEU B 140 16.91 16.89 -37.25
CA LEU B 140 17.87 17.21 -36.19
C LEU B 140 19.16 16.42 -36.39
N ILE B 141 19.06 15.17 -36.83
CA ILE B 141 20.28 14.41 -37.11
C ILE B 141 21.17 15.17 -38.09
N GLN B 142 20.56 15.82 -39.09
CA GLN B 142 21.32 16.58 -40.10
C GLN B 142 21.88 17.87 -39.51
N LYS B 143 21.12 18.56 -38.67
CA LYS B 143 21.53 19.88 -38.20
C LYS B 143 22.58 19.82 -37.11
N VAL B 144 22.47 18.88 -36.17
CA VAL B 144 23.39 18.81 -35.03
C VAL B 144 24.43 17.74 -35.23
N GLY B 145 24.27 16.88 -36.22
CA GLY B 145 25.16 15.76 -36.42
C GLY B 145 24.70 14.54 -35.65
N LEU B 146 25.03 13.38 -36.19
CA LEU B 146 24.57 12.13 -35.62
C LEU B 146 25.11 11.93 -34.21
N GLU B 147 26.40 12.24 -34.01
CA GLU B 147 27.02 11.97 -32.73
C GLU B 147 26.36 12.79 -31.62
N ASN B 148 26.10 14.07 -31.90
CA ASN B 148 25.40 14.92 -30.93
C ASN B 148 23.96 14.46 -30.76
N TYR B 149 23.29 14.09 -31.86
CA TYR B 149 21.91 13.66 -31.76
C TYR B 149 21.80 12.46 -30.84
N LEU B 150 22.68 11.47 -31.02
CA LEU B 150 22.66 10.30 -30.15
C LEU B 150 23.02 10.65 -28.72
N GLN B 151 24.05 11.47 -28.52
CA GLN B 151 24.42 11.90 -27.17
C GLN B 151 23.22 12.48 -26.43
N SER B 152 22.46 13.32 -27.10
CA SER B 152 21.30 13.99 -26.52
C SER B 152 20.18 13.02 -26.15
N HIS B 153 20.26 11.76 -26.56
CA HIS B 153 19.21 10.78 -26.27
C HIS B 153 19.73 9.66 -25.39
N MET B 154 20.91 9.83 -24.78
CA MET B 154 21.45 8.80 -23.90
C MET B 154 20.71 8.72 -22.57
N HIS B 155 20.49 9.85 -21.93
CA HIS B 155 19.93 9.85 -20.58
C HIS B 155 18.51 10.41 -20.61
N GLU B 156 17.62 9.77 -19.87
CA GLU B 156 16.22 10.19 -19.80
C GLU B 156 16.06 11.36 -18.83
N MET C 1 25.37 -24.99 10.62
CA MET C 1 24.99 -26.18 9.81
C MET C 1 26.18 -26.58 8.92
N LYS C 2 26.68 -27.80 9.07
CA LYS C 2 27.93 -28.15 8.39
C LYS C 2 27.70 -28.16 6.88
N GLY C 3 28.39 -27.30 6.16
CA GLY C 3 28.25 -27.25 4.74
C GLY C 3 29.23 -28.17 4.03
N ASP C 4 28.97 -28.37 2.75
CA ASP C 4 29.89 -29.09 1.88
C ASP C 4 31.20 -28.31 1.72
N LYS C 5 32.33 -29.01 1.92
CA LYS C 5 33.62 -28.32 1.89
C LYS C 5 33.83 -27.63 0.56
N LYS C 6 33.45 -28.26 -0.54
CA LYS C 6 33.70 -27.67 -1.85
C LYS C 6 32.74 -26.52 -2.16
N VAL C 7 31.51 -26.56 -1.64
CA VAL C 7 30.63 -25.39 -1.71
C VAL C 7 31.32 -24.19 -1.06
N ILE C 8 31.86 -24.40 0.14
CA ILE C 8 32.54 -23.31 0.86
C ILE C 8 33.74 -22.78 0.07
N GLN C 9 34.51 -23.68 -0.57
CA GLN C 9 35.61 -23.23 -1.40
C GLN C 9 35.12 -22.40 -2.55
N HIS C 10 34.03 -22.82 -3.20
CA HIS C 10 33.44 -22.02 -4.28
C HIS C 10 32.98 -20.66 -3.74
N LEU C 11 32.32 -20.66 -2.58
CA LEU C 11 31.85 -19.39 -2.02
C LEU C 11 33.04 -18.46 -1.72
N ASN C 12 34.13 -19.01 -1.20
CA ASN C 12 35.33 -18.19 -0.98
C ASN C 12 35.93 -17.71 -2.29
N LYS C 13 35.82 -18.50 -3.35
CA LYS C 13 36.31 -18.02 -4.64
C LYS C 13 35.45 -16.89 -5.17
N ILE C 14 34.12 -17.02 -5.07
CA ILE C 14 33.24 -15.91 -5.46
C ILE C 14 33.52 -14.69 -4.60
N LEU C 15 33.67 -14.90 -3.29
CA LEU C 15 34.01 -13.79 -2.39
C LEU C 15 35.30 -13.12 -2.82
N GLY C 16 36.31 -13.92 -3.19
CA GLY C 16 37.56 -13.35 -3.65
C GLY C 16 37.37 -12.47 -4.86
N ASN C 17 36.49 -12.86 -5.79
CA ASN C 17 36.20 -12.02 -6.94
C ASN C 17 35.49 -10.73 -6.52
N GLU C 18 34.57 -10.83 -5.56
CA GLU C 18 33.85 -9.62 -5.15
C GLU C 18 34.82 -8.64 -4.48
N LEU C 19 35.77 -9.16 -3.70
CA LEU C 19 36.74 -8.33 -2.99
C LEU C 19 37.64 -7.58 -3.96
N ILE C 20 38.07 -8.25 -5.05
CA ILE C 20 38.79 -7.54 -6.11
C ILE C 20 37.93 -6.42 -6.69
N ALA C 21 36.69 -6.77 -7.04
CA ALA C 21 35.81 -5.82 -7.71
C ALA C 21 35.51 -4.61 -6.82
N ILE C 22 35.32 -4.84 -5.51
CA ILE C 22 35.10 -3.72 -4.59
C ILE C 22 36.21 -2.68 -4.77
N ASN C 23 37.47 -3.12 -4.68
CA ASN C 23 38.60 -2.21 -4.74
C ASN C 23 38.79 -1.62 -6.13
N GLN C 24 38.66 -2.44 -7.17
CA GLN C 24 38.82 -1.95 -8.53
C GLN C 24 37.78 -0.88 -8.87
N TYR C 25 36.50 -1.15 -8.56
CA TYR C 25 35.47 -0.17 -8.87
C TYR C 25 35.61 1.07 -7.99
N PHE C 26 35.99 0.88 -6.73
CA PHE C 26 36.13 2.06 -5.87
C PHE C 26 37.25 2.96 -6.37
N LEU C 27 38.39 2.37 -6.76
CA LEU C 27 39.47 3.20 -7.28
C LEU C 27 39.07 3.86 -8.59
N HIS C 28 38.46 3.10 -9.49
CA HIS C 28 38.01 3.69 -10.75
C HIS C 28 37.06 4.85 -10.49
N SER C 29 36.14 4.69 -9.54
CA SER C 29 35.19 5.75 -9.19
C SER C 29 35.90 7.02 -8.76
N ARG C 30 36.87 6.88 -7.87
CA ARG C 30 37.58 8.03 -7.34
C ARG C 30 38.49 8.64 -8.39
N MET C 31 39.02 7.85 -9.31
CA MET C 31 39.76 8.41 -10.43
C MET C 31 38.86 9.27 -11.29
N TRP C 32 37.69 8.74 -11.65
CA TRP C 32 36.75 9.50 -12.46
C TRP C 32 36.31 10.77 -11.76
N ASN C 33 36.06 10.71 -10.45
CA ASN C 33 35.71 11.94 -9.72
C ASN C 33 36.86 12.95 -9.79
N ASP C 34 38.08 12.48 -9.57
CA ASP C 34 39.24 13.37 -9.63
C ASP C 34 39.37 14.02 -11.00
N TRP C 35 39.06 13.28 -12.08
CA TRP C 35 39.12 13.86 -13.42
C TRP C 35 37.93 14.72 -13.75
N GLY C 36 36.94 14.85 -12.85
CA GLY C 36 35.78 15.65 -13.15
C GLY C 36 34.70 14.90 -13.90
N LEU C 37 34.78 13.57 -14.00
CA LEU C 37 33.76 12.78 -14.68
C LEU C 37 32.84 12.20 -13.60
N LYS C 38 32.08 13.11 -12.98
CA LYS C 38 31.41 12.78 -11.74
C LYS C 38 30.25 11.81 -11.95
N ARG C 39 29.61 11.82 -13.11
CA ARG C 39 28.52 10.86 -13.32
C ARG C 39 29.08 9.45 -13.45
N LEU C 40 30.25 9.31 -14.09
CA LEU C 40 30.92 8.01 -14.08
C LEU C 40 31.36 7.65 -12.67
N GLY C 41 31.93 8.62 -11.94
CA GLY C 41 32.38 8.32 -10.60
C GLY C 41 31.25 7.84 -9.72
N ALA C 42 30.09 8.48 -9.80
CA ALA C 42 28.97 8.10 -8.96
C ALA C 42 28.45 6.72 -9.32
N HIS C 43 28.33 6.44 -10.62
CA HIS C 43 27.84 5.13 -11.01
C HIS C 43 28.80 4.03 -10.57
N GLU C 44 30.09 4.28 -10.76
CA GLU C 44 31.08 3.28 -10.40
C GLU C 44 31.12 3.08 -8.89
N TYR C 45 30.88 4.13 -8.12
CA TYR C 45 30.73 4.02 -6.68
C TYR C 45 29.59 3.09 -6.31
N HIS C 46 28.43 3.27 -6.96
CA HIS C 46 27.31 2.39 -6.66
C HIS C 46 27.59 0.95 -7.08
N GLU C 47 28.37 0.72 -8.15
CA GLU C 47 28.79 -0.65 -8.48
C GLU C 47 29.65 -1.23 -7.36
N SER C 48 30.58 -0.42 -6.82
CA SER C 48 31.41 -0.89 -5.72
C SER C 48 30.59 -1.25 -4.49
N ILE C 49 29.63 -0.39 -4.11
CA ILE C 49 28.75 -0.72 -2.98
C ILE C 49 27.98 -2.02 -3.23
N ASP C 50 27.48 -2.21 -4.46
CA ASP C 50 26.76 -3.45 -4.75
CA ASP C 50 26.77 -3.45 -4.78
C ASP C 50 27.64 -4.68 -4.52
N GLU C 51 28.93 -4.60 -4.92
CA GLU C 51 29.83 -5.71 -4.66
C GLU C 51 30.08 -5.89 -3.17
N MET C 52 30.15 -4.78 -2.42
CA MET C 52 30.25 -4.90 -0.96
C MET C 52 29.08 -5.65 -0.36
N LYS C 53 27.87 -5.37 -0.82
CA LYS C 53 26.71 -6.08 -0.30
C LYS C 53 26.76 -7.57 -0.66
N HIS C 54 27.16 -7.91 -1.89
CA HIS C 54 27.32 -9.32 -2.25
C HIS C 54 28.35 -10.00 -1.35
N ALA C 55 29.49 -9.31 -1.12
CA ALA C 55 30.52 -9.91 -0.26
C ALA C 55 29.99 -10.16 1.14
N ASP C 56 29.20 -9.23 1.70
CA ASP C 56 28.59 -9.44 3.00
C ASP C 56 27.77 -10.73 3.02
N LYS C 57 26.87 -10.89 2.06
CA LYS C 57 26.01 -12.06 2.06
C LYS C 57 26.83 -13.34 1.92
N LEU C 58 27.90 -13.30 1.11
CA LEU C 58 28.75 -14.49 0.97
C LEU C 58 29.44 -14.82 2.27
N ILE C 59 29.98 -13.81 2.96
CA ILE C 59 30.62 -14.03 4.24
C ILE C 59 29.64 -14.66 5.22
N GLU C 60 28.42 -14.12 5.27
CA GLU C 60 27.42 -14.62 6.20
C GLU C 60 27.06 -16.07 5.90
N ARG C 61 26.92 -16.40 4.63
CA ARG C 61 26.58 -17.77 4.25
C ARG C 61 27.70 -18.73 4.60
N ILE C 62 28.95 -18.35 4.33
CA ILE C 62 30.09 -19.20 4.68
C ILE C 62 30.10 -19.48 6.17
N LEU C 63 29.89 -18.44 7.00
CA LEU C 63 29.91 -18.68 8.43
C LEU C 63 28.77 -19.58 8.85
N PHE C 64 27.58 -19.36 8.27
CA PHE C 64 26.48 -20.25 8.60
C PHE C 64 26.86 -21.70 8.29
N LEU C 65 27.52 -21.92 7.18
CA LEU C 65 27.96 -23.25 6.76
C LEU C 65 29.21 -23.72 7.50
N GLU C 66 29.68 -22.93 8.47
CA GLU C 66 30.78 -23.28 9.37
C GLU C 66 32.10 -23.36 8.64
N GLY C 67 32.25 -22.59 7.56
CA GLY C 67 33.54 -22.36 6.95
C GLY C 67 34.16 -21.05 7.41
N LEU C 68 35.40 -20.83 6.94
CA LEU C 68 36.18 -19.64 7.27
C LEU C 68 36.20 -18.74 6.06
N PRO C 69 35.53 -17.58 6.10
CA PRO C 69 35.59 -16.68 4.96
C PRO C 69 37.01 -16.17 4.78
N ASN C 70 37.47 -16.13 3.55
CA ASN C 70 38.83 -15.68 3.25
C ASN C 70 38.79 -14.24 2.76
N LEU C 71 39.11 -13.29 3.65
CA LEU C 71 39.25 -11.89 3.26
C LEU C 71 40.73 -11.48 3.16
N GLN C 72 41.64 -12.45 3.26
CA GLN C 72 43.08 -12.20 3.31
C GLN C 72 43.72 -12.20 1.94
N ASP C 73 43.32 -13.13 1.10
CA ASP C 73 43.89 -13.26 -0.23
C ASP C 73 43.14 -12.32 -1.15
N LEU C 74 43.86 -11.41 -1.76
CA LEU C 74 43.33 -10.45 -2.72
C LEU C 74 44.01 -10.69 -4.05
N GLY C 75 43.22 -11.00 -5.08
CA GLY C 75 43.73 -11.20 -6.41
C GLY C 75 44.09 -9.90 -7.07
N LYS C 76 44.39 -9.99 -8.36
CA LYS C 76 44.97 -8.89 -9.11
C LYS C 76 43.89 -7.91 -9.54
N LEU C 77 44.05 -6.65 -9.15
CA LEU C 77 43.20 -5.58 -9.64
C LEU C 77 43.59 -5.21 -11.05
N LEU C 78 42.59 -4.94 -11.87
CA LEU C 78 42.77 -4.51 -13.26
C LEU C 78 42.42 -3.04 -13.30
N ILE C 79 43.43 -2.18 -13.22
CA ILE C 79 43.24 -0.73 -13.18
C ILE C 79 43.56 -0.14 -14.54
N GLY C 80 42.61 0.58 -15.13
CA GLY C 80 42.84 1.23 -16.39
C GLY C 80 43.55 2.56 -16.24
N GLU C 81 44.00 3.08 -17.38
CA GLU C 81 44.69 4.37 -17.43
C GLU C 81 43.87 5.45 -18.13
N ASN C 82 42.75 5.08 -18.73
CA ASN C 82 41.82 6.03 -19.30
C ASN C 82 40.42 5.40 -19.28
N THR C 83 39.42 6.19 -19.63
CA THR C 83 38.04 5.75 -19.43
C THR C 83 37.76 4.46 -20.17
N GLN C 84 38.12 4.38 -21.47
CA GLN C 84 37.88 3.16 -22.25
C GLN C 84 38.52 1.94 -21.58
N GLU C 85 39.77 2.07 -21.17
CA GLU C 85 40.48 0.94 -20.59
C GLU C 85 39.89 0.54 -19.24
N MET C 86 39.47 1.52 -18.44
CA MET C 86 38.87 1.22 -17.15
C MET C 86 37.58 0.41 -17.32
N LEU C 87 36.73 0.82 -18.25
CA LEU C 87 35.50 0.07 -18.53
C LEU C 87 35.83 -1.34 -19.01
N GLN C 88 36.80 -1.47 -19.92
CA GLN C 88 37.19 -2.80 -20.39
C GLN C 88 37.77 -3.65 -19.25
N CYS C 89 38.54 -3.02 -18.34
CA CYS C 89 39.04 -3.80 -17.20
C CYS C 89 37.89 -4.29 -16.34
N ASP C 90 36.92 -3.44 -16.05
CA ASP C 90 35.75 -3.88 -15.31
C ASP C 90 35.04 -5.02 -16.03
N LEU C 91 34.87 -4.89 -17.35
CA LEU C 91 34.15 -5.92 -18.09
C LEU C 91 34.91 -7.23 -18.06
N ASN C 92 36.24 -7.20 -18.21
CA ASN C 92 37.03 -8.42 -18.14
C ASN C 92 36.88 -9.08 -16.77
N LEU C 93 36.92 -8.29 -15.70
CA LEU C 93 36.72 -8.87 -14.37
C LEU C 93 35.33 -9.50 -14.23
N GLU C 94 34.29 -8.84 -14.77
CA GLU C 94 32.91 -9.34 -14.66
C GLU C 94 32.73 -10.65 -15.42
N LEU C 95 33.38 -10.80 -16.57
CA LEU C 95 33.27 -12.06 -17.32
C LEU C 95 33.94 -13.21 -16.59
N LYS C 96 35.08 -12.98 -15.96
CA LYS C 96 35.64 -14.02 -15.10
C LYS C 96 34.68 -14.32 -13.96
N ALA C 97 34.08 -13.29 -13.37
CA ALA C 97 33.20 -13.50 -12.23
C ALA C 97 31.99 -14.36 -12.59
N THR C 98 31.37 -14.09 -13.74
CA THR C 98 30.17 -14.85 -14.07
C THR C 98 30.53 -16.28 -14.48
N LYS C 99 31.68 -16.48 -15.10
CA LYS C 99 32.15 -17.84 -15.35
C LYS C 99 32.29 -18.57 -14.04
N ASP C 100 32.91 -17.93 -13.05
CA ASP C 100 33.08 -18.61 -11.77
C ASP C 100 31.75 -18.85 -11.08
N LEU C 101 30.82 -17.89 -11.16
CA LEU C 101 29.51 -18.09 -10.53
C LEU C 101 28.80 -19.31 -11.13
N ARG C 102 28.86 -19.46 -12.45
CA ARG C 102 28.21 -20.63 -13.08
C ARG C 102 28.75 -21.94 -12.54
N GLU C 103 30.09 -22.04 -12.37
CA GLU C 103 30.67 -23.29 -11.86
C GLU C 103 30.28 -23.54 -10.42
N ALA C 104 30.20 -22.47 -9.61
CA ALA C 104 29.77 -22.68 -8.23
C ALA C 104 28.31 -23.16 -8.19
N ILE C 105 27.49 -22.62 -9.06
CA ILE C 105 26.07 -23.00 -9.05
C ILE C 105 25.92 -24.46 -9.44
N VAL C 106 26.60 -24.90 -10.51
CA VAL C 106 26.63 -26.32 -10.87
C VAL C 106 26.94 -27.15 -9.63
N HIS C 107 27.98 -26.78 -8.89
CA HIS C 107 28.35 -27.61 -7.74
C HIS C 107 27.30 -27.55 -6.63
N CYS C 108 26.77 -26.37 -6.32
CA CYS C 108 25.69 -26.31 -5.33
C CYS C 108 24.54 -27.24 -5.73
N GLU C 109 24.16 -27.23 -7.01
CA GLU C 109 23.05 -28.07 -7.45
C GLU C 109 23.36 -29.55 -7.21
N GLN C 110 24.58 -29.98 -7.50
CA GLN C 110 24.94 -31.39 -7.38
C GLN C 110 24.90 -31.88 -5.94
N VAL C 111 25.29 -31.04 -4.97
CA VAL C 111 25.23 -31.48 -3.58
C VAL C 111 23.94 -31.03 -2.89
N HIS C 112 22.99 -30.48 -3.64
CA HIS C 112 21.67 -30.15 -3.13
C HIS C 112 21.69 -28.97 -2.15
N ASP C 113 22.68 -28.09 -2.25
CA ASP C 113 22.71 -26.87 -1.44
C ASP C 113 21.93 -25.82 -2.25
N TYR C 114 20.60 -25.95 -2.21
CA TYR C 114 19.76 -25.13 -3.06
C TYR C 114 19.70 -23.68 -2.56
N VAL C 115 19.92 -23.46 -1.27
CA VAL C 115 19.94 -22.08 -0.75
C VAL C 115 21.19 -21.34 -1.20
N SER C 116 22.37 -21.99 -1.15
CA SER C 116 23.56 -21.35 -1.68
C SER C 116 23.40 -21.07 -3.17
N ARG C 117 22.78 -22.01 -3.92
CA ARG C 117 22.55 -21.77 -5.35
C ARG C 117 21.69 -20.51 -5.56
N ASP C 118 20.65 -20.35 -4.76
CA ASP C 118 19.75 -19.19 -4.92
C ASP C 118 20.49 -17.88 -4.66
N LEU C 119 21.31 -17.84 -3.62
CA LEU C 119 22.17 -16.67 -3.37
C LEU C 119 23.07 -16.38 -4.58
N LEU C 120 23.76 -17.41 -5.10
CA LEU C 120 24.68 -17.19 -6.21
C LEU C 120 23.95 -16.77 -7.46
N LYS C 121 22.74 -17.30 -7.66
CA LYS C 121 21.95 -16.87 -8.80
C LYS C 121 21.59 -15.39 -8.71
N ASP C 122 21.22 -14.93 -7.51
CA ASP C 122 20.93 -13.50 -7.32
C ASP C 122 22.16 -12.66 -7.63
N ILE C 123 23.31 -13.10 -7.16
CA ILE C 123 24.54 -12.36 -7.45
C ILE C 123 24.81 -12.37 -8.95
N LEU C 124 24.61 -13.52 -9.60
CA LEU C 124 24.81 -13.62 -11.04
C LEU C 124 23.91 -12.67 -11.81
N GLU C 125 22.65 -12.54 -11.38
CA GLU C 125 21.78 -11.55 -12.01
C GLU C 125 22.36 -10.15 -11.88
N SER C 126 22.82 -9.80 -10.68
N SER C 126 22.84 -9.79 -10.69
CA SER C 126 23.48 -8.51 -10.49
CA SER C 126 23.46 -8.48 -10.53
C SER C 126 24.67 -8.34 -11.43
C SER C 126 24.70 -8.33 -11.41
N GLU C 127 25.53 -9.37 -11.51
CA GLU C 127 26.74 -9.25 -12.32
C GLU C 127 26.40 -9.15 -13.81
N GLU C 128 25.37 -9.89 -14.27
CA GLU C 128 24.97 -9.75 -15.67
C GLU C 128 24.42 -8.36 -15.96
N GLU C 129 23.70 -7.76 -15.00
CA GLU C 129 23.30 -6.36 -15.19
C GLU C 129 24.52 -5.45 -15.29
N HIS C 130 25.56 -5.71 -14.49
CA HIS C 130 26.77 -4.90 -14.63
C HIS C 130 27.41 -5.09 -16.01
N ILE C 131 27.44 -6.32 -16.52
CA ILE C 131 27.96 -6.55 -17.86
C ILE C 131 27.15 -5.76 -18.88
N ASP C 132 25.83 -5.79 -18.79
CA ASP C 132 25.02 -5.00 -19.70
C ASP C 132 25.42 -3.54 -19.64
N TYR C 133 25.53 -2.99 -18.43
CA TYR C 133 25.92 -1.60 -18.30
C TYR C 133 27.27 -1.35 -18.99
N LEU C 134 28.25 -2.23 -18.73
CA LEU C 134 29.61 -2.00 -19.25
C LEU C 134 29.65 -2.12 -20.78
N GLU C 135 29.07 -3.20 -21.33
CA GLU C 135 29.01 -3.36 -22.78
C GLU C 135 28.32 -2.17 -23.44
N THR C 136 27.27 -1.66 -22.81
CA THR C 136 26.54 -0.55 -23.36
C THR C 136 27.39 0.72 -23.37
N GLN C 137 28.15 0.96 -22.30
CA GLN C 137 29.00 2.15 -22.29
C GLN C 137 30.05 2.08 -23.39
N LEU C 138 30.68 0.92 -23.56
CA LEU C 138 31.69 0.78 -24.61
C LEU C 138 31.07 1.01 -25.98
N GLY C 139 29.83 0.52 -26.18
CA GLY C 139 29.14 0.79 -27.42
C GLY C 139 28.80 2.25 -27.63
N LEU C 140 28.40 2.95 -26.55
CA LEU C 140 28.08 4.37 -26.69
C LEU C 140 29.33 5.17 -27.09
N ILE C 141 30.48 4.80 -26.55
CA ILE C 141 31.71 5.49 -26.93
C ILE C 141 31.91 5.43 -28.44
N GLN C 142 31.61 4.27 -29.06
CA GLN C 142 31.72 4.13 -30.51
C GLN C 142 30.65 4.94 -31.23
N LYS C 143 29.44 5.05 -30.66
CA LYS C 143 28.34 5.70 -31.36
C LYS C 143 28.39 7.21 -31.24
N VAL C 144 28.73 7.75 -30.06
CA VAL C 144 28.66 9.19 -29.89
C VAL C 144 30.04 9.84 -29.96
N GLY C 145 31.10 9.06 -29.96
CA GLY C 145 32.47 9.57 -29.90
C GLY C 145 32.95 9.73 -28.47
N LEU C 146 34.26 9.59 -28.29
CA LEU C 146 34.83 9.58 -26.95
C LEU C 146 34.62 10.92 -26.25
N GLU C 147 34.83 12.02 -26.97
CA GLU C 147 34.70 13.35 -26.37
C GLU C 147 33.27 13.60 -25.89
N ASN C 148 32.27 13.26 -26.72
CA ASN C 148 30.89 13.39 -26.29
C ASN C 148 30.56 12.46 -25.14
N TYR C 149 31.06 11.22 -25.20
CA TYR C 149 30.79 10.28 -24.12
C TYR C 149 31.28 10.84 -22.79
N LEU C 150 32.49 11.38 -22.78
CA LEU C 150 33.04 11.95 -21.56
C LEU C 150 32.27 13.20 -21.15
N GLN C 151 31.94 14.05 -22.13
CA GLN C 151 31.18 15.26 -21.86
C GLN C 151 29.90 14.96 -21.11
N SER C 152 29.18 13.93 -21.56
CA SER C 152 27.92 13.51 -20.97
C SER C 152 28.09 12.95 -19.57
N HIS C 153 29.32 12.69 -19.13
CA HIS C 153 29.53 12.12 -17.81
C HIS C 153 30.26 13.09 -16.89
N MET C 154 30.32 14.37 -17.27
CA MET C 154 30.94 15.40 -16.42
C MET C 154 30.05 15.75 -15.22
N HIS C 155 28.77 15.98 -15.46
CA HIS C 155 27.87 16.50 -14.42
C HIS C 155 26.86 15.44 -14.05
N GLU C 156 26.54 15.35 -12.76
CA GLU C 156 25.58 14.35 -12.29
C GLU C 156 24.14 14.72 -12.58
N MET D 1 -31.87 -4.02 48.04
CA MET D 1 -32.50 -5.35 47.79
C MET D 1 -31.97 -6.32 48.85
N LYS D 2 -32.84 -6.93 49.66
CA LYS D 2 -32.34 -7.67 50.82
C LYS D 2 -31.62 -8.95 50.39
N GLY D 3 -30.35 -9.05 50.73
CA GLY D 3 -29.60 -10.24 50.40
C GLY D 3 -29.70 -11.34 51.46
N ASP D 4 -29.25 -12.51 51.05
CA ASP D 4 -29.12 -13.68 51.92
C ASP D 4 -28.05 -13.40 52.97
N LYS D 5 -28.39 -13.64 54.24
CA LYS D 5 -27.49 -13.30 55.33
C LYS D 5 -26.15 -14.00 55.16
N LYS D 6 -26.16 -15.27 54.77
CA LYS D 6 -24.92 -16.00 54.68
C LYS D 6 -24.11 -15.61 53.42
N VAL D 7 -24.77 -15.23 52.32
CA VAL D 7 -24.03 -14.66 51.20
C VAL D 7 -23.25 -13.43 51.65
N ILE D 8 -23.91 -12.54 52.38
CA ILE D 8 -23.26 -11.31 52.85
C ILE D 8 -22.08 -11.65 53.76
N GLN D 9 -22.22 -12.63 54.64
CA GLN D 9 -21.10 -13.03 55.47
C GLN D 9 -19.93 -13.56 54.64
N HIS D 10 -20.24 -14.34 53.60
CA HIS D 10 -19.18 -14.77 52.69
C HIS D 10 -18.53 -13.57 52.00
N LEU D 11 -19.34 -12.62 51.54
CA LEU D 11 -18.79 -11.45 50.86
C LEU D 11 -17.88 -10.65 51.79
N ASN D 12 -18.29 -10.51 53.05
CA ASN D 12 -17.42 -9.82 54.01
C ASN D 12 -16.15 -10.61 54.29
N LYS D 13 -16.20 -11.94 54.22
CA LYS D 13 -14.99 -12.72 54.38
C LYS D 13 -14.05 -12.52 53.19
N ILE D 14 -14.59 -12.52 51.97
CA ILE D 14 -13.78 -12.22 50.79
C ILE D 14 -13.19 -10.82 50.89
N LEU D 15 -14.02 -9.85 51.29
CA LEU D 15 -13.55 -8.48 51.48
C LEU D 15 -12.40 -8.43 52.48
N GLY D 16 -12.53 -9.18 53.57
CA GLY D 16 -11.47 -9.22 54.57
C GLY D 16 -10.17 -9.72 53.97
N ASN D 17 -10.24 -10.70 53.09
CA ASN D 17 -9.05 -11.18 52.42
C ASN D 17 -8.46 -10.11 51.51
N GLU D 18 -9.30 -9.35 50.81
CA GLU D 18 -8.79 -8.33 49.91
C GLU D 18 -8.10 -7.21 50.69
N LEU D 19 -8.65 -6.87 51.85
CA LEU D 19 -8.09 -5.81 52.69
C LEU D 19 -6.71 -6.19 53.20
N ILE D 20 -6.52 -7.46 53.56
CA ILE D 20 -5.20 -7.96 53.90
C ILE D 20 -4.27 -7.82 52.72
N ALA D 21 -4.72 -8.28 51.55
CA ALA D 21 -3.85 -8.28 50.38
C ALA D 21 -3.45 -6.86 49.98
N ILE D 22 -4.40 -5.91 50.02
CA ILE D 22 -4.07 -4.51 49.70
C ILE D 22 -2.86 -4.06 50.50
N ASN D 23 -2.92 -4.22 51.83
CA ASN D 23 -1.85 -3.74 52.70
C ASN D 23 -0.57 -4.54 52.52
N GLN D 24 -0.69 -5.86 52.43
CA GLN D 24 0.47 -6.71 52.27
C GLN D 24 1.19 -6.39 50.98
N TYR D 25 0.44 -6.28 49.88
CA TYR D 25 1.07 -5.99 48.59
C TYR D 25 1.62 -4.57 48.56
N PHE D 26 0.90 -3.62 49.16
CA PHE D 26 1.42 -2.25 49.14
C PHE D 26 2.71 -2.15 49.93
N LEU D 27 2.78 -2.79 51.10
CA LEU D 27 4.03 -2.76 51.87
C LEU D 27 5.16 -3.47 51.14
N HIS D 28 4.89 -4.64 50.57
CA HIS D 28 5.91 -5.33 49.80
C HIS D 28 6.40 -4.47 48.64
N SER D 29 5.47 -3.81 47.94
CA SER D 29 5.85 -2.89 46.87
C SER D 29 6.86 -1.85 47.36
N ARG D 30 6.54 -1.19 48.48
CA ARG D 30 7.39 -0.10 48.93
C ARG D 30 8.70 -0.65 49.51
N MET D 31 8.69 -1.85 50.07
CA MET D 31 9.95 -2.48 50.46
C MET D 31 10.85 -2.70 49.25
N TRP D 32 10.29 -3.26 48.18
CA TRP D 32 11.08 -3.51 46.98
C TRP D 32 11.64 -2.21 46.39
N ASN D 33 10.83 -1.12 46.37
CA ASN D 33 11.33 0.17 45.88
C ASN D 33 12.46 0.67 46.76
N ASP D 34 12.29 0.56 48.08
CA ASP D 34 13.33 0.96 49.01
C ASP D 34 14.62 0.19 48.73
N TRP D 35 14.53 -1.11 48.38
CA TRP D 35 15.70 -1.92 48.11
C TRP D 35 16.27 -1.71 46.71
N GLY D 36 15.66 -0.88 45.89
CA GLY D 36 16.15 -0.66 44.55
C GLY D 36 15.66 -1.65 43.54
N LEU D 37 14.69 -2.48 43.89
CA LEU D 37 14.14 -3.46 42.96
C LEU D 37 12.84 -2.92 42.37
N LYS D 38 12.99 -1.88 41.56
CA LYS D 38 11.87 -1.03 41.20
C LYS D 38 10.89 -1.73 40.26
N ARG D 39 11.34 -2.70 39.48
CA ARG D 39 10.40 -3.40 38.62
C ARG D 39 9.47 -4.29 39.45
N LEU D 40 10.01 -4.95 40.48
CA LEU D 40 9.15 -5.66 41.43
C LEU D 40 8.27 -4.69 42.18
N GLY D 41 8.84 -3.56 42.60
CA GLY D 41 8.06 -2.59 43.32
C GLY D 41 6.86 -2.14 42.50
N ALA D 42 7.07 -1.90 41.21
CA ALA D 42 6.01 -1.40 40.34
C ALA D 42 4.94 -2.44 40.11
N HIS D 43 5.36 -3.68 39.86
CA HIS D 43 4.40 -4.74 39.60
C HIS D 43 3.55 -5.02 40.83
N GLU D 44 4.17 -5.04 42.00
CA GLU D 44 3.45 -5.29 43.25
C GLU D 44 2.50 -4.15 43.57
N TYR D 45 2.88 -2.92 43.22
CA TYR D 45 1.97 -1.81 43.36
C TYR D 45 0.70 -2.05 42.54
N HIS D 46 0.86 -2.52 41.30
CA HIS D 46 -0.31 -2.76 40.48
C HIS D 46 -1.14 -3.93 41.01
N GLU D 47 -0.50 -4.92 41.62
CA GLU D 47 -1.29 -5.97 42.27
C GLU D 47 -2.13 -5.38 43.41
N SER D 48 -1.54 -4.47 44.18
CA SER D 48 -2.25 -3.83 45.27
C SER D 48 -3.46 -3.04 44.76
N ILE D 49 -3.26 -2.25 43.71
CA ILE D 49 -4.36 -1.48 43.12
C ILE D 49 -5.46 -2.43 42.67
N ASP D 50 -5.08 -3.55 42.04
CA ASP D 50 -6.09 -4.53 41.62
C ASP D 50 -6.94 -5.02 42.80
N GLU D 51 -6.31 -5.31 43.96
CA GLU D 51 -7.09 -5.75 45.12
C GLU D 51 -7.98 -4.62 45.65
N MET D 52 -7.50 -3.39 45.58
CA MET D 52 -8.35 -2.24 45.93
C MET D 52 -9.61 -2.19 45.08
N LYS D 53 -9.49 -2.44 43.78
CA LYS D 53 -10.66 -2.40 42.91
C LYS D 53 -11.64 -3.52 43.24
N HIS D 54 -11.13 -4.71 43.54
CA HIS D 54 -11.99 -5.81 43.97
C HIS D 54 -12.69 -5.47 45.29
N ALA D 55 -11.95 -4.89 46.25
CA ALA D 55 -12.60 -4.50 47.49
C ALA D 55 -13.71 -3.48 47.25
N ASP D 56 -13.47 -2.51 46.37
CA ASP D 56 -14.53 -1.57 45.99
C ASP D 56 -15.79 -2.29 45.51
N LYS D 57 -15.65 -3.25 44.58
CA LYS D 57 -16.82 -3.93 44.03
C LYS D 57 -17.54 -4.76 45.09
N LEU D 58 -16.79 -5.38 45.99
CA LEU D 58 -17.40 -6.15 47.06
C LEU D 58 -18.18 -5.25 48.01
N ILE D 59 -17.60 -4.11 48.39
CA ILE D 59 -18.29 -3.12 49.23
C ILE D 59 -19.57 -2.68 48.57
N GLU D 60 -19.52 -2.38 47.27
CA GLU D 60 -20.71 -1.93 46.56
C GLU D 60 -21.77 -3.01 46.56
N ARG D 61 -21.39 -4.27 46.35
CA ARG D 61 -22.38 -5.36 46.34
C ARG D 61 -23.01 -5.56 47.71
N ILE D 62 -22.20 -5.55 48.77
CA ILE D 62 -22.73 -5.72 50.13
C ILE D 62 -23.74 -4.62 50.45
N LEU D 63 -23.42 -3.37 50.11
CA LEU D 63 -24.36 -2.28 50.36
C LEU D 63 -25.65 -2.45 49.57
N PHE D 64 -25.53 -2.87 48.31
CA PHE D 64 -26.74 -3.11 47.53
C PHE D 64 -27.61 -4.18 48.18
N LEU D 65 -26.98 -5.23 48.72
CA LEU D 65 -27.70 -6.31 49.38
C LEU D 65 -28.12 -5.95 50.81
N GLU D 66 -27.90 -4.71 51.23
CA GLU D 66 -28.34 -4.18 52.53
C GLU D 66 -27.59 -4.80 53.71
N GLY D 67 -26.33 -5.17 53.48
CA GLY D 67 -25.42 -5.56 54.54
C GLY D 67 -24.47 -4.43 54.92
N LEU D 68 -23.68 -4.70 55.96
CA LEU D 68 -22.69 -3.76 56.47
C LEU D 68 -21.32 -4.27 56.05
N PRO D 69 -20.63 -3.57 55.14
CA PRO D 69 -19.27 -3.99 54.77
C PRO D 69 -18.35 -3.86 55.97
N ASN D 70 -17.55 -4.88 56.21
CA ASN D 70 -16.65 -4.89 57.36
C ASN D 70 -15.27 -4.41 56.91
N LEU D 71 -14.96 -3.15 57.18
CA LEU D 71 -13.62 -2.65 56.94
C LEU D 71 -12.84 -2.48 58.23
N GLN D 72 -13.37 -2.97 59.34
CA GLN D 72 -12.78 -2.76 60.67
C GLN D 72 -11.84 -3.89 61.04
N ASP D 73 -12.23 -5.11 60.72
CA ASP D 73 -11.45 -6.28 61.09
C ASP D 73 -10.42 -6.52 60.01
N LEU D 74 -9.16 -6.47 60.40
CA LEU D 74 -8.05 -6.72 59.51
C LEU D 74 -7.33 -7.96 60.02
N GLY D 75 -7.27 -8.98 59.18
CA GLY D 75 -6.58 -10.20 59.51
C GLY D 75 -5.07 -10.01 59.43
N LYS D 76 -4.37 -11.14 59.53
CA LYS D 76 -2.92 -11.15 59.71
C LYS D 76 -2.22 -10.95 58.37
N LEU D 77 -1.41 -9.90 58.30
CA LEU D 77 -0.56 -9.70 57.13
C LEU D 77 0.62 -10.68 57.15
N LEU D 78 0.97 -11.19 55.97
CA LEU D 78 2.16 -12.03 55.78
C LEU D 78 3.22 -11.18 55.09
N ILE D 79 4.15 -10.63 55.88
CA ILE D 79 5.20 -9.77 55.37
C ILE D 79 6.49 -10.58 55.34
N GLY D 80 7.07 -10.75 54.16
CA GLY D 80 8.32 -11.49 54.05
C GLY D 80 9.52 -10.62 54.40
N GLU D 81 10.68 -11.26 54.56
CA GLU D 81 11.90 -10.54 54.91
C GLU D 81 12.91 -10.49 53.77
N ASN D 82 12.63 -11.17 52.67
CA ASN D 82 13.43 -11.11 51.46
C ASN D 82 12.50 -11.41 50.30
N THR D 83 13.02 -11.25 49.08
CA THR D 83 12.17 -11.28 47.89
C THR D 83 11.43 -12.62 47.79
N GLN D 84 12.15 -13.73 47.97
CA GLN D 84 11.53 -15.03 47.85
C GLN D 84 10.40 -15.22 48.85
N GLU D 85 10.64 -14.84 50.11
CA GLU D 85 9.59 -14.98 51.12
C GLU D 85 8.42 -14.07 50.82
N MET D 86 8.69 -12.86 50.33
CA MET D 86 7.58 -11.94 50.07
C MET D 86 6.70 -12.51 48.98
N LEU D 87 7.31 -13.05 47.93
CA LEU D 87 6.53 -13.67 46.87
C LEU D 87 5.74 -14.87 47.41
N GLN D 88 6.36 -15.63 48.32
CA GLN D 88 5.68 -16.79 48.88
CA GLN D 88 5.68 -16.78 48.89
C GLN D 88 4.59 -16.37 49.87
N CYS D 89 4.79 -15.28 50.61
CA CYS D 89 3.72 -14.77 51.45
C CYS D 89 2.50 -14.36 50.60
N ASP D 90 2.74 -13.67 49.49
CA ASP D 90 1.65 -13.33 48.58
C ASP D 90 0.97 -14.59 48.07
N LEU D 91 1.74 -15.61 47.73
CA LEU D 91 1.12 -16.83 47.20
C LEU D 91 0.30 -17.55 48.26
N ASN D 92 0.82 -17.66 49.48
CA ASN D 92 0.04 -18.31 50.52
C ASN D 92 -1.27 -17.57 50.76
N LEU D 93 -1.21 -16.25 50.78
CA LEU D 93 -2.43 -15.48 50.93
C LEU D 93 -3.40 -15.74 49.77
N GLU D 94 -2.89 -15.78 48.53
CA GLU D 94 -3.78 -15.98 47.39
C GLU D 94 -4.46 -17.33 47.43
N LEU D 95 -3.73 -18.37 47.86
CA LEU D 95 -4.32 -19.71 47.90
C LEU D 95 -5.42 -19.79 48.94
N LYS D 96 -5.25 -19.14 50.09
CA LYS D 96 -6.35 -19.04 51.04
C LYS D 96 -7.51 -18.27 50.44
N ALA D 97 -7.22 -17.17 49.72
CA ALA D 97 -8.30 -16.34 49.15
C ALA D 97 -9.14 -17.11 48.14
N THR D 98 -8.50 -17.92 47.28
CA THR D 98 -9.27 -18.61 46.25
C THR D 98 -10.07 -19.78 46.83
N LYS D 99 -9.54 -20.44 47.87
CA LYS D 99 -10.33 -21.41 48.61
C LYS D 99 -11.59 -20.75 49.13
N ASP D 100 -11.45 -19.60 49.78
CA ASP D 100 -12.61 -18.90 50.33
C ASP D 100 -13.57 -18.47 49.22
N LEU D 101 -13.02 -18.04 48.08
CA LEU D 101 -13.87 -17.66 46.95
C LEU D 101 -14.72 -18.83 46.48
N ARG D 102 -14.10 -20.01 46.34
CA ARG D 102 -14.83 -21.20 45.91
C ARG D 102 -15.97 -21.51 46.88
N GLU D 103 -15.70 -21.46 48.17
CA GLU D 103 -16.77 -21.75 49.13
C GLU D 103 -17.89 -20.71 49.04
N ALA D 104 -17.54 -19.44 48.82
CA ALA D 104 -18.57 -18.42 48.68
C ALA D 104 -19.41 -18.66 47.43
N ILE D 105 -18.79 -19.05 46.32
CA ILE D 105 -19.52 -19.30 45.08
C ILE D 105 -20.50 -20.46 45.27
N VAL D 106 -20.04 -21.54 45.93
CA VAL D 106 -20.93 -22.65 46.23
C VAL D 106 -22.22 -22.15 46.87
N HIS D 107 -22.10 -21.30 47.89
CA HIS D 107 -23.28 -20.85 48.61
C HIS D 107 -24.12 -19.89 47.77
N CYS D 108 -23.51 -18.96 47.03
CA CYS D 108 -24.29 -18.12 46.13
C CYS D 108 -25.11 -18.98 45.17
N GLU D 109 -24.51 -20.03 44.63
CA GLU D 109 -25.23 -20.90 43.70
C GLU D 109 -26.43 -21.54 44.39
N GLN D 110 -26.25 -21.99 45.63
CA GLN D 110 -27.33 -22.71 46.31
C GLN D 110 -28.53 -21.80 46.60
N VAL D 111 -28.31 -20.52 46.93
CA VAL D 111 -29.40 -19.61 47.23
C VAL D 111 -29.78 -18.76 46.03
N HIS D 112 -29.25 -19.08 44.86
CA HIS D 112 -29.65 -18.49 43.59
C HIS D 112 -29.24 -17.02 43.43
N ASP D 113 -28.20 -16.60 44.15
CA ASP D 113 -27.66 -15.26 44.00
C ASP D 113 -26.63 -15.33 42.89
N TYR D 114 -27.13 -15.39 41.66
CA TYR D 114 -26.26 -15.59 40.52
C TYR D 114 -25.40 -14.36 40.20
N VAL D 115 -25.86 -13.16 40.54
CA VAL D 115 -25.04 -11.98 40.29
C VAL D 115 -23.85 -11.93 41.23
N SER D 116 -24.06 -12.22 42.53
CA SER D 116 -22.93 -12.30 43.45
C SER D 116 -21.94 -13.37 43.00
N ARG D 117 -22.43 -14.50 42.51
CA ARG D 117 -21.54 -15.54 42.00
C ARG D 117 -20.69 -15.05 40.84
N ASP D 118 -21.30 -14.30 39.91
CA ASP D 118 -20.57 -13.78 38.75
C ASP D 118 -19.48 -12.81 39.19
N LEU D 119 -19.78 -11.92 40.13
CA LEU D 119 -18.77 -11.04 40.68
C LEU D 119 -17.62 -11.83 41.31
N LEU D 120 -17.95 -12.83 42.12
CA LEU D 120 -16.92 -13.63 42.77
C LEU D 120 -16.11 -14.43 41.76
N LYS D 121 -16.75 -14.92 40.69
CA LYS D 121 -16.01 -15.61 39.64
C LYS D 121 -15.01 -14.68 38.95
N ASP D 122 -15.41 -13.44 38.68
CA ASP D 122 -14.49 -12.47 38.09
C ASP D 122 -13.31 -12.22 39.01
N ILE D 123 -13.56 -12.08 40.31
CA ILE D 123 -12.46 -11.88 41.26
C ILE D 123 -11.56 -13.10 41.31
N LEU D 124 -12.16 -14.30 41.29
CA LEU D 124 -11.38 -15.55 41.30
C LEU D 124 -10.47 -15.67 40.07
N GLU D 125 -10.96 -15.26 38.90
CA GLU D 125 -10.12 -15.23 37.71
C GLU D 125 -8.91 -14.33 37.89
N SER D 126 -9.11 -13.15 38.47
N SER D 126 -9.11 -13.13 38.42
CA SER D 126 -7.99 -12.23 38.71
CA SER D 126 -7.98 -12.25 38.70
C SER D 126 -7.02 -12.80 39.75
C SER D 126 -7.01 -12.92 39.67
N GLU D 127 -7.53 -13.48 40.77
CA GLU D 127 -6.64 -14.06 41.77
C GLU D 127 -5.87 -15.25 41.18
N GLU D 128 -6.50 -16.04 40.29
CA GLU D 128 -5.75 -17.13 39.67
C GLU D 128 -4.66 -16.59 38.75
N GLU D 129 -4.93 -15.47 38.07
CA GLU D 129 -3.86 -14.80 37.33
C GLU D 129 -2.72 -14.36 38.24
N HIS D 130 -3.05 -13.84 39.43
CA HIS D 130 -1.99 -13.48 40.36
C HIS D 130 -1.19 -14.71 40.81
N ILE D 131 -1.87 -15.82 41.11
CA ILE D 131 -1.16 -17.07 41.45
C ILE D 131 -0.22 -17.50 40.32
N ASP D 132 -0.69 -17.41 39.06
CA ASP D 132 0.17 -17.75 37.94
C ASP D 132 1.44 -16.89 37.96
N TYR D 133 1.27 -15.59 38.13
CA TYR D 133 2.42 -14.68 38.17
C TYR D 133 3.39 -15.07 39.27
N LEU D 134 2.88 -15.30 40.47
CA LEU D 134 3.72 -15.59 41.63
C LEU D 134 4.45 -16.92 41.47
N GLU D 135 3.73 -17.96 41.08
CA GLU D 135 4.35 -19.26 40.84
C GLU D 135 5.45 -19.16 39.80
N THR D 136 5.20 -18.36 38.75
CA THR D 136 6.19 -18.20 37.69
C THR D 136 7.43 -17.48 38.20
N GLN D 137 7.25 -16.43 39.02
CA GLN D 137 8.40 -15.72 39.57
C GLN D 137 9.24 -16.65 40.45
N LEU D 138 8.57 -17.43 41.29
CA LEU D 138 9.28 -18.37 42.16
C LEU D 138 10.01 -19.41 41.35
N GLY D 139 9.41 -19.88 40.24
CA GLY D 139 10.11 -20.76 39.33
C GLY D 139 11.30 -20.12 38.65
N LEU D 140 11.18 -18.83 38.29
CA LEU D 140 12.30 -18.13 37.65
C LEU D 140 13.49 -18.00 38.59
N ILE D 141 13.24 -17.76 39.86
CA ILE D 141 14.34 -17.69 40.83
C ILE D 141 15.16 -18.97 40.78
N GLN D 142 14.47 -20.12 40.65
CA GLN D 142 15.19 -21.39 40.55
C GLN D 142 15.92 -21.53 39.23
N LYS D 143 15.34 -21.05 38.12
CA LYS D 143 15.94 -21.30 36.82
C LYS D 143 17.10 -20.36 36.51
N VAL D 144 17.00 -19.08 36.87
CA VAL D 144 18.03 -18.09 36.54
C VAL D 144 18.92 -17.79 37.72
N GLY D 145 18.57 -18.24 38.91
CA GLY D 145 19.31 -17.94 40.12
C GLY D 145 18.83 -16.66 40.76
N LEU D 146 18.97 -16.60 42.07
CA LEU D 146 18.43 -15.45 42.80
C LEU D 146 19.12 -14.16 42.38
N GLU D 147 20.44 -14.17 42.22
CA GLU D 147 21.16 -12.94 41.88
C GLU D 147 20.72 -12.40 40.52
N ASN D 148 20.60 -13.26 39.51
CA ASN D 148 20.10 -12.82 38.21
C ASN D 148 18.65 -12.35 38.30
N TYR D 149 17.81 -13.06 39.08
CA TYR D 149 16.40 -12.69 39.17
C TYR D 149 16.26 -11.29 39.74
N LEU D 150 16.99 -11.00 40.81
CA LEU D 150 16.94 -9.67 41.40
C LEU D 150 17.52 -8.64 40.46
N GLN D 151 18.63 -8.96 39.79
CA GLN D 151 19.20 -8.04 38.82
C GLN D 151 18.15 -7.63 37.78
N SER D 152 17.37 -8.60 37.30
CA SER D 152 16.38 -8.34 36.26
C SER D 152 15.23 -7.47 36.74
N HIS D 153 15.12 -7.20 38.04
CA HIS D 153 14.03 -6.40 38.58
C HIS D 153 14.53 -5.08 39.19
N MET D 154 15.76 -4.70 38.89
CA MET D 154 16.30 -3.44 39.40
C MET D 154 15.72 -2.23 38.67
N HIS D 155 15.68 -2.27 37.34
CA HIS D 155 15.29 -1.13 36.53
C HIS D 155 13.95 -1.41 35.85
N GLU D 156 13.11 -0.38 35.75
CA GLU D 156 11.81 -0.55 35.10
C GLU D 156 11.90 -0.57 33.58
N MET E 1 26.19 -9.48 -24.27
CA MET E 1 26.81 -10.71 -23.78
C MET E 1 26.34 -11.82 -24.71
N LYS E 2 27.25 -12.55 -25.36
CA LYS E 2 26.83 -13.48 -26.39
C LYS E 2 26.10 -14.67 -25.76
N GLY E 3 24.85 -14.85 -26.11
CA GLY E 3 24.11 -15.97 -25.56
C GLY E 3 24.24 -17.23 -26.40
N ASP E 4 23.82 -18.33 -25.80
CA ASP E 4 23.71 -19.61 -26.47
C ASP E 4 22.64 -19.54 -27.57
N LYS E 5 22.99 -19.99 -28.78
CA LYS E 5 22.07 -19.88 -29.91
C LYS E 5 20.74 -20.60 -29.62
N LYS E 6 20.81 -21.77 -29.02
CA LYS E 6 19.60 -22.55 -28.76
C LYS E 6 18.81 -21.96 -27.60
N VAL E 7 19.48 -21.34 -26.60
CA VAL E 7 18.74 -20.59 -25.61
C VAL E 7 17.89 -19.55 -26.29
N ILE E 8 18.51 -18.79 -27.18
CA ILE E 8 17.80 -17.72 -27.86
C ILE E 8 16.63 -18.25 -28.67
N GLN E 9 16.80 -19.40 -29.32
CA GLN E 9 15.68 -19.96 -30.07
C GLN E 9 14.54 -20.31 -29.14
N HIS E 10 14.86 -20.88 -27.98
CA HIS E 10 13.83 -21.18 -27.00
C HIS E 10 13.13 -19.89 -26.53
N LEU E 11 13.91 -18.85 -26.23
CA LEU E 11 13.29 -17.59 -25.77
C LEU E 11 12.39 -17.02 -26.83
N ASN E 12 12.80 -17.08 -28.10
CA ASN E 12 11.93 -16.62 -29.17
C ASN E 12 10.69 -17.49 -29.30
N LYS E 13 10.80 -18.78 -28.99
CA LYS E 13 9.61 -19.62 -29.03
C LYS E 13 8.63 -19.23 -27.93
N ILE E 14 9.14 -19.04 -26.71
CA ILE E 14 8.31 -18.56 -25.61
C ILE E 14 7.71 -17.21 -25.96
N LEU E 15 8.53 -16.30 -26.47
CA LEU E 15 8.00 -15.02 -26.88
C LEU E 15 6.87 -15.17 -27.86
N GLY E 16 7.03 -16.06 -28.85
CA GLY E 16 5.96 -16.27 -29.81
C GLY E 16 4.66 -16.71 -29.14
N ASN E 17 4.76 -17.59 -28.13
CA ASN E 17 3.57 -18.00 -27.41
C ASN E 17 2.95 -16.81 -26.67
N GLU E 18 3.78 -15.93 -26.09
CA GLU E 18 3.25 -14.75 -25.39
C GLU E 18 2.56 -13.82 -26.37
N LEU E 19 3.11 -13.67 -27.58
CA LEU E 19 2.50 -12.81 -28.59
C LEU E 19 1.14 -13.32 -29.04
N ILE E 20 1.00 -14.65 -29.19
CA ILE E 20 -0.32 -15.21 -29.47
C ILE E 20 -1.26 -14.84 -28.33
N ALA E 21 -0.82 -15.07 -27.09
CA ALA E 21 -1.69 -14.86 -25.94
C ALA E 21 -2.12 -13.40 -25.80
N ILE E 22 -1.20 -12.45 -26.02
CA ILE E 22 -1.60 -11.04 -25.98
C ILE E 22 -2.82 -10.79 -26.84
N ASN E 23 -2.75 -11.19 -28.11
CA ASN E 23 -3.82 -10.88 -29.05
C ASN E 23 -5.08 -11.68 -28.73
N GLN E 24 -4.92 -12.96 -28.42
CA GLN E 24 -6.06 -13.82 -28.11
C GLN E 24 -6.81 -13.30 -26.88
N TYR E 25 -6.09 -13.00 -25.81
CA TYR E 25 -6.73 -12.48 -24.60
C TYR E 25 -7.30 -11.07 -24.84
N PHE E 26 -6.62 -10.24 -25.63
CA PHE E 26 -7.17 -8.90 -25.85
C PHE E 26 -8.47 -8.98 -26.62
N LEU E 27 -8.52 -9.82 -27.65
CA LEU E 27 -9.78 -9.94 -28.40
C LEU E 27 -10.86 -10.55 -27.53
N HIS E 28 -10.55 -11.63 -26.80
CA HIS E 28 -11.56 -12.20 -25.92
C HIS E 28 -12.10 -11.15 -24.94
N SER E 29 -11.21 -10.32 -24.37
CA SER E 29 -11.63 -9.26 -23.45
C SER E 29 -12.64 -8.33 -24.10
N ARG E 30 -12.35 -7.87 -25.31
CA ARG E 30 -13.22 -6.92 -25.96
C ARG E 30 -14.51 -7.58 -26.43
N MET E 31 -14.49 -8.87 -26.76
CA MET E 31 -15.73 -9.57 -27.08
C MET E 31 -16.64 -9.61 -25.87
N TRP E 32 -16.07 -9.98 -24.71
CA TRP E 32 -16.86 -10.03 -23.49
C TRP E 32 -17.41 -8.65 -23.11
N ASN E 33 -16.60 -7.59 -23.26
CA ASN E 33 -17.11 -6.24 -23.01
C ASN E 33 -18.26 -5.91 -23.94
N ASP E 34 -18.11 -6.22 -25.22
CA ASP E 34 -19.16 -5.99 -26.19
C ASP E 34 -20.44 -6.71 -25.80
N TRP E 35 -20.32 -7.92 -25.22
CA TRP E 35 -21.49 -8.70 -24.79
C TRP E 35 -22.05 -8.27 -23.44
N GLY E 36 -21.47 -7.26 -22.77
CA GLY E 36 -21.97 -6.82 -21.49
C GLY E 36 -21.44 -7.62 -20.34
N LEU E 37 -20.44 -8.46 -20.57
CA LEU E 37 -19.86 -9.27 -19.50
C LEU E 37 -18.57 -8.61 -19.04
N LYS E 38 -18.74 -7.43 -18.43
CA LYS E 38 -17.63 -6.51 -18.22
C LYS E 38 -16.64 -7.01 -17.18
N ARG E 39 -17.08 -7.84 -16.22
CA ARG E 39 -16.12 -8.36 -15.26
C ARG E 39 -15.19 -9.37 -15.93
N LEU E 40 -15.72 -10.22 -16.81
CA LEU E 40 -14.86 -11.09 -17.60
C LEU E 40 -13.96 -10.27 -18.50
N GLY E 41 -14.52 -9.25 -19.11
CA GLY E 41 -13.73 -8.41 -19.98
C GLY E 41 -12.55 -7.76 -19.26
N ALA E 42 -12.81 -7.29 -18.04
CA ALA E 42 -11.75 -6.64 -17.26
C ALA E 42 -10.67 -7.63 -16.86
N HIS E 43 -11.07 -8.80 -16.38
CA HIS E 43 -10.09 -9.78 -15.96
C HIS E 43 -9.27 -10.25 -17.15
N GLU E 44 -9.92 -10.46 -18.29
CA GLU E 44 -9.20 -10.93 -19.48
C GLU E 44 -8.25 -9.85 -19.98
N TYR E 45 -8.65 -8.59 -19.88
CA TYR E 45 -7.76 -7.49 -20.19
C TYR E 45 -6.48 -7.57 -19.36
N HIS E 46 -6.61 -7.82 -18.05
CA HIS E 46 -5.43 -7.88 -17.20
C HIS E 46 -4.55 -9.10 -17.52
N GLU E 47 -5.17 -10.22 -17.93
CA GLU E 47 -4.39 -11.35 -18.43
C GLU E 47 -3.58 -10.95 -19.66
N SER E 48 -4.20 -10.20 -20.56
CA SER E 48 -3.49 -9.72 -21.74
C SER E 48 -2.32 -8.82 -21.35
N ILE E 49 -2.54 -7.90 -20.41
CA ILE E 49 -1.46 -7.02 -19.96
C ILE E 49 -0.32 -7.83 -19.39
N ASP E 50 -0.64 -8.86 -18.60
CA ASP E 50 0.40 -9.67 -18.00
C ASP E 50 1.28 -10.29 -19.08
N GLU E 51 0.67 -10.76 -20.19
CA GLU E 51 1.43 -11.38 -21.27
C GLU E 51 2.30 -10.35 -21.98
N MET E 52 1.79 -9.13 -22.12
CA MET E 52 2.57 -8.03 -22.65
C MET E 52 3.82 -7.79 -21.81
N LYS E 53 3.69 -7.87 -20.48
CA LYS E 53 4.86 -7.64 -19.62
C LYS E 53 5.87 -8.76 -19.75
N HIS E 54 5.37 -10.01 -19.86
CA HIS E 54 6.27 -11.14 -20.10
C HIS E 54 6.98 -10.99 -21.44
N ALA E 55 6.25 -10.59 -22.47
CA ALA E 55 6.86 -10.38 -23.77
C ALA E 55 7.95 -9.33 -23.68
N ASP E 56 7.68 -8.25 -22.95
CA ASP E 56 8.69 -7.21 -22.74
C ASP E 56 9.96 -7.82 -22.17
N LYS E 57 9.84 -8.60 -21.09
CA LYS E 57 11.03 -9.12 -20.43
C LYS E 57 11.79 -10.08 -21.34
N LEU E 58 11.08 -10.88 -22.12
CA LEU E 58 11.73 -11.80 -23.05
C LEU E 58 12.47 -11.03 -24.14
N ILE E 59 11.84 -9.99 -24.69
CA ILE E 59 12.51 -9.18 -25.69
C ILE E 59 13.80 -8.59 -25.13
N GLU E 60 13.74 -8.09 -23.90
CA GLU E 60 14.92 -7.46 -23.29
C GLU E 60 16.03 -8.48 -23.07
N ARG E 61 15.67 -9.69 -22.64
CA ARG E 61 16.68 -10.72 -22.40
C ARG E 61 17.34 -11.18 -23.71
N ILE E 62 16.52 -11.37 -24.76
CA ILE E 62 17.03 -11.77 -26.06
C ILE E 62 18.05 -10.75 -26.58
N LEU E 63 17.70 -9.46 -26.52
CA LEU E 63 18.58 -8.40 -27.01
C LEU E 63 19.88 -8.33 -26.20
N PHE E 64 19.81 -8.46 -24.88
CA PHE E 64 21.02 -8.51 -24.08
C PHE E 64 21.93 -9.65 -24.52
N LEU E 65 21.33 -10.80 -24.85
CA LEU E 65 22.06 -11.98 -25.30
C LEU E 65 22.47 -11.90 -26.76
N GLU E 66 22.24 -10.74 -27.39
CA GLU E 66 22.67 -10.42 -28.74
C GLU E 66 21.94 -11.26 -29.78
N GLY E 67 20.71 -11.67 -29.48
CA GLY E 67 19.82 -12.25 -30.45
C GLY E 67 18.85 -11.23 -31.03
N LEU E 68 18.08 -11.70 -32.00
CA LEU E 68 17.08 -10.87 -32.65
C LEU E 68 15.71 -11.33 -32.16
N PRO E 69 14.98 -10.55 -31.36
CA PRO E 69 13.63 -10.97 -30.96
C PRO E 69 12.69 -11.05 -32.16
N ASN E 70 11.91 -12.14 -32.23
CA ASN E 70 11.00 -12.37 -33.36
C ASN E 70 9.59 -11.87 -32.98
N LEU E 71 9.22 -10.69 -33.46
CA LEU E 71 7.86 -10.17 -33.32
C LEU E 71 7.10 -10.27 -34.62
N GLN E 72 7.67 -10.93 -35.63
CA GLN E 72 7.09 -10.99 -36.96
C GLN E 72 6.20 -12.19 -37.15
N ASP E 73 6.59 -13.32 -36.62
CA ASP E 73 5.86 -14.56 -36.84
C ASP E 73 4.83 -14.66 -35.74
N LEU E 74 3.58 -14.72 -36.16
CA LEU E 74 2.46 -14.84 -35.24
C LEU E 74 1.77 -16.16 -35.53
N GLY E 75 1.77 -17.06 -34.55
CA GLY E 75 1.11 -18.34 -34.65
C GLY E 75 -0.41 -18.19 -34.53
N LYS E 76 -1.06 -19.34 -34.44
CA LYS E 76 -2.52 -19.39 -34.60
C LYS E 76 -3.22 -18.96 -33.30
N LEU E 77 -4.06 -17.95 -33.40
CA LEU E 77 -4.92 -17.58 -32.28
C LEU E 77 -6.08 -18.58 -32.16
N LEU E 78 -6.42 -18.93 -30.93
CA LEU E 78 -7.56 -19.79 -30.62
C LEU E 78 -8.68 -18.89 -30.07
N ILE E 79 -9.60 -18.51 -30.96
CA ILE E 79 -10.67 -17.59 -30.62
C ILE E 79 -11.96 -18.39 -30.45
N GLY E 80 -12.56 -18.33 -29.27
CA GLY E 80 -13.83 -18.99 -29.07
C GLY E 80 -15.02 -18.17 -29.58
N GLU E 81 -16.18 -18.83 -29.66
CA GLU E 81 -17.42 -18.20 -30.11
C GLU E 81 -18.39 -18.00 -28.97
N ASN E 82 -18.08 -18.52 -27.78
CA ASN E 82 -18.87 -18.26 -26.58
C ASN E 82 -17.94 -18.37 -25.39
N THR E 83 -18.46 -18.02 -24.21
CA THR E 83 -17.64 -17.88 -23.01
C THR E 83 -16.92 -19.18 -22.69
N GLN E 84 -17.65 -20.29 -22.73
CA GLN E 84 -17.05 -21.55 -22.37
C GLN E 84 -15.89 -21.88 -23.33
N GLU E 85 -16.09 -21.67 -24.64
CA GLU E 85 -15.03 -21.92 -25.62
C GLU E 85 -13.84 -20.97 -25.47
N MET E 86 -14.11 -19.71 -25.15
CA MET E 86 -13.02 -18.75 -25.00
C MET E 86 -12.12 -19.14 -23.84
N LEU E 87 -12.71 -19.52 -22.72
CA LEU E 87 -11.93 -19.99 -21.58
C LEU E 87 -11.17 -21.27 -21.93
N GLN E 88 -11.80 -22.19 -22.65
CA GLN E 88 -11.08 -23.41 -23.04
C GLN E 88 -9.95 -23.11 -24.02
N CYS E 89 -10.17 -22.16 -24.94
CA CYS E 89 -9.11 -21.80 -25.88
C CYS E 89 -7.93 -21.20 -25.13
N ASP E 90 -8.20 -20.34 -24.15
CA ASP E 90 -7.14 -19.79 -23.30
C ASP E 90 -6.39 -20.90 -22.57
N LEU E 91 -7.13 -21.87 -22.01
CA LEU E 91 -6.49 -22.92 -21.23
C LEU E 91 -5.62 -23.82 -22.13
N ASN E 92 -6.15 -24.18 -23.31
CA ASN E 92 -5.36 -24.96 -24.27
C ASN E 92 -4.07 -24.22 -24.64
N LEU E 93 -4.15 -22.91 -24.90
CA LEU E 93 -2.95 -22.13 -25.21
C LEU E 93 -1.96 -22.13 -24.04
N GLU E 94 -2.45 -21.97 -22.81
CA GLU E 94 -1.57 -21.96 -21.64
C GLU E 94 -0.88 -23.31 -21.45
N LEU E 95 -1.58 -24.42 -21.72
CA LEU E 95 -0.97 -25.73 -21.53
C LEU E 95 0.15 -25.96 -22.52
N LYS E 96 -0.01 -25.50 -23.76
CA LYS E 96 1.09 -25.51 -24.70
C LYS E 96 2.23 -24.62 -24.21
N ALA E 97 1.88 -23.43 -23.70
CA ALA E 97 2.90 -22.48 -23.24
C ALA E 97 3.73 -23.08 -22.12
N THR E 98 3.09 -23.77 -21.17
CA THR E 98 3.85 -24.26 -20.06
C THR E 98 4.70 -25.44 -20.50
N LYS E 99 4.20 -26.26 -21.43
CA LYS E 99 5.05 -27.30 -22.00
C LYS E 99 6.30 -26.70 -22.62
N ASP E 100 6.12 -25.65 -23.41
CA ASP E 100 7.28 -25.04 -24.05
C ASP E 100 8.23 -24.41 -23.01
N LEU E 101 7.67 -23.78 -21.96
CA LEU E 101 8.50 -23.20 -20.92
C LEU E 101 9.36 -24.26 -20.23
N ARG E 102 8.78 -25.42 -19.95
CA ARG E 102 9.54 -26.48 -19.28
C ARG E 102 10.73 -26.93 -20.12
N GLU E 103 10.53 -27.11 -21.43
CA GLU E 103 11.63 -27.54 -22.30
C GLU E 103 12.71 -26.47 -22.38
N ALA E 104 12.31 -25.20 -22.36
CA ALA E 104 13.26 -24.10 -22.39
C ALA E 104 14.11 -24.06 -21.13
N ILE E 105 13.49 -24.30 -19.97
CA ILE E 105 14.22 -24.32 -18.71
C ILE E 105 15.23 -25.49 -18.69
N VAL E 106 14.83 -26.65 -19.21
CA VAL E 106 15.77 -27.77 -19.31
C VAL E 106 17.03 -27.33 -20.01
N HIS E 107 16.88 -26.69 -21.17
CA HIS E 107 18.06 -26.34 -21.95
C HIS E 107 18.89 -25.26 -21.27
N CYS E 108 18.22 -24.23 -20.72
CA CYS E 108 18.92 -23.20 -19.94
C CYS E 108 19.75 -23.84 -18.85
N GLU E 109 19.16 -24.79 -18.15
CA GLU E 109 19.92 -25.45 -17.09
C GLU E 109 21.15 -26.14 -17.66
N GLN E 110 20.99 -26.82 -18.82
CA GLN E 110 22.09 -27.62 -19.36
C GLN E 110 23.27 -26.77 -19.79
N VAL E 111 23.01 -25.57 -20.33
CA VAL E 111 24.10 -24.70 -20.78
C VAL E 111 24.45 -23.62 -19.76
N HIS E 112 23.92 -23.71 -18.53
CA HIS E 112 24.29 -22.84 -17.41
C HIS E 112 23.84 -21.39 -17.57
N ASP E 113 22.79 -21.14 -18.35
CA ASP E 113 22.20 -19.82 -18.43
C ASP E 113 21.16 -19.69 -17.32
N TYR E 114 21.67 -19.56 -16.11
CA TYR E 114 20.78 -19.64 -14.96
C TYR E 114 19.88 -18.41 -14.83
N VAL E 115 20.33 -17.27 -15.35
CA VAL E 115 19.47 -16.08 -15.32
C VAL E 115 18.30 -16.23 -16.29
N SER E 116 18.55 -16.77 -17.50
CA SER E 116 17.42 -17.04 -18.38
C SER E 116 16.46 -18.03 -17.74
N ARG E 117 17.00 -19.04 -17.06
CA ARG E 117 16.16 -20.00 -16.36
C ARG E 117 15.27 -19.31 -15.32
N ASP E 118 15.86 -18.42 -14.52
CA ASP E 118 15.08 -17.72 -13.49
C ASP E 118 13.96 -16.91 -14.11
N LEU E 119 14.25 -16.22 -15.22
CA LEU E 119 13.21 -15.48 -15.91
C LEU E 119 12.07 -16.40 -16.35
N LEU E 120 12.41 -17.54 -16.95
CA LEU E 120 11.38 -18.45 -17.44
C LEU E 120 10.59 -19.06 -16.29
N LYS E 121 11.26 -19.36 -15.17
CA LYS E 121 10.56 -19.90 -14.01
C LYS E 121 9.52 -18.90 -13.50
N ASP E 122 9.88 -17.62 -13.45
CA ASP E 122 8.91 -16.59 -13.06
C ASP E 122 7.76 -16.52 -14.05
N ILE E 123 8.04 -16.57 -15.35
CA ILE E 123 6.94 -16.55 -16.31
C ILE E 123 6.08 -17.80 -16.13
N LEU E 124 6.70 -18.96 -15.90
CA LEU E 124 5.96 -20.20 -15.69
C LEU E 124 5.05 -20.09 -14.46
N GLU E 125 5.50 -19.42 -13.40
CA GLU E 125 4.64 -19.22 -12.24
C GLU E 125 3.40 -18.42 -12.62
N SER E 126 3.57 -17.35 -13.41
CA SER E 126 2.42 -16.57 -13.87
CA SER E 126 2.42 -16.57 -13.87
C SER E 126 1.50 -17.44 -14.72
N GLU E 127 2.06 -18.21 -15.65
CA GLU E 127 1.20 -19.02 -16.50
C GLU E 127 0.45 -20.08 -15.70
N GLU E 128 1.09 -20.70 -14.70
CA GLU E 128 0.37 -21.66 -13.86
C GLU E 128 -0.72 -20.98 -13.02
N GLU E 129 -0.49 -19.73 -12.60
CA GLU E 129 -1.59 -18.99 -11.97
C GLU E 129 -2.75 -18.78 -12.93
N HIS E 130 -2.45 -18.46 -14.19
CA HIS E 130 -3.50 -18.29 -15.16
C HIS E 130 -4.24 -19.60 -15.40
N ILE E 131 -3.52 -20.73 -15.39
CA ILE E 131 -4.17 -22.03 -15.55
C ILE E 131 -5.11 -22.29 -14.39
N ASP E 132 -4.66 -21.99 -13.17
CA ASP E 132 -5.51 -22.10 -11.99
C ASP E 132 -6.78 -21.28 -12.19
N TYR E 133 -6.65 -20.02 -12.61
CA TYR E 133 -7.83 -19.18 -12.84
C TYR E 133 -8.78 -19.81 -13.86
N LEU E 134 -8.24 -20.27 -14.98
CA LEU E 134 -9.06 -20.81 -16.06
C LEU E 134 -9.77 -22.10 -15.65
N GLU E 135 -9.03 -23.03 -15.04
CA GLU E 135 -9.62 -24.28 -14.57
C GLU E 135 -10.73 -24.00 -13.56
N THR E 136 -10.49 -23.02 -12.69
CA THR E 136 -11.49 -22.65 -11.70
C THR E 136 -12.72 -22.05 -12.37
N GLN E 137 -12.55 -21.20 -13.40
CA GLN E 137 -13.72 -20.64 -14.06
C GLN E 137 -14.56 -21.73 -14.72
N LEU E 138 -13.90 -22.70 -15.37
CA LEU E 138 -14.64 -23.78 -16.01
C LEU E 138 -15.36 -24.62 -14.96
N GLY E 139 -14.72 -24.82 -13.81
CA GLY E 139 -15.38 -25.55 -12.73
C GLY E 139 -16.57 -24.79 -12.18
N LEU E 140 -16.46 -23.46 -12.07
CA LEU E 140 -17.58 -22.65 -11.56
C LEU E 140 -18.77 -22.66 -12.51
N ILE E 141 -18.51 -22.65 -13.83
CA ILE E 141 -19.60 -22.78 -14.80
C ILE E 141 -20.40 -24.05 -14.50
N GLN E 142 -19.71 -25.14 -14.12
CA GLN E 142 -20.43 -26.36 -13.74
C GLN E 142 -21.13 -26.21 -12.39
N LYS E 143 -20.47 -25.59 -11.40
CA LYS E 143 -21.03 -25.60 -10.06
C LYS E 143 -22.19 -24.61 -9.91
N VAL E 144 -22.11 -23.42 -10.52
CA VAL E 144 -23.20 -22.45 -10.39
C VAL E 144 -24.12 -22.44 -11.61
N GLY E 145 -23.76 -23.11 -12.68
CA GLY E 145 -24.56 -23.06 -13.90
C GLY E 145 -24.17 -21.91 -14.79
N LEU E 146 -24.35 -22.10 -16.11
CA LEU E 146 -23.84 -21.09 -17.03
C LEU E 146 -24.55 -19.76 -16.85
N GLU E 147 -25.89 -19.75 -16.70
CA GLU E 147 -26.61 -18.49 -16.56
C GLU E 147 -26.13 -17.69 -15.35
N ASN E 148 -25.93 -18.36 -14.21
CA ASN E 148 -25.43 -17.68 -13.03
C ASN E 148 -23.99 -17.22 -13.23
N TYR E 149 -23.17 -18.07 -13.87
CA TYR E 149 -21.79 -17.70 -14.09
C TYR E 149 -21.70 -16.43 -14.92
N LEU E 150 -22.47 -16.37 -16.01
CA LEU E 150 -22.46 -15.18 -16.84
C LEU E 150 -23.05 -13.99 -16.08
N GLN E 151 -24.15 -14.22 -15.34
CA GLN E 151 -24.74 -13.16 -14.52
C GLN E 151 -23.72 -12.55 -13.58
N SER E 152 -22.92 -13.39 -12.91
CA SER E 152 -21.92 -12.90 -11.97
C SER E 152 -20.81 -12.11 -12.64
N HIS E 153 -20.74 -12.08 -13.97
CA HIS E 153 -19.68 -11.35 -14.65
C HIS E 153 -20.21 -10.21 -15.50
N MET E 154 -21.47 -9.79 -15.28
CA MET E 154 -22.02 -8.67 -16.02
C MET E 154 -21.44 -7.34 -15.52
N HIS E 155 -21.38 -7.14 -14.22
CA HIS E 155 -21.03 -5.83 -13.66
C HIS E 155 -19.68 -5.88 -12.96
N GLU E 156 -18.89 -4.81 -13.15
CA GLU E 156 -17.56 -4.71 -12.53
C GLU E 156 -17.61 -4.33 -11.06
N MET F 1 -4.80 -28.60 -12.47
CA MET F 1 -3.72 -29.06 -13.38
C MET F 1 -3.15 -30.35 -12.84
N LYS F 2 -3.17 -31.42 -13.63
CA LYS F 2 -2.80 -32.73 -13.11
C LYS F 2 -1.32 -32.74 -12.77
N GLY F 3 -1.01 -32.99 -11.50
CA GLY F 3 0.37 -33.04 -11.05
C GLY F 3 0.97 -34.46 -11.10
N ASP F 4 2.29 -34.50 -11.01
CA ASP F 4 3.04 -35.74 -10.90
C ASP F 4 2.70 -36.40 -9.58
N LYS F 5 2.33 -37.68 -9.61
CA LYS F 5 1.89 -38.35 -8.40
C LYS F 5 2.94 -38.33 -7.31
N LYS F 6 4.21 -38.56 -7.67
CA LYS F 6 5.24 -38.62 -6.64
C LYS F 6 5.59 -37.22 -6.12
N VAL F 7 5.47 -36.19 -6.96
CA VAL F 7 5.60 -34.83 -6.45
C VAL F 7 4.59 -34.61 -5.33
N ILE F 8 3.33 -34.97 -5.60
CA ILE F 8 2.28 -34.78 -4.61
C ILE F 8 2.57 -35.56 -3.34
N GLN F 9 3.08 -36.78 -3.47
CA GLN F 9 3.47 -37.50 -2.26
C GLN F 9 4.60 -36.78 -1.52
N HIS F 10 5.56 -36.24 -2.24
CA HIS F 10 6.61 -35.47 -1.56
C HIS F 10 6.02 -34.24 -0.87
N LEU F 11 5.12 -33.54 -1.55
CA LEU F 11 4.49 -32.35 -0.93
C LEU F 11 3.73 -32.73 0.32
N ASN F 12 3.03 -33.87 0.31
CA ASN F 12 2.33 -34.29 1.51
C ASN F 12 3.28 -34.68 2.62
N LYS F 13 4.45 -35.21 2.26
CA LYS F 13 5.44 -35.49 3.29
C LYS F 13 6.00 -34.20 3.88
N ILE F 14 6.31 -33.21 3.05
CA ILE F 14 6.75 -31.92 3.58
C ILE F 14 5.65 -31.30 4.43
N LEU F 15 4.40 -31.37 3.95
CA LEU F 15 3.27 -30.87 4.73
C LEU F 15 3.21 -31.56 6.09
N GLY F 16 3.44 -32.87 6.13
CA GLY F 16 3.40 -33.57 7.40
C GLY F 16 4.46 -33.09 8.40
N ASN F 17 5.67 -32.79 7.90
CA ASN F 17 6.69 -32.23 8.78
C ASN F 17 6.28 -30.85 9.30
N GLU F 18 5.70 -30.02 8.44
CA GLU F 18 5.25 -28.70 8.87
C GLU F 18 4.15 -28.82 9.92
N LEU F 19 3.23 -29.77 9.71
CA LEU F 19 2.15 -29.99 10.69
C LEU F 19 2.70 -30.42 12.03
N ILE F 20 3.74 -31.27 12.03
CA ILE F 20 4.42 -31.60 13.28
C ILE F 20 5.00 -30.34 13.91
N ALA F 21 5.72 -29.56 13.11
CA ALA F 21 6.42 -28.38 13.62
C ALA F 21 5.45 -27.35 14.19
N ILE F 22 4.30 -27.16 13.53
CA ILE F 22 3.31 -26.22 14.07
C ILE F 22 3.00 -26.53 15.52
N ASN F 23 2.65 -27.78 15.81
CA ASN F 23 2.23 -28.15 17.15
C ASN F 23 3.39 -28.16 18.12
N GLN F 24 4.54 -28.66 17.70
CA GLN F 24 5.72 -28.70 18.56
C GLN F 24 6.14 -27.30 18.96
N TYR F 25 6.23 -26.41 17.99
CA TYR F 25 6.63 -25.04 18.30
C TYR F 25 5.55 -24.32 19.09
N PHE F 26 4.27 -24.58 18.79
CA PHE F 26 3.21 -23.90 19.55
C PHE F 26 3.24 -24.31 21.01
N LEU F 27 3.42 -25.60 21.27
CA LEU F 27 3.48 -26.07 22.66
C LEU F 27 4.73 -25.55 23.36
N HIS F 28 5.88 -25.60 22.69
CA HIS F 28 7.10 -25.05 23.29
C HIS F 28 6.92 -23.57 23.63
N SER F 29 6.32 -22.82 22.71
CA SER F 29 6.01 -21.40 22.96
C SER F 29 5.20 -21.22 24.23
N ARG F 30 4.13 -22.00 24.37
CA ARG F 30 3.27 -21.82 25.52
C ARG F 30 3.89 -22.34 26.79
N MET F 31 4.76 -23.36 26.70
CA MET F 31 5.54 -23.77 27.86
C MET F 31 6.46 -22.64 28.31
N TRP F 32 7.17 -22.02 27.37
CA TRP F 32 8.08 -20.95 27.73
C TRP F 32 7.31 -19.76 28.34
N ASN F 33 6.14 -19.41 27.78
CA ASN F 33 5.35 -18.35 28.40
C ASN F 33 4.95 -18.72 29.81
N ASP F 34 4.50 -19.96 30.03
CA ASP F 34 4.11 -20.39 31.37
C ASP F 34 5.28 -20.28 32.35
N TRP F 35 6.49 -20.54 31.89
CA TRP F 35 7.70 -20.46 32.74
C TRP F 35 8.22 -19.03 32.92
N GLY F 36 7.58 -18.03 32.33
CA GLY F 36 8.07 -16.67 32.47
C GLY F 36 9.17 -16.30 31.50
N LEU F 37 9.45 -17.14 30.51
CA LEU F 37 10.49 -16.87 29.52
C LEU F 37 9.82 -16.34 28.25
N LYS F 38 9.31 -15.11 28.37
CA LYS F 38 8.36 -14.59 27.37
C LYS F 38 9.03 -14.24 26.06
N ARG F 39 10.31 -13.90 26.07
CA ARG F 39 10.97 -13.63 24.80
C ARG F 39 11.15 -14.91 24.00
N LEU F 40 11.48 -16.01 24.67
CA LEU F 40 11.49 -17.31 24.01
C LEU F 40 10.08 -17.69 23.59
N GLY F 41 9.12 -17.44 24.46
CA GLY F 41 7.75 -17.77 24.11
C GLY F 41 7.29 -17.06 22.86
N ALA F 42 7.56 -15.75 22.78
CA ALA F 42 7.15 -14.96 21.63
C ALA F 42 7.92 -15.37 20.37
N HIS F 43 9.21 -15.63 20.48
CA HIS F 43 9.94 -16.01 19.28
C HIS F 43 9.44 -17.37 18.77
N GLU F 44 9.19 -18.30 19.69
CA GLU F 44 8.74 -19.63 19.27
C GLU F 44 7.34 -19.56 18.70
N TYR F 45 6.50 -18.66 19.22
CA TYR F 45 5.19 -18.42 18.63
C TYR F 45 5.32 -18.03 17.16
N HIS F 46 6.23 -17.10 16.87
CA HIS F 46 6.38 -16.69 15.48
C HIS F 46 6.95 -17.81 14.62
N GLU F 47 7.77 -18.70 15.17
CA GLU F 47 8.21 -19.87 14.40
C GLU F 47 7.02 -20.76 14.03
N SER F 48 6.11 -20.99 14.99
CA SER F 48 4.91 -21.78 14.73
C SER F 48 4.06 -21.15 13.62
N ILE F 49 3.85 -19.84 13.69
CA ILE F 49 3.09 -19.11 12.68
C ILE F 49 3.73 -19.25 11.31
N ASP F 50 5.06 -19.14 11.23
CA ASP F 50 5.72 -19.32 9.93
CA ASP F 50 5.76 -19.34 9.96
C ASP F 50 5.44 -20.71 9.36
N GLU F 51 5.45 -21.74 10.21
CA GLU F 51 5.18 -23.09 9.73
C GLU F 51 3.73 -23.22 9.28
N MET F 52 2.82 -22.55 9.98
CA MET F 52 1.44 -22.50 9.55
C MET F 52 1.34 -21.91 8.16
N LYS F 53 2.10 -20.86 7.88
CA LYS F 53 2.05 -20.24 6.56
C LYS F 53 2.59 -21.19 5.48
N HIS F 54 3.67 -21.91 5.79
CA HIS F 54 4.20 -22.88 4.84
C HIS F 54 3.18 -23.99 4.57
N ALA F 55 2.54 -24.50 5.62
CA ALA F 55 1.55 -25.55 5.44
C ALA F 55 0.43 -25.06 4.55
N ASP F 56 -0.01 -23.82 4.74
CA ASP F 56 -1.03 -23.24 3.89
C ASP F 56 -0.61 -23.29 2.43
N LYS F 57 0.61 -22.83 2.13
CA LYS F 57 1.02 -22.81 0.74
C LYS F 57 1.15 -24.24 0.18
N LEU F 58 1.59 -25.20 1.00
CA LEU F 58 1.70 -26.60 0.53
C LEU F 58 0.31 -27.19 0.23
N ILE F 59 -0.63 -26.95 1.15
CA ILE F 59 -2.01 -27.37 0.93
C ILE F 59 -2.54 -26.78 -0.37
N GLU F 60 -2.31 -25.49 -0.57
CA GLU F 60 -2.81 -24.81 -1.76
C GLU F 60 -2.20 -25.40 -3.03
N ARG F 61 -0.91 -25.72 -3.01
CA ARG F 61 -0.26 -26.30 -4.18
C ARG F 61 -0.77 -27.71 -4.49
N ILE F 62 -0.94 -28.53 -3.45
CA ILE F 62 -1.43 -29.90 -3.63
C ILE F 62 -2.81 -29.87 -4.29
N LEU F 63 -3.69 -28.99 -3.82
CA LEU F 63 -5.02 -28.90 -4.40
C LEU F 63 -4.98 -28.45 -5.84
N PHE F 64 -4.14 -27.46 -6.15
CA PHE F 64 -3.98 -27.02 -7.53
C PHE F 64 -3.55 -28.19 -8.41
N LEU F 65 -2.66 -29.05 -7.90
CA LEU F 65 -2.16 -30.20 -8.63
C LEU F 65 -3.13 -31.38 -8.59
N GLU F 66 -4.32 -31.18 -8.02
CA GLU F 66 -5.41 -32.16 -8.00
C GLU F 66 -5.07 -33.36 -7.13
N GLY F 67 -4.27 -33.12 -6.09
CA GLY F 67 -4.04 -34.09 -5.05
C GLY F 67 -4.89 -33.82 -3.82
N LEU F 68 -4.76 -34.74 -2.86
CA LEU F 68 -5.50 -34.68 -1.60
C LEU F 68 -4.55 -34.32 -0.48
N PRO F 69 -4.63 -33.12 0.09
CA PRO F 69 -3.75 -32.81 1.22
C PRO F 69 -4.10 -33.67 2.40
N ASN F 70 -3.06 -34.20 3.04
CA ASN F 70 -3.19 -35.08 4.21
C ASN F 70 -2.92 -34.29 5.48
N LEU F 71 -4.01 -33.88 6.16
CA LEU F 71 -3.92 -33.25 7.47
C LEU F 71 -4.27 -34.23 8.59
N GLN F 72 -4.45 -35.50 8.26
CA GLN F 72 -4.91 -36.49 9.21
C GLN F 72 -3.75 -37.21 9.93
N ASP F 73 -2.73 -37.57 9.20
CA ASP F 73 -1.63 -38.33 9.78
C ASP F 73 -0.66 -37.31 10.39
N LEU F 74 -0.46 -37.41 11.69
CA LEU F 74 0.45 -36.54 12.41
C LEU F 74 1.55 -37.40 13.00
N GLY F 75 2.79 -37.12 12.60
CA GLY F 75 3.95 -37.82 13.10
C GLY F 75 4.31 -37.42 14.51
N LYS F 76 5.49 -37.89 14.94
CA LYS F 76 5.87 -37.79 16.34
C LYS F 76 6.34 -36.38 16.65
N LEU F 77 5.72 -35.75 17.65
CA LEU F 77 6.21 -34.49 18.17
C LEU F 77 7.41 -34.73 19.07
N LEU F 78 8.42 -33.88 18.95
CA LEU F 78 9.59 -33.92 19.83
C LEU F 78 9.43 -32.79 20.84
N ILE F 79 8.90 -33.12 22.02
CA ILE F 79 8.64 -32.13 23.06
C ILE F 79 9.72 -32.22 24.13
N GLY F 80 10.44 -31.10 24.31
CA GLY F 80 11.42 -31.05 25.36
C GLY F 80 10.79 -30.76 26.69
N GLU F 81 11.59 -30.95 27.73
CA GLU F 81 11.17 -30.66 29.09
C GLU F 81 11.97 -29.53 29.73
N ASN F 82 12.98 -29.02 29.05
CA ASN F 82 13.69 -27.84 29.52
C ASN F 82 14.18 -27.09 28.30
N THR F 83 14.68 -25.87 28.54
CA THR F 83 14.93 -24.96 27.42
C THR F 83 15.91 -25.56 26.44
N GLN F 84 17.06 -26.06 26.92
CA GLN F 84 18.05 -26.57 26.01
C GLN F 84 17.52 -27.76 25.23
N GLU F 85 16.80 -28.63 25.91
CA GLU F 85 16.23 -29.78 25.21
C GLU F 85 15.17 -29.37 24.18
N MET F 86 14.38 -28.35 24.50
CA MET F 86 13.35 -27.93 23.55
C MET F 86 13.98 -27.39 22.29
N LEU F 87 15.03 -26.57 22.43
CA LEU F 87 15.73 -26.06 21.27
C LEU F 87 16.37 -27.19 20.47
N GLN F 88 16.93 -28.17 21.17
CA GLN F 88 17.54 -29.29 20.48
C GLN F 88 16.49 -30.13 19.75
N CYS F 89 15.31 -30.28 20.35
CA CYS F 89 14.21 -30.97 19.66
C CYS F 89 13.78 -30.20 18.41
N ASP F 90 13.65 -28.88 18.50
CA ASP F 90 13.34 -28.10 17.32
C ASP F 90 14.40 -28.31 16.25
N LEU F 91 15.69 -28.30 16.65
CA LEU F 91 16.77 -28.44 15.70
C LEU F 91 16.74 -29.82 15.04
N ASN F 92 16.52 -30.87 15.83
CA ASN F 92 16.44 -32.21 15.26
C ASN F 92 15.30 -32.30 14.24
N LEU F 93 14.15 -31.70 14.57
CA LEU F 93 13.04 -31.70 13.63
C LEU F 93 13.39 -30.96 12.35
N GLU F 94 14.04 -29.80 12.48
CA GLU F 94 14.40 -29.02 11.29
C GLU F 94 15.40 -29.76 10.41
N LEU F 95 16.35 -30.46 11.01
CA LEU F 95 17.32 -31.18 10.19
C LEU F 95 16.65 -32.33 9.43
N LYS F 96 15.68 -33.01 10.08
CA LYS F 96 14.85 -33.97 9.35
C LYS F 96 14.09 -33.29 8.23
N ALA F 97 13.52 -32.10 8.52
CA ALA F 97 12.72 -31.38 7.54
C ALA F 97 13.53 -30.97 6.31
N THR F 98 14.74 -30.45 6.52
CA THR F 98 15.50 -29.99 5.35
C THR F 98 16.02 -31.17 4.54
N LYS F 99 16.33 -32.28 5.18
CA LYS F 99 16.65 -33.50 4.42
C LYS F 99 15.50 -33.85 3.48
N ASP F 100 14.27 -33.83 3.99
CA ASP F 100 13.12 -34.18 3.17
C ASP F 100 12.88 -33.15 2.07
N LEU F 101 13.07 -31.86 2.37
CA LEU F 101 12.92 -30.84 1.34
C LEU F 101 13.90 -31.06 0.20
N ARG F 102 15.16 -31.39 0.50
CA ARG F 102 16.15 -31.59 -0.56
C ARG F 102 15.73 -32.75 -1.47
N GLU F 103 15.30 -33.85 -0.88
CA GLU F 103 14.87 -34.99 -1.70
C GLU F 103 13.66 -34.64 -2.56
N ALA F 104 12.71 -33.85 -2.02
CA ALA F 104 11.55 -33.44 -2.80
C ALA F 104 11.95 -32.52 -3.93
N ILE F 105 12.90 -31.63 -3.70
CA ILE F 105 13.34 -30.75 -4.79
C ILE F 105 13.98 -31.57 -5.90
N VAL F 106 14.84 -32.53 -5.53
CA VAL F 106 15.46 -33.39 -6.53
C VAL F 106 14.40 -33.97 -7.46
N HIS F 107 13.32 -34.52 -6.88
CA HIS F 107 12.30 -35.12 -7.72
C HIS F 107 11.52 -34.10 -8.52
N CYS F 108 11.19 -32.93 -7.94
CA CYS F 108 10.56 -31.89 -8.74
C CYS F 108 11.40 -31.53 -9.96
N GLU F 109 12.71 -31.40 -9.77
CA GLU F 109 13.57 -31.06 -10.90
C GLU F 109 13.49 -32.15 -11.96
N GLN F 110 13.50 -33.40 -11.53
CA GLN F 110 13.57 -34.52 -12.47
C GLN F 110 12.33 -34.59 -13.35
N VAL F 111 11.15 -34.26 -12.79
CA VAL F 111 9.91 -34.30 -13.58
C VAL F 111 9.50 -32.90 -14.09
N HIS F 112 10.39 -31.92 -13.94
CA HIS F 112 10.21 -30.58 -14.50
C HIS F 112 9.09 -29.79 -13.82
N ASP F 113 8.78 -30.08 -12.56
CA ASP F 113 7.80 -29.27 -11.82
C ASP F 113 8.55 -28.14 -11.13
N TYR F 114 8.89 -27.14 -11.93
CA TYR F 114 9.78 -26.08 -11.48
C TYR F 114 9.11 -25.11 -10.52
N VAL F 115 7.78 -24.97 -10.60
CA VAL F 115 7.07 -24.12 -9.65
C VAL F 115 7.02 -24.77 -8.28
N SER F 116 6.70 -26.06 -8.22
CA SER F 116 6.79 -26.77 -6.94
C SER F 116 8.20 -26.70 -6.37
N ARG F 117 9.22 -26.83 -7.22
CA ARG F 117 10.58 -26.71 -6.72
C ARG F 117 10.81 -25.33 -6.11
N ASP F 118 10.34 -24.29 -6.78
CA ASP F 118 10.55 -22.94 -6.28
C ASP F 118 9.87 -22.73 -4.94
N LEU F 119 8.63 -23.21 -4.81
CA LEU F 119 7.94 -23.18 -3.52
C LEU F 119 8.76 -23.87 -2.45
N LEU F 120 9.27 -25.07 -2.74
CA LEU F 120 10.02 -25.81 -1.74
C LEU F 120 11.34 -25.12 -1.41
N LYS F 121 11.96 -24.51 -2.41
CA LYS F 121 13.19 -23.76 -2.19
C LYS F 121 12.94 -22.61 -1.23
N ASP F 122 11.81 -21.90 -1.40
CA ASP F 122 11.48 -20.81 -0.47
C ASP F 122 11.30 -21.34 0.94
N ILE F 123 10.60 -22.47 1.08
CA ILE F 123 10.42 -23.07 2.40
C ILE F 123 11.77 -23.49 2.98
N LEU F 124 12.63 -24.06 2.14
CA LEU F 124 13.96 -24.48 2.61
C LEU F 124 14.77 -23.29 3.13
N GLU F 125 14.65 -22.13 2.48
CA GLU F 125 15.31 -20.93 2.97
C GLU F 125 14.81 -20.56 4.36
N SER F 126 13.51 -20.63 4.59
N SER F 126 13.51 -20.66 4.60
CA SER F 126 12.99 -20.36 5.94
CA SER F 126 12.96 -20.36 5.92
C SER F 126 13.52 -21.35 6.95
C SER F 126 13.41 -21.37 6.97
N GLU F 127 13.48 -22.65 6.61
CA GLU F 127 13.89 -23.66 7.61
C GLU F 127 15.38 -23.51 7.93
N GLU F 128 16.21 -23.19 6.95
CA GLU F 128 17.61 -22.93 7.23
C GLU F 128 17.83 -21.68 8.09
N GLU F 129 16.97 -20.66 7.93
CA GLU F 129 16.99 -19.54 8.87
C GLU F 129 16.63 -20.02 10.28
N HIS F 130 15.68 -20.95 10.41
CA HIS F 130 15.35 -21.46 11.73
C HIS F 130 16.49 -22.26 12.33
N ILE F 131 17.15 -23.06 11.49
CA ILE F 131 18.33 -23.79 11.95
C ILE F 131 19.41 -22.81 12.41
N ASP F 132 19.65 -21.77 11.64
CA ASP F 132 20.60 -20.73 12.06
C ASP F 132 20.25 -20.20 13.45
N TYR F 133 18.98 -19.83 13.65
CA TYR F 133 18.55 -19.34 14.94
C TYR F 133 18.80 -20.36 16.05
N LEU F 134 18.41 -21.61 15.82
CA LEU F 134 18.51 -22.63 16.86
C LEU F 134 19.96 -22.94 17.22
N GLU F 135 20.80 -23.16 16.22
CA GLU F 135 22.22 -23.40 16.47
C GLU F 135 22.83 -22.23 17.24
N THR F 136 22.42 -21.01 16.90
CA THR F 136 22.94 -19.84 17.61
C THR F 136 22.48 -19.82 19.06
N GLN F 137 21.21 -20.16 19.32
CA GLN F 137 20.75 -20.16 20.71
C GLN F 137 21.51 -21.19 21.52
N LEU F 138 21.68 -22.39 20.96
CA LEU F 138 22.40 -23.43 21.67
C LEU F 138 23.85 -23.00 21.92
N GLY F 139 24.46 -22.35 20.93
CA GLY F 139 25.80 -21.81 21.15
C GLY F 139 25.84 -20.73 22.21
N LEU F 140 24.82 -19.87 22.26
CA LEU F 140 24.80 -18.83 23.28
C LEU F 140 24.71 -19.42 24.67
N ILE F 141 23.94 -20.49 24.82
CA ILE F 141 23.85 -21.14 26.13
C ILE F 141 25.23 -21.55 26.60
N GLN F 142 26.05 -22.04 25.67
CA GLN F 142 27.42 -22.42 26.04
C GLN F 142 28.29 -21.21 26.34
N LYS F 143 28.10 -20.11 25.61
CA LYS F 143 28.98 -18.96 25.78
C LYS F 143 28.60 -18.13 27.00
N VAL F 144 27.30 -17.88 27.22
CA VAL F 144 26.93 -17.01 28.34
C VAL F 144 26.49 -17.81 29.56
N GLY F 145 26.34 -19.12 29.44
CA GLY F 145 25.84 -19.91 30.56
C GLY F 145 24.33 -19.94 30.57
N LEU F 146 23.78 -21.07 31.05
CA LEU F 146 22.33 -21.27 30.97
C LEU F 146 21.56 -20.24 31.79
N GLU F 147 22.01 -19.96 33.02
CA GLU F 147 21.26 -19.03 33.87
C GLU F 147 21.16 -17.64 33.24
N ASN F 148 22.28 -17.13 32.70
CA ASN F 148 22.24 -15.85 31.98
C ASN F 148 21.41 -15.95 30.72
N TYR F 149 21.51 -17.07 29.98
CA TYR F 149 20.72 -17.20 28.75
C TYR F 149 19.24 -17.07 29.03
N LEU F 150 18.77 -17.78 30.06
CA LEU F 150 17.37 -17.74 30.45
C LEU F 150 16.99 -16.37 30.96
N GLN F 151 17.85 -15.75 31.77
CA GLN F 151 17.60 -14.39 32.25
C GLN F 151 17.31 -13.45 31.09
N SER F 152 18.11 -13.56 30.02
CA SER F 152 17.99 -12.69 28.87
C SER F 152 16.72 -12.94 28.09
N HIS F 153 15.98 -13.99 28.43
CA HIS F 153 14.76 -14.30 27.72
C HIS F 153 13.52 -14.19 28.59
N MET F 154 13.66 -13.58 29.77
CA MET F 154 12.51 -13.36 30.64
C MET F 154 11.60 -12.28 30.08
N HIS F 155 12.18 -11.17 29.65
CA HIS F 155 11.45 -9.99 29.22
C HIS F 155 11.61 -9.82 27.71
N GLU F 156 10.54 -9.38 27.05
CA GLU F 156 10.58 -9.17 25.60
C GLU F 156 11.33 -7.90 25.20
N MET G 1 44.57 41.98 21.73
CA MET G 1 45.69 41.17 22.25
C MET G 1 46.89 41.38 21.33
N LYS G 2 48.03 41.82 21.87
CA LYS G 2 49.12 42.26 21.01
C LYS G 2 49.72 41.06 20.28
N GLY G 3 49.61 41.06 18.96
CA GLY G 3 50.16 39.97 18.18
C GLY G 3 51.61 40.21 17.78
N ASP G 4 52.21 39.14 17.28
CA ASP G 4 53.55 39.18 16.72
C ASP G 4 53.55 40.04 15.45
N LYS G 5 54.48 40.99 15.38
CA LYS G 5 54.52 41.89 14.22
C LYS G 5 54.68 41.13 12.91
N LYS G 6 55.50 40.07 12.89
CA LYS G 6 55.70 39.34 11.65
C LYS G 6 54.49 38.49 11.29
N VAL G 7 53.77 37.95 12.27
CA VAL G 7 52.49 37.31 11.98
C VAL G 7 51.56 38.28 11.28
N ILE G 8 51.46 39.51 11.80
CA ILE G 8 50.57 40.51 11.21
C ILE G 8 51.00 40.80 9.77
N GLN G 9 52.31 40.92 9.52
CA GLN G 9 52.78 41.11 8.16
C GLN G 9 52.40 39.91 7.26
N HIS G 10 52.56 38.68 7.75
CA HIS G 10 52.15 37.52 6.97
C HIS G 10 50.64 37.55 6.70
N LEU G 11 49.85 37.85 7.74
CA LEU G 11 48.40 37.93 7.55
C LEU G 11 48.04 39.01 6.54
N ASN G 12 48.72 40.16 6.57
CA ASN G 12 48.46 41.18 5.56
C ASN G 12 48.90 40.72 4.17
N LYS G 13 49.92 39.88 4.10
CA LYS G 13 50.31 39.34 2.80
C LYS G 13 49.25 38.37 2.26
N ILE G 14 48.71 37.51 3.12
CA ILE G 14 47.62 36.63 2.72
C ILE G 14 46.41 37.48 2.30
N LEU G 15 46.08 38.48 3.10
CA LEU G 15 44.96 39.35 2.77
C LEU G 15 45.15 39.98 1.39
N GLY G 16 46.38 40.42 1.08
CA GLY G 16 46.66 40.99 -0.24
C GLY G 16 46.38 40.03 -1.38
N ASN G 17 46.74 38.74 -1.22
CA ASN G 17 46.47 37.75 -2.25
C ASN G 17 44.97 37.55 -2.41
N GLU G 18 44.24 37.51 -1.30
CA GLU G 18 42.79 37.36 -1.35
C GLU G 18 42.14 38.56 -2.03
N LEU G 19 42.65 39.76 -1.78
CA LEU G 19 42.08 40.95 -2.40
C LEU G 19 42.27 40.95 -3.92
N ILE G 20 43.45 40.49 -4.40
CA ILE G 20 43.64 40.28 -5.84
C ILE G 20 42.63 39.27 -6.34
N ALA G 21 42.52 38.14 -5.63
CA ALA G 21 41.67 37.05 -6.07
C ALA G 21 40.20 37.47 -6.15
N ILE G 22 39.73 38.26 -5.19
CA ILE G 22 38.34 38.75 -5.23
C ILE G 22 38.06 39.42 -6.55
N ASN G 23 38.91 40.37 -6.93
CA ASN G 23 38.68 41.17 -8.13
C ASN G 23 38.91 40.34 -9.40
N GLN G 24 39.96 39.53 -9.41
CA GLN G 24 40.23 38.70 -10.58
C GLN G 24 39.09 37.72 -10.84
N TYR G 25 38.66 37.02 -9.80
CA TYR G 25 37.56 36.07 -9.95
C TYR G 25 36.25 36.79 -10.26
N PHE G 26 36.03 37.96 -9.67
CA PHE G 26 34.78 38.65 -9.98
C PHE G 26 34.73 39.11 -11.43
N LEU G 27 35.84 39.65 -11.93
CA LEU G 27 35.86 40.08 -13.32
C LEU G 27 35.74 38.90 -14.27
N HIS G 28 36.47 37.81 -14.01
CA HIS G 28 36.33 36.63 -14.85
C HIS G 28 34.89 36.11 -14.85
N SER G 29 34.24 36.10 -13.69
CA SER G 29 32.85 35.67 -13.61
C SER G 29 31.98 36.50 -14.54
N ARG G 30 32.12 37.82 -14.47
CA ARG G 30 31.26 38.71 -15.23
C ARG G 30 31.58 38.65 -16.72
N MET G 31 32.85 38.37 -17.05
CA MET G 31 33.22 38.11 -18.44
C MET G 31 32.54 36.86 -18.96
N TRP G 32 32.64 35.76 -18.21
CA TRP G 32 32.01 34.53 -18.64
C TRP G 32 30.50 34.69 -18.76
N ASN G 33 29.86 35.43 -17.85
CA ASN G 33 28.44 35.69 -17.98
C ASN G 33 28.14 36.49 -19.25
N ASP G 34 28.93 37.52 -19.51
CA ASP G 34 28.72 38.33 -20.72
C ASP G 34 28.83 37.47 -21.98
N TRP G 35 29.71 36.47 -21.97
CA TRP G 35 29.90 35.58 -23.12
C TRP G 35 28.86 34.47 -23.20
N GLY G 36 27.92 34.42 -22.27
CA GLY G 36 26.90 33.38 -22.27
C GLY G 36 27.30 32.08 -21.61
N LEU G 37 28.44 32.04 -20.93
CA LEU G 37 28.89 30.84 -20.26
C LEU G 37 28.51 30.93 -18.77
N LYS G 38 27.21 30.80 -18.52
CA LYS G 38 26.66 31.18 -17.22
C LYS G 38 27.06 30.20 -16.12
N ARG G 39 27.34 28.94 -16.46
CA ARG G 39 27.75 27.98 -15.44
C ARG G 39 29.16 28.31 -14.96
N LEU G 40 30.05 28.70 -15.87
CA LEU G 40 31.36 29.21 -15.46
C LEU G 40 31.22 30.51 -14.70
N GLY G 41 30.35 31.41 -15.19
CA GLY G 41 30.16 32.68 -14.50
C GLY G 41 29.70 32.49 -13.06
N ALA G 42 28.74 31.59 -12.85
CA ALA G 42 28.21 31.34 -11.51
C ALA G 42 29.25 30.70 -10.60
N HIS G 43 29.99 29.71 -11.10
CA HIS G 43 30.98 29.05 -10.26
C HIS G 43 32.08 30.02 -9.85
N GLU G 44 32.54 30.83 -10.81
CA GLU G 44 33.58 31.80 -10.54
C GLU G 44 33.10 32.90 -9.61
N TYR G 45 31.83 33.28 -9.70
CA TYR G 45 31.25 34.18 -8.71
C TYR G 45 31.36 33.59 -7.31
N HIS G 46 31.01 32.32 -7.16
CA HIS G 46 31.09 31.71 -5.84
C HIS G 46 32.53 31.61 -5.35
N GLU G 47 33.50 31.44 -6.26
CA GLU G 47 34.89 31.47 -5.85
C GLU G 47 35.27 32.85 -5.31
N SER G 48 34.79 33.91 -5.99
CA SER G 48 35.06 35.27 -5.54
C SER G 48 34.47 35.51 -4.15
N ILE G 49 33.22 35.09 -3.94
CA ILE G 49 32.58 35.24 -2.63
C ILE G 49 33.37 34.51 -1.56
N ASP G 50 33.88 33.31 -1.88
CA ASP G 50 34.69 32.59 -0.89
CA ASP G 50 34.70 32.58 -0.91
C ASP G 50 35.90 33.41 -0.49
N GLU G 51 36.60 34.01 -1.46
CA GLU G 51 37.77 34.83 -1.14
C GLU G 51 37.39 36.05 -0.32
N MET G 52 36.21 36.61 -0.58
CA MET G 52 35.70 37.70 0.25
C MET G 52 35.55 37.26 1.70
N LYS G 53 35.00 36.07 1.91
CA LYS G 53 34.81 35.59 3.26
C LYS G 53 36.15 35.37 3.97
N HIS G 54 37.15 34.84 3.24
CA HIS G 54 38.48 34.66 3.81
C HIS G 54 39.10 36.00 4.18
N ALA G 55 38.98 37.00 3.30
CA ALA G 55 39.53 38.30 3.58
C ALA G 55 38.86 38.91 4.81
N ASP G 56 37.54 38.74 4.95
CA ASP G 56 36.85 39.18 6.16
C ASP G 56 37.50 38.56 7.40
N LYS G 57 37.71 37.23 7.40
CA LYS G 57 38.28 36.62 8.61
C LYS G 57 39.69 37.12 8.86
N LEU G 58 40.47 37.35 7.80
CA LEU G 58 41.83 37.84 7.99
C LEU G 58 41.82 39.24 8.57
N ILE G 59 40.95 40.12 8.05
CA ILE G 59 40.81 41.45 8.59
C ILE G 59 40.45 41.40 10.07
N GLU G 60 39.49 40.54 10.42
CA GLU G 60 39.06 40.44 11.81
C GLU G 60 40.22 39.98 12.71
N ARG G 61 41.00 39.00 12.25
CA ARG G 61 42.12 38.49 13.05
C ARG G 61 43.20 39.55 13.23
N ILE G 62 43.55 40.26 12.16
CA ILE G 62 44.55 41.32 12.24
C ILE G 62 44.14 42.37 13.26
N LEU G 63 42.88 42.81 13.20
CA LEU G 63 42.41 43.82 14.16
C LEU G 63 42.46 43.32 15.59
N PHE G 64 42.06 42.07 15.80
CA PHE G 64 42.15 41.48 17.13
C PHE G 64 43.59 41.52 17.65
N LEU G 65 44.55 41.23 16.77
CA LEU G 65 45.98 41.24 17.11
C LEU G 65 46.57 42.64 17.14
N GLU G 66 45.73 43.65 16.95
CA GLU G 66 46.11 45.04 17.10
C GLU G 66 47.06 45.49 15.99
N GLY G 67 46.87 44.90 14.80
CA GLY G 67 47.52 45.38 13.59
C GLY G 67 46.57 46.20 12.73
N LEU G 68 47.11 46.72 11.63
CA LEU G 68 46.35 47.51 10.68
C LEU G 68 46.14 46.71 9.40
N PRO G 69 44.92 46.28 9.09
CA PRO G 69 44.73 45.53 7.85
C PRO G 69 44.99 46.43 6.66
N ASN G 70 45.72 45.91 5.68
CA ASN G 70 46.08 46.69 4.48
C ASN G 70 45.09 46.36 3.37
N LEU G 71 44.11 47.26 3.14
CA LEU G 71 43.20 47.15 2.00
C LEU G 71 43.54 48.12 0.89
N GLN G 72 44.66 48.81 1.01
CA GLN G 72 45.03 49.87 0.08
C GLN G 72 45.90 49.37 -1.06
N ASP G 73 46.84 48.49 -0.77
CA ASP G 73 47.77 48.01 -1.78
C ASP G 73 47.11 46.83 -2.47
N LEU G 74 46.92 46.96 -3.77
CA LEU G 74 46.33 45.91 -4.58
C LEU G 74 47.37 45.47 -5.60
N GLY G 75 47.77 44.20 -5.54
CA GLY G 75 48.73 43.65 -6.46
C GLY G 75 48.13 43.42 -7.83
N LYS G 76 48.89 42.73 -8.67
CA LYS G 76 48.59 42.64 -10.09
C LYS G 76 47.51 41.58 -10.37
N LEU G 77 46.41 41.99 -10.99
CA LEU G 77 45.40 41.07 -11.47
C LEU G 77 45.87 40.35 -12.72
N LEU G 78 45.62 39.05 -12.78
CA LEU G 78 45.94 38.20 -13.93
C LEU G 78 44.63 37.91 -14.63
N ILE G 79 44.32 38.70 -15.65
CA ILE G 79 43.06 38.61 -16.38
C ILE G 79 43.33 37.90 -17.70
N GLY G 80 42.64 36.78 -17.94
CA GLY G 80 42.79 36.07 -19.19
C GLY G 80 41.95 36.68 -20.31
N GLU G 81 42.24 36.24 -21.54
CA GLU G 81 41.55 36.76 -22.70
C GLU G 81 40.61 35.74 -23.31
N ASN G 82 40.69 34.49 -22.86
CA ASN G 82 39.79 33.43 -23.26
C ASN G 82 39.71 32.46 -22.10
N THR G 83 38.81 31.47 -22.23
CA THR G 83 38.48 30.60 -21.10
C THR G 83 39.69 29.83 -20.58
N GLN G 84 40.47 29.20 -21.46
CA GLN G 84 41.64 28.48 -21.01
CA GLN G 84 41.63 28.47 -20.97
C GLN G 84 42.61 29.40 -20.25
N GLU G 85 42.84 30.60 -20.80
CA GLU G 85 43.81 31.48 -20.17
C GLU G 85 43.29 32.01 -18.84
N MET G 86 41.99 32.27 -18.76
CA MET G 86 41.41 32.74 -17.49
C MET G 86 41.57 31.69 -16.40
N LEU G 87 41.29 30.43 -16.72
CA LEU G 87 41.49 29.35 -15.75
C LEU G 87 42.94 29.22 -15.34
N GLN G 88 43.87 29.35 -16.30
CA GLN G 88 45.29 29.26 -15.97
C GLN G 88 45.74 30.43 -15.12
N CYS G 89 45.22 31.63 -15.39
CA CYS G 89 45.51 32.77 -14.54
C CYS G 89 45.02 32.54 -13.12
N ASP G 90 43.79 32.01 -12.96
CA ASP G 90 43.30 31.68 -11.62
C ASP G 90 44.23 30.68 -10.95
N LEU G 91 44.65 29.68 -11.70
CA LEU G 91 45.50 28.66 -11.12
C LEU G 91 46.86 29.24 -10.72
N ASN G 92 47.45 30.07 -11.57
CA ASN G 92 48.73 30.67 -11.20
C ASN G 92 48.60 31.49 -9.93
N LEU G 93 47.50 32.24 -9.80
CA LEU G 93 47.28 33.03 -8.59
C LEU G 93 47.15 32.11 -7.36
N GLU G 94 46.37 31.03 -7.48
CA GLU G 94 46.17 30.12 -6.35
C GLU G 94 47.47 29.48 -5.91
N LEU G 95 48.33 29.12 -6.86
CA LEU G 95 49.59 28.48 -6.50
C LEU G 95 50.51 29.44 -5.73
N LYS G 96 50.57 30.69 -6.14
CA LYS G 96 51.29 31.67 -5.32
C LYS G 96 50.62 31.80 -3.96
N ALA G 97 49.28 31.81 -3.94
CA ALA G 97 48.56 31.99 -2.67
C ALA G 97 48.87 30.87 -1.68
N THR G 98 48.90 29.63 -2.14
CA THR G 98 49.16 28.52 -1.22
C THR G 98 50.61 28.50 -0.77
N LYS G 99 51.54 28.93 -1.63
CA LYS G 99 52.92 29.09 -1.17
C LYS G 99 53.02 30.08 -0.01
N ASP G 100 52.40 31.23 -0.17
CA ASP G 100 52.42 32.22 0.89
C ASP G 100 51.71 31.72 2.15
N LEU G 101 50.60 30.98 2.00
CA LEU G 101 49.91 30.46 3.18
C LEU G 101 50.80 29.52 3.98
N ARG G 102 51.54 28.64 3.30
CA ARG G 102 52.42 27.71 3.99
C ARG G 102 53.51 28.45 4.74
N GLU G 103 54.11 29.44 4.11
CA GLU G 103 55.16 30.20 4.79
C GLU G 103 54.61 30.92 6.01
N ALA G 104 53.38 31.42 5.90
CA ALA G 104 52.74 32.08 7.02
C ALA G 104 52.45 31.09 8.15
N ILE G 105 52.04 29.86 7.82
CA ILE G 105 51.80 28.87 8.86
C ILE G 105 53.07 28.53 9.61
N VAL G 106 54.18 28.33 8.87
CA VAL G 106 55.45 28.08 9.51
C VAL G 106 55.72 29.13 10.57
N HIS G 107 55.50 30.40 10.23
CA HIS G 107 55.87 31.44 11.18
C HIS G 107 54.93 31.49 12.38
N CYS G 108 53.62 31.32 12.15
CA CYS G 108 52.68 31.21 13.27
C CYS G 108 53.10 30.11 14.22
N GLU G 109 53.47 28.94 13.68
CA GLU G 109 53.88 27.85 14.54
C GLU G 109 55.09 28.24 15.37
N GLN G 110 56.06 28.92 14.75
CA GLN G 110 57.31 29.23 15.43
C GLN G 110 57.08 30.16 16.62
N VAL G 111 56.15 31.11 16.49
CA VAL G 111 55.88 32.04 17.57
C VAL G 111 54.66 31.62 18.40
N HIS G 112 54.14 30.42 18.20
CA HIS G 112 53.09 29.84 19.03
C HIS G 112 51.74 30.53 18.87
N ASP G 113 51.49 31.18 17.72
CA ASP G 113 50.18 31.75 17.44
C ASP G 113 49.33 30.66 16.77
N TYR G 114 48.85 29.75 17.61
CA TYR G 114 48.20 28.55 17.08
C TYR G 114 46.83 28.86 16.51
N VAL G 115 46.17 29.91 17.00
CA VAL G 115 44.85 30.25 16.47
C VAL G 115 44.98 30.81 15.07
N SER G 116 45.94 31.72 14.86
CA SER G 116 46.19 32.22 13.49
C SER G 116 46.56 31.09 12.55
N ARG G 117 47.36 30.13 13.03
CA ARG G 117 47.68 28.98 12.19
C ARG G 117 46.42 28.23 11.79
N ASP G 118 45.52 28.02 12.74
CA ASP G 118 44.30 27.27 12.44
C ASP G 118 43.45 27.99 11.39
N LEU G 119 43.32 29.31 11.51
CA LEU G 119 42.63 30.10 10.50
C LEU G 119 43.28 29.93 9.12
N LEU G 120 44.61 30.02 9.06
CA LEU G 120 45.30 29.89 7.78
C LEU G 120 45.18 28.48 7.20
N LYS G 121 45.19 27.46 8.07
CA LYS G 121 44.99 26.10 7.59
C LYS G 121 43.61 25.96 6.93
N ASP G 122 42.57 26.54 7.55
CA ASP G 122 41.23 26.47 6.97
C ASP G 122 41.19 27.15 5.60
N ILE G 123 41.83 28.32 5.48
CA ILE G 123 41.89 29.02 4.20
C ILE G 123 42.65 28.16 3.19
N LEU G 124 43.74 27.53 3.62
CA LEU G 124 44.52 26.68 2.73
C LEU G 124 43.70 25.52 2.21
N GLU G 125 42.85 24.93 3.07
CA GLU G 125 41.96 23.87 2.60
C GLU G 125 41.02 24.38 1.52
N SER G 126 40.48 25.59 1.69
N SER G 126 40.44 25.57 1.70
CA SER G 126 39.61 26.18 0.67
CA SER G 126 39.61 26.15 0.65
C SER G 126 40.37 26.49 -0.62
C SER G 126 40.43 26.36 -0.63
N GLU G 127 41.63 26.93 -0.50
CA GLU G 127 42.40 27.27 -1.70
C GLU G 127 42.82 26.01 -2.45
N GLU G 128 43.15 24.95 -1.72
CA GLU G 128 43.47 23.68 -2.37
C GLU G 128 42.26 23.06 -3.05
N GLU G 129 41.06 23.23 -2.49
CA GLU G 129 39.87 22.80 -3.22
C GLU G 129 39.71 23.60 -4.51
N HIS G 130 40.02 24.90 -4.48
CA HIS G 130 39.94 25.69 -5.71
C HIS G 130 40.97 25.22 -6.74
N ILE G 131 42.19 24.91 -6.30
CA ILE G 131 43.19 24.35 -7.21
C ILE G 131 42.69 23.05 -7.81
N ASP G 132 42.14 22.16 -7.00
CA ASP G 132 41.54 20.92 -7.51
C ASP G 132 40.54 21.21 -8.63
N TYR G 133 39.65 22.17 -8.40
CA TYR G 133 38.66 22.54 -9.41
C TYR G 133 39.31 23.03 -10.69
N LEU G 134 40.29 23.95 -10.56
CA LEU G 134 40.93 24.54 -11.73
C LEU G 134 41.71 23.50 -12.52
N GLU G 135 42.53 22.70 -11.85
CA GLU G 135 43.26 21.64 -12.55
C GLU G 135 42.31 20.70 -13.26
N THR G 136 41.18 20.39 -12.62
CA THR G 136 40.21 19.50 -13.23
C THR G 136 39.59 20.13 -14.47
N GLN G 137 39.24 21.42 -14.41
CA GLN G 137 38.66 22.07 -15.58
C GLN G 137 39.64 22.06 -16.74
N LEU G 138 40.91 22.38 -16.48
CA LEU G 138 41.90 22.38 -17.54
C LEU G 138 42.07 20.99 -18.14
N GLY G 139 42.05 19.96 -17.30
CA GLY G 139 42.10 18.61 -17.80
C GLY G 139 40.87 18.24 -18.61
N LEU G 140 39.70 18.71 -18.18
CA LEU G 140 38.48 18.38 -18.92
C LEU G 140 38.51 18.97 -20.31
N ILE G 141 39.06 20.18 -20.44
CA ILE G 141 39.19 20.79 -21.76
C ILE G 141 39.95 19.88 -22.70
N GLN G 142 40.99 19.21 -22.18
CA GLN G 142 41.78 18.28 -22.99
C GLN G 142 41.01 16.99 -23.29
N LYS G 143 40.22 16.51 -22.34
CA LYS G 143 39.53 15.23 -22.52
C LYS G 143 38.30 15.35 -23.40
N VAL G 144 37.51 16.42 -23.27
CA VAL G 144 36.28 16.54 -24.05
C VAL G 144 36.42 17.49 -25.22
N GLY G 145 37.50 18.25 -25.30
CA GLY G 145 37.64 19.31 -26.30
C GLY G 145 37.05 20.63 -25.85
N LEU G 146 37.64 21.72 -26.34
CA LEU G 146 37.23 23.03 -25.86
C LEU G 146 35.77 23.32 -26.20
N GLU G 147 35.33 22.98 -27.41
CA GLU G 147 33.97 23.30 -27.81
C GLU G 147 32.94 22.60 -26.94
N ASN G 148 33.14 21.31 -26.63
CA ASN G 148 32.25 20.63 -25.70
C ASN G 148 32.37 21.24 -24.30
N TYR G 149 33.60 21.55 -23.87
CA TYR G 149 33.77 22.10 -22.52
C TYR G 149 32.96 23.37 -22.36
N LEU G 150 33.06 24.27 -23.34
CA LEU G 150 32.31 25.50 -23.30
C LEU G 150 30.81 25.23 -23.40
N GLN G 151 30.40 24.31 -24.29
CA GLN G 151 28.99 23.96 -24.38
C GLN G 151 28.43 23.54 -23.02
N SER G 152 29.17 22.71 -22.28
CA SER G 152 28.74 22.21 -20.99
C SER G 152 28.65 23.29 -19.92
N HIS G 153 29.14 24.50 -20.18
CA HIS G 153 29.11 25.59 -19.22
C HIS G 153 28.27 26.76 -19.68
N MET G 154 27.41 26.54 -20.70
CA MET G 154 26.51 27.57 -21.15
C MET G 154 25.35 27.79 -20.17
N HIS G 155 24.75 26.71 -19.70
CA HIS G 155 23.51 26.80 -18.94
C HIS G 155 23.74 26.43 -17.48
N GLU G 156 23.12 27.20 -16.59
CA GLU G 156 23.25 27.01 -15.14
C GLU G 156 22.43 25.84 -14.60
N MET H 1 -30.75 -25.33 16.24
CA MET H 1 -30.33 -26.38 17.23
C MET H 1 -31.48 -26.63 18.18
N LYS H 2 -31.99 -27.87 18.24
CA LYS H 2 -33.21 -28.12 19.00
C LYS H 2 -32.96 -27.90 20.48
N GLY H 3 -33.66 -26.95 21.07
CA GLY H 3 -33.51 -26.67 22.49
C GLY H 3 -34.45 -27.51 23.35
N ASP H 4 -34.17 -27.48 24.65
CA ASP H 4 -35.05 -28.09 25.64
C ASP H 4 -36.39 -27.36 25.68
N LYS H 5 -37.49 -28.11 25.58
CA LYS H 5 -38.82 -27.48 25.51
C LYS H 5 -39.10 -26.61 26.72
N LYS H 6 -38.70 -27.07 27.91
CA LYS H 6 -39.00 -26.26 29.09
C LYS H 6 -38.09 -25.04 29.18
N VAL H 7 -36.85 -25.13 28.69
CA VAL H 7 -36.02 -23.93 28.57
C VAL H 7 -36.72 -22.87 27.72
N ILE H 8 -37.24 -23.28 26.56
CA ILE H 8 -37.90 -22.35 25.67
C ILE H 8 -39.12 -21.73 26.35
N GLN H 9 -39.86 -22.52 27.11
CA GLN H 9 -41.00 -21.96 27.84
C GLN H 9 -40.52 -20.95 28.88
N HIS H 10 -39.41 -21.23 29.56
CA HIS H 10 -38.84 -20.23 30.47
C HIS H 10 -38.46 -18.96 29.73
N LEU H 11 -37.77 -19.12 28.59
CA LEU H 11 -37.35 -17.96 27.83
C LEU H 11 -38.56 -17.13 27.37
N ASN H 12 -39.62 -17.81 26.94
CA ASN H 12 -40.84 -17.08 26.56
C ASN H 12 -41.48 -16.39 27.75
N LYS H 13 -41.36 -16.96 28.96
CA LYS H 13 -41.89 -16.28 30.13
C LYS H 13 -41.08 -15.03 30.47
N ILE H 14 -39.73 -15.12 30.41
CA ILE H 14 -38.90 -13.93 30.61
C ILE H 14 -39.20 -12.89 29.55
N LEU H 15 -39.32 -13.33 28.28
CA LEU H 15 -39.65 -12.40 27.21
C LEU H 15 -40.97 -11.69 27.50
N GLY H 16 -41.96 -12.45 27.97
CA GLY H 16 -43.22 -11.84 28.35
C GLY H 16 -43.04 -10.77 29.41
N ASN H 17 -42.16 -11.02 30.38
CA ASN H 17 -41.88 -10.01 31.39
C ASN H 17 -41.23 -8.78 30.76
N GLU H 18 -40.29 -8.99 29.83
CA GLU H 18 -39.63 -7.85 29.20
C GLU H 18 -40.61 -7.04 28.39
N LEU H 19 -41.54 -7.72 27.71
CA LEU H 19 -42.53 -7.02 26.90
C LEU H 19 -43.44 -6.12 27.74
N ILE H 20 -43.86 -6.59 28.92
CA ILE H 20 -44.59 -5.71 29.84
C ILE H 20 -43.74 -4.49 30.20
N ALA H 21 -42.50 -4.76 30.60
CA ALA H 21 -41.62 -3.69 31.06
C ALA H 21 -41.35 -2.67 29.94
N ILE H 22 -41.17 -3.12 28.69
CA ILE H 22 -41.00 -2.15 27.61
C ILE H 22 -42.13 -1.12 27.63
N ASN H 23 -43.38 -1.61 27.64
CA ASN H 23 -44.53 -0.71 27.51
C ASN H 23 -44.76 0.12 28.76
N GLN H 24 -44.61 -0.49 29.93
CA GLN H 24 -44.78 0.22 31.19
C GLN H 24 -43.78 1.34 31.34
N TYR H 25 -42.49 1.05 31.10
CA TYR H 25 -41.46 2.08 31.21
C TYR H 25 -41.62 3.13 30.13
N PHE H 26 -42.01 2.72 28.93
CA PHE H 26 -42.17 3.73 27.89
C PHE H 26 -43.31 4.69 28.23
N LEU H 27 -44.43 4.16 28.72
CA LEU H 27 -45.54 5.04 29.09
C LEU H 27 -45.17 5.93 30.27
N HIS H 28 -44.52 5.36 31.29
CA HIS H 28 -44.08 6.18 32.41
C HIS H 28 -43.14 7.29 31.95
N SER H 29 -42.23 6.98 31.03
CA SER H 29 -41.31 7.96 30.49
C SER H 29 -42.06 9.12 29.87
N ARG H 30 -43.04 8.81 29.03
CA ARG H 30 -43.73 9.85 28.30
C ARG H 30 -44.69 10.63 29.22
N MET H 31 -45.21 9.99 30.27
CA MET H 31 -45.96 10.74 31.30
C MET H 31 -45.06 11.75 32.00
N TRP H 32 -43.88 11.31 32.43
CA TRP H 32 -42.96 12.22 33.09
C TRP H 32 -42.57 13.36 32.16
N ASN H 33 -42.32 13.07 30.88
CA ASN H 33 -42.01 14.18 29.97
C ASN H 33 -43.19 15.16 29.86
N ASP H 34 -44.39 14.62 29.70
CA ASP H 34 -45.56 15.48 29.61
C ASP H 34 -45.69 16.37 30.83
N TRP H 35 -45.34 15.85 32.02
CA TRP H 35 -45.45 16.63 33.26
C TRP H 35 -44.27 17.58 33.47
N GLY H 36 -43.33 17.64 32.54
CA GLY H 36 -42.17 18.50 32.68
C GLY H 36 -41.03 17.93 33.49
N LEU H 37 -41.09 16.66 33.85
CA LEU H 37 -40.05 16.01 34.65
C LEU H 37 -39.10 15.25 33.71
N LYS H 38 -38.36 16.04 32.93
CA LYS H 38 -37.67 15.50 31.75
C LYS H 38 -36.49 14.61 32.12
N ARG H 39 -35.86 14.82 33.28
CA ARG H 39 -34.76 13.93 33.67
C ARG H 39 -35.28 12.54 34.03
N LEU H 40 -36.44 12.47 34.71
CA LEU H 40 -37.08 11.18 34.92
C LEU H 40 -37.52 10.58 33.60
N GLY H 41 -38.10 11.40 32.72
CA GLY H 41 -38.54 10.89 31.43
C GLY H 41 -37.40 10.27 30.62
N ALA H 42 -36.25 10.95 30.60
CA ALA H 42 -35.10 10.44 29.84
C ALA H 42 -34.56 9.18 30.48
N HIS H 43 -34.45 9.15 31.80
CA HIS H 43 -33.93 7.95 32.42
C HIS H 43 -34.85 6.77 32.19
N GLU H 44 -36.15 6.99 32.33
CA GLU H 44 -37.13 5.92 32.14
C GLU H 44 -37.16 5.45 30.70
N TYR H 45 -36.98 6.36 29.73
CA TYR H 45 -36.84 5.98 28.33
C TYR H 45 -35.66 5.02 28.15
N HIS H 46 -34.52 5.33 28.76
CA HIS H 46 -33.37 4.44 28.59
C HIS H 46 -33.62 3.10 29.25
N GLU H 47 -34.37 3.06 30.35
CA GLU H 47 -34.76 1.77 30.91
C GLU H 47 -35.61 0.98 29.91
N SER H 48 -36.56 1.66 29.24
CA SER H 48 -37.39 1.00 28.24
C SER H 48 -36.54 0.42 27.11
N ILE H 49 -35.58 1.21 26.62
CA ILE H 49 -34.67 0.78 25.56
C ILE H 49 -33.89 -0.47 26.01
N ASP H 50 -33.40 -0.45 27.25
CA ASP H 50 -32.67 -1.61 27.78
CA ASP H 50 -32.67 -1.60 27.79
C ASP H 50 -33.51 -2.87 27.71
N GLU H 51 -34.78 -2.78 28.10
CA GLU H 51 -35.67 -3.94 28.05
C GLU H 51 -35.92 -4.39 26.63
N MET H 52 -36.00 -3.43 25.70
CA MET H 52 -36.11 -3.76 24.28
C MET H 52 -34.94 -4.58 23.80
N LYS H 53 -33.73 -4.20 24.21
CA LYS H 53 -32.54 -4.95 23.83
C LYS H 53 -32.54 -6.34 24.44
N HIS H 54 -32.96 -6.47 25.70
CA HIS H 54 -33.10 -7.81 26.28
C HIS H 54 -34.11 -8.65 25.51
N ALA H 55 -35.28 -8.07 25.18
CA ALA H 55 -36.28 -8.82 24.45
C ALA H 55 -35.73 -9.31 23.11
N ASP H 56 -35.00 -8.44 22.40
CA ASP H 56 -34.34 -8.84 21.15
C ASP H 56 -33.46 -10.09 21.35
N LYS H 57 -32.59 -10.09 22.36
CA LYS H 57 -31.69 -11.23 22.57
C LYS H 57 -32.47 -12.50 22.93
N LEU H 58 -33.55 -12.38 23.69
CA LEU H 58 -34.38 -13.54 24.02
C LEU H 58 -35.07 -14.08 22.77
N ILE H 59 -35.59 -13.20 21.91
CA ILE H 59 -36.21 -13.63 20.66
C ILE H 59 -35.21 -14.40 19.80
N GLU H 60 -34.01 -13.83 19.66
CA GLU H 60 -32.97 -14.43 18.86
C GLU H 60 -32.61 -15.81 19.40
N ARG H 61 -32.52 -15.93 20.73
CA ARG H 61 -32.15 -17.21 21.33
C ARG H 61 -33.25 -18.25 21.12
N ILE H 62 -34.51 -17.87 21.31
CA ILE H 62 -35.62 -18.80 21.10
C ILE H 62 -35.62 -19.31 19.68
N LEU H 63 -35.42 -18.42 18.72
CA LEU H 63 -35.42 -18.84 17.32
C LEU H 63 -34.25 -19.77 17.02
N PHE H 64 -33.07 -19.46 17.53
CA PHE H 64 -31.94 -20.38 17.36
C PHE H 64 -32.28 -21.77 17.91
N LEU H 65 -32.95 -21.84 19.06
CA LEU H 65 -33.32 -23.10 19.68
C LEU H 65 -34.55 -23.73 19.04
N GLU H 66 -35.05 -23.17 17.94
CA GLU H 66 -36.15 -23.74 17.16
C GLU H 66 -37.47 -23.69 17.93
N GLY H 67 -37.62 -22.70 18.82
CA GLY H 67 -38.90 -22.40 19.44
C GLY H 67 -39.60 -21.22 18.75
N LEU H 68 -40.81 -20.94 19.24
CA LEU H 68 -41.62 -19.85 18.69
C LEU H 68 -41.69 -18.71 19.71
N PRO H 69 -41.05 -17.58 19.47
CA PRO H 69 -41.10 -16.49 20.45
C PRO H 69 -42.52 -15.97 20.57
N ASN H 70 -42.99 -15.74 21.79
CA ASN H 70 -44.37 -15.29 22.00
C ASN H 70 -44.38 -13.76 22.18
N LEU H 71 -44.73 -13.04 21.12
CA LEU H 71 -44.93 -11.58 21.20
C LEU H 71 -46.40 -11.20 21.23
N GLN H 72 -47.29 -12.17 21.30
CA GLN H 72 -48.73 -11.94 21.21
C GLN H 72 -49.37 -11.72 22.58
N ASP H 73 -48.95 -12.48 23.58
CA ASP H 73 -49.56 -12.41 24.90
C ASP H 73 -48.84 -11.33 25.70
N LEU H 74 -49.59 -10.34 26.14
CA LEU H 74 -49.05 -9.23 26.91
C LEU H 74 -49.73 -9.24 28.26
N GLY H 75 -48.95 -9.39 29.33
CA GLY H 75 -49.48 -9.37 30.66
C GLY H 75 -49.84 -7.96 31.12
N LYS H 76 -50.15 -7.86 32.41
CA LYS H 76 -50.75 -6.67 32.98
C LYS H 76 -49.67 -5.60 33.20
N LEU H 77 -49.89 -4.42 32.61
CA LEU H 77 -49.06 -3.26 32.91
C LEU H 77 -49.47 -2.66 34.25
N LEU H 78 -48.46 -2.26 35.02
CA LEU H 78 -48.64 -1.57 36.30
C LEU H 78 -48.30 -0.10 36.07
N ILE H 79 -49.33 0.72 35.86
CA ILE H 79 -49.16 2.13 35.55
C ILE H 79 -49.49 2.96 36.79
N GLY H 80 -48.56 3.76 37.25
CA GLY H 80 -48.85 4.61 38.38
C GLY H 80 -49.57 5.91 37.98
N GLU H 81 -50.10 6.59 38.99
CA GLU H 81 -50.79 7.86 38.78
C GLU H 81 -50.00 9.06 39.26
N ASN H 82 -48.88 8.81 39.97
CA ASN H 82 -47.97 9.87 40.37
C ASN H 82 -46.58 9.25 40.45
N THR H 83 -45.58 10.10 40.66
CA THR H 83 -44.19 9.67 40.54
C THR H 83 -43.87 8.53 41.50
N GLN H 84 -44.27 8.68 42.76
CA GLN H 84 -43.99 7.64 43.75
C GLN H 84 -44.61 6.31 43.34
N GLU H 85 -45.85 6.32 42.85
CA GLU H 85 -46.50 5.06 42.48
C GLU H 85 -45.85 4.46 41.26
N MET H 86 -45.44 5.30 40.31
CA MET H 86 -44.85 4.80 39.08
C MET H 86 -43.54 4.08 39.39
N LEU H 87 -42.73 4.68 40.27
CA LEU H 87 -41.49 4.03 40.69
C LEU H 87 -41.77 2.72 41.42
N GLN H 88 -42.75 2.71 42.31
CA GLN H 88 -43.07 1.47 43.01
C GLN H 88 -43.63 0.42 42.04
N CYS H 89 -44.41 0.84 41.04
CA CYS H 89 -44.90 -0.11 40.04
C CYS H 89 -43.73 -0.71 39.25
N ASP H 90 -42.77 0.12 38.84
CA ASP H 90 -41.58 -0.42 38.18
C ASP H 90 -40.88 -1.43 39.08
N LEU H 91 -40.73 -1.09 40.37
CA LEU H 91 -40.01 -1.95 41.30
C LEU H 91 -40.75 -3.27 41.50
N ASN H 92 -42.07 -3.21 41.68
CA ASN H 92 -42.83 -4.47 41.81
C ASN H 92 -42.66 -5.36 40.58
N LEU H 93 -42.71 -4.76 39.39
CA LEU H 93 -42.51 -5.55 38.17
C LEU H 93 -41.11 -6.16 38.12
N GLU H 94 -40.07 -5.39 38.47
CA GLU H 94 -38.69 -5.89 38.43
C GLU H 94 -38.49 -7.05 39.41
N LEU H 95 -39.10 -6.97 40.60
CA LEU H 95 -38.93 -8.03 41.59
C LEU H 95 -39.59 -9.31 41.13
N LYS H 96 -40.74 -9.21 40.45
CA LYS H 96 -41.28 -10.39 39.78
C LYS H 96 -40.33 -10.87 38.70
N ALA H 97 -39.76 -9.94 37.92
CA ALA H 97 -38.89 -10.34 36.82
C ALA H 97 -37.67 -11.11 37.31
N THR H 98 -37.04 -10.66 38.41
CA THR H 98 -35.84 -11.35 38.88
C THR H 98 -36.15 -12.70 39.52
N LYS H 99 -37.31 -12.85 40.16
CA LYS H 99 -37.73 -14.18 40.62
C LYS H 99 -37.88 -15.16 39.44
N ASP H 100 -38.54 -14.73 38.37
CA ASP H 100 -38.68 -15.60 37.21
C ASP H 100 -37.32 -15.91 36.57
N LEU H 101 -36.41 -14.93 36.53
CA LEU H 101 -35.09 -15.17 35.95
C LEU H 101 -34.34 -16.25 36.73
N ARG H 102 -34.39 -16.19 38.06
CA ARG H 102 -33.73 -17.18 38.89
C ARG H 102 -34.28 -18.57 38.63
N GLU H 103 -35.61 -18.71 38.55
CA GLU H 103 -36.17 -20.05 38.29
C GLU H 103 -35.78 -20.55 36.92
N ALA H 104 -35.68 -19.65 35.94
CA ALA H 104 -35.24 -20.07 34.61
C ALA H 104 -33.80 -20.52 34.62
N ILE H 105 -32.93 -19.81 35.33
CA ILE H 105 -31.52 -20.19 35.38
C ILE H 105 -31.35 -21.57 36.03
N VAL H 106 -32.05 -21.80 37.14
CA VAL H 106 -32.06 -23.13 37.74
C VAL H 106 -32.32 -24.19 36.70
N HIS H 107 -33.36 -24.00 35.90
CA HIS H 107 -33.70 -25.03 34.93
C HIS H 107 -32.64 -25.14 33.84
N CYS H 108 -32.12 -24.02 33.32
CA CYS H 108 -31.05 -24.10 32.35
C CYS H 108 -29.85 -24.90 32.87
N GLU H 109 -29.48 -24.66 34.12
CA GLU H 109 -28.34 -25.38 34.70
C GLU H 109 -28.64 -26.87 34.71
N GLN H 110 -29.86 -27.24 35.09
CA GLN H 110 -30.19 -28.66 35.24
C GLN H 110 -30.14 -29.41 33.92
N VAL H 111 -30.53 -28.77 32.81
CA VAL H 111 -30.47 -29.42 31.51
C VAL H 111 -29.22 -29.06 30.72
N HIS H 112 -28.25 -28.37 31.35
CA HIS H 112 -26.93 -28.10 30.78
C HIS H 112 -26.97 -27.11 29.61
N ASP H 113 -27.97 -26.24 29.57
CA ASP H 113 -28.03 -25.17 28.57
C ASP H 113 -27.31 -23.96 29.16
N TYR H 114 -25.98 -24.05 29.12
CA TYR H 114 -25.13 -23.10 29.81
C TYR H 114 -25.11 -21.76 29.09
N VAL H 115 -25.33 -21.73 27.78
CA VAL H 115 -25.40 -20.47 27.06
C VAL H 115 -26.68 -19.71 27.40
N SER H 116 -27.83 -20.40 27.45
CA SER H 116 -29.05 -19.72 27.88
C SER H 116 -28.93 -19.21 29.30
N ARG H 117 -28.28 -19.99 30.17
CA ARG H 117 -28.06 -19.50 31.51
C ARG H 117 -27.25 -18.21 31.49
N ASP H 118 -26.20 -18.17 30.66
CA ASP H 118 -25.34 -16.99 30.63
C ASP H 118 -26.11 -15.75 30.17
N LEU H 119 -26.95 -15.92 29.14
CA LEU H 119 -27.82 -14.83 28.69
C LEU H 119 -28.72 -14.33 29.82
N LEU H 120 -29.38 -15.26 30.52
CA LEU H 120 -30.29 -14.89 31.59
C LEU H 120 -29.56 -14.22 32.74
N LYS H 121 -28.34 -14.69 33.05
CA LYS H 121 -27.55 -14.06 34.09
C LYS H 121 -27.23 -12.62 33.73
N ASP H 122 -26.86 -12.38 32.46
CA ASP H 122 -26.62 -11.01 31.98
C ASP H 122 -27.88 -10.15 32.10
N ILE H 123 -29.04 -10.69 31.73
CA ILE H 123 -30.27 -9.91 31.89
C ILE H 123 -30.55 -9.63 33.37
N LEU H 124 -30.34 -10.63 34.21
CA LEU H 124 -30.54 -10.49 35.64
C LEU H 124 -29.63 -9.43 36.23
N GLU H 125 -28.37 -9.34 35.77
CA GLU H 125 -27.50 -8.27 36.23
C GLU H 125 -28.09 -6.89 35.89
N SER H 126 -28.65 -6.75 34.69
N SER H 126 -28.63 -6.74 34.68
CA SER H 126 -29.27 -5.50 34.29
CA SER H 126 -29.27 -5.48 34.33
C SER H 126 -30.52 -5.22 35.13
C SER H 126 -30.49 -5.22 35.21
N GLU H 127 -31.31 -6.24 35.44
CA GLU H 127 -32.54 -5.98 36.23
C GLU H 127 -32.19 -5.63 37.67
N GLU H 128 -31.13 -6.22 38.22
CA GLU H 128 -30.71 -5.85 39.57
C GLU H 128 -30.19 -4.42 39.61
N GLU H 129 -29.50 -3.96 38.55
CA GLU H 129 -29.12 -2.56 38.47
C GLU H 129 -30.34 -1.65 38.41
N HIS H 130 -31.38 -2.07 37.70
CA HIS H 130 -32.61 -1.29 37.67
C HIS H 130 -33.28 -1.25 39.05
N ILE H 131 -33.27 -2.37 39.78
CA ILE H 131 -33.82 -2.39 41.14
C ILE H 131 -33.03 -1.43 42.05
N ASP H 132 -31.70 -1.46 41.96
CA ASP H 132 -30.87 -0.50 42.69
C ASP H 132 -31.30 0.93 42.40
N TYR H 133 -31.47 1.25 41.12
CA TYR H 133 -31.91 2.60 40.75
C TYR H 133 -33.26 2.93 41.39
N LEU H 134 -34.23 2.01 41.28
CA LEU H 134 -35.57 2.30 41.75
C LEU H 134 -35.60 2.43 43.29
N GLU H 135 -34.99 1.48 43.99
CA GLU H 135 -34.91 1.57 45.45
C GLU H 135 -34.24 2.87 45.87
N THR H 136 -33.17 3.27 45.16
CA THR H 136 -32.47 4.50 45.48
C THR H 136 -33.35 5.73 45.25
N GLN H 137 -34.13 5.75 44.16
CA GLN H 137 -35.01 6.89 43.93
C GLN H 137 -36.06 7.00 45.04
N LEU H 138 -36.67 5.88 45.43
CA LEU H 138 -37.66 5.91 46.49
C LEU H 138 -37.03 6.34 47.81
N GLY H 139 -35.78 5.95 48.06
CA GLY H 139 -35.11 6.45 49.26
C GLY H 139 -34.86 7.95 49.19
N LEU H 140 -34.47 8.46 48.03
CA LEU H 140 -34.18 9.88 47.90
C LEU H 140 -35.43 10.72 48.15
N ILE H 141 -36.59 10.25 47.69
CA ILE H 141 -37.83 10.98 47.97
C ILE H 141 -37.98 11.19 49.47
N GLN H 142 -37.65 10.17 50.27
CA GLN H 142 -37.73 10.30 51.72
C GLN H 142 -36.66 11.25 52.27
N LYS H 143 -35.46 11.25 51.71
CA LYS H 143 -34.36 12.03 52.28
C LYS H 143 -34.48 13.50 51.92
N VAL H 144 -34.85 13.81 50.68
CA VAL H 144 -34.93 15.20 50.25
C VAL H 144 -36.35 15.74 50.21
N GLY H 145 -37.36 14.88 50.34
CA GLY H 145 -38.74 15.31 50.17
C GLY H 145 -39.17 15.30 48.71
N LEU H 146 -40.46 15.04 48.51
CA LEU H 146 -40.98 14.87 47.15
C LEU H 146 -40.81 16.12 46.30
N GLU H 147 -41.09 17.30 46.87
CA GLU H 147 -40.99 18.52 46.08
C GLU H 147 -39.56 18.74 45.57
N ASN H 148 -38.56 18.55 46.43
CA ASN H 148 -37.17 18.68 45.97
C ASN H 148 -36.84 17.57 44.97
N TYR H 149 -37.28 16.34 45.25
CA TYR H 149 -36.96 15.23 44.35
C TYR H 149 -37.47 15.52 42.95
N LEU H 150 -38.72 15.97 42.85
CA LEU H 150 -39.27 16.28 41.54
C LEU H 150 -38.55 17.48 40.94
N GLN H 151 -38.29 18.51 41.74
CA GLN H 151 -37.55 19.66 41.24
C GLN H 151 -36.25 19.22 40.57
N SER H 152 -35.55 18.29 41.19
CA SER H 152 -34.26 17.82 40.68
C SER H 152 -34.38 17.05 39.39
N HIS H 153 -35.59 16.70 38.96
CA HIS H 153 -35.78 15.91 37.76
C HIS H 153 -36.53 16.69 36.68
N MET H 154 -36.64 18.01 36.84
CA MET H 154 -37.26 18.85 35.83
C MET H 154 -36.38 19.02 34.61
N HIS H 155 -35.10 19.30 34.83
CA HIS H 155 -34.18 19.65 33.77
C HIS H 155 -33.12 18.57 33.59
N GLU H 156 -32.74 18.32 32.36
CA GLU H 156 -31.69 17.33 32.09
C GLU H 156 -30.32 17.91 32.38
N MET I 1 47.47 18.58 -8.25
CA MET I 1 48.57 19.34 -7.59
C MET I 1 49.66 18.35 -7.19
N LYS I 2 50.90 18.54 -7.64
CA LYS I 2 51.90 17.51 -7.41
C LYS I 2 52.25 17.46 -5.93
N GLY I 3 52.02 16.33 -5.29
CA GLY I 3 52.35 16.18 -3.90
C GLY I 3 53.77 15.69 -3.70
N ASP I 4 54.21 15.77 -2.44
CA ASP I 4 55.49 15.20 -2.03
C ASP I 4 55.47 13.67 -2.13
N LYS I 5 56.51 13.09 -2.72
CA LYS I 5 56.55 11.64 -2.94
C LYS I 5 56.43 10.87 -1.63
N LYS I 6 57.11 11.31 -0.59
CA LYS I 6 57.05 10.55 0.66
C LYS I 6 55.73 10.75 1.39
N VAL I 7 55.10 11.92 1.25
CA VAL I 7 53.74 12.09 1.80
C VAL I 7 52.84 11.03 1.21
N ILE I 8 52.89 10.86 -0.12
CA ILE I 8 52.06 9.86 -0.80
C ILE I 8 52.39 8.47 -0.29
N GLN I 9 53.67 8.16 -0.10
CA GLN I 9 54.04 6.86 0.48
C GLN I 9 53.46 6.70 1.86
N HIS I 10 53.50 7.76 2.69
CA HIS I 10 52.88 7.69 4.01
C HIS I 10 51.37 7.51 3.89
N LEU I 11 50.73 8.28 3.01
CA LEU I 11 49.28 8.14 2.82
C LEU I 11 48.92 6.72 2.37
N ASN I 12 49.73 6.12 1.48
CA ASN I 12 49.47 4.74 1.05
C ASN I 12 49.67 3.76 2.19
N LYS I 13 50.57 4.08 3.10
CA LYS I 13 50.76 3.20 4.25
C LYS I 13 49.55 3.26 5.19
N ILE I 14 49.06 4.47 5.49
CA ILE I 14 47.87 4.60 6.34
C ILE I 14 46.68 3.90 5.68
N LEU I 15 46.52 4.10 4.37
CA LEU I 15 45.48 3.42 3.61
C LEU I 15 45.61 1.91 3.71
N GLY I 16 46.83 1.40 3.59
CA GLY I 16 47.04 -0.03 3.75
C GLY I 16 46.58 -0.51 5.11
N ASN I 17 46.84 0.28 6.16
CA ASN I 17 46.33 -0.07 7.49
C ASN I 17 44.80 -0.05 7.53
N GLU I 18 44.19 0.94 6.88
CA GLU I 18 42.73 1.01 6.91
C GLU I 18 42.13 -0.18 6.15
N LEU I 19 42.75 -0.57 5.02
CA LEU I 19 42.24 -1.70 4.25
C LEU I 19 42.29 -2.99 5.05
N ILE I 20 43.35 -3.21 5.83
CA ILE I 20 43.38 -4.35 6.75
C ILE I 20 42.23 -4.25 7.74
N ALA I 21 42.07 -3.07 8.35
CA ALA I 21 41.06 -2.90 9.39
C ALA I 21 39.65 -3.11 8.84
N ILE I 22 39.38 -2.61 7.64
CA ILE I 22 38.07 -2.82 7.03
C ILE I 22 37.72 -4.30 7.05
N ASN I 23 38.62 -5.12 6.50
CA ASN I 23 38.36 -6.55 6.37
C ASN I 23 38.35 -7.26 7.73
N GLN I 24 39.29 -6.92 8.61
CA GLN I 24 39.32 -7.54 9.92
C GLN I 24 38.07 -7.22 10.74
N TYR I 25 37.67 -5.94 10.75
CA TYR I 25 36.48 -5.58 11.52
C TYR I 25 35.21 -6.15 10.89
N PHE I 26 35.14 -6.17 9.56
CA PHE I 26 33.94 -6.73 8.94
C PHE I 26 33.79 -8.21 9.23
N LEU I 27 34.89 -8.97 9.16
CA LEU I 27 34.81 -10.40 9.48
C LEU I 27 34.48 -10.61 10.95
N HIS I 28 35.16 -9.90 11.84
CA HIS I 28 34.81 -10.02 13.26
C HIS I 28 33.33 -9.69 13.50
N SER I 29 32.82 -8.65 12.85
CA SER I 29 31.42 -8.29 12.97
C SER I 29 30.52 -9.47 12.63
N ARG I 30 30.75 -10.09 11.46
CA ARG I 30 29.90 -11.17 10.98
C ARG I 30 30.08 -12.45 11.80
N MET I 31 31.26 -12.65 12.37
CA MET I 31 31.45 -13.76 13.32
C MET I 31 30.61 -13.55 14.56
N TRP I 32 30.65 -12.33 15.11
CA TRP I 32 29.84 -12.04 16.28
C TRP I 32 28.35 -12.19 15.96
N ASN I 33 27.92 -11.73 14.78
CA ASN I 33 26.51 -11.93 14.43
C ASN I 33 26.18 -13.41 14.34
N ASP I 34 27.04 -14.18 13.68
CA ASP I 34 26.81 -15.62 13.57
C ASP I 34 26.66 -16.26 14.95
N TRP I 35 27.43 -15.80 15.93
CA TRP I 35 27.36 -16.34 17.29
C TRP I 35 26.20 -15.80 18.11
N GLY I 36 25.38 -14.90 17.57
CA GLY I 36 24.27 -14.35 18.34
C GLY I 36 24.64 -13.18 19.23
N LEU I 37 25.85 -12.65 19.07
CA LEU I 37 26.32 -11.52 19.87
C LEU I 37 26.13 -10.25 19.04
N LYS I 38 24.86 -9.91 18.83
CA LYS I 38 24.50 -8.96 17.77
C LYS I 38 24.87 -7.52 18.12
N ARG I 39 24.94 -7.17 19.41
CA ARG I 39 25.38 -5.82 19.77
C ARG I 39 26.86 -5.62 19.46
N LEU I 40 27.69 -6.66 19.68
CA LEU I 40 29.08 -6.59 19.24
C LEU I 40 29.15 -6.59 17.72
N GLY I 41 28.36 -7.44 17.08
CA GLY I 41 28.36 -7.47 15.62
C GLY I 41 28.02 -6.12 15.03
N ALA I 42 26.99 -5.47 15.57
CA ALA I 42 26.59 -4.16 15.04
C ALA I 42 27.66 -3.12 15.32
N HIS I 43 28.22 -3.11 16.53
CA HIS I 43 29.24 -2.11 16.83
C HIS I 43 30.46 -2.31 15.96
N GLU I 44 30.86 -3.57 15.76
CA GLU I 44 32.04 -3.83 14.94
C GLU I 44 31.78 -3.49 13.48
N TYR I 45 30.55 -3.71 13.01
CA TYR I 45 30.16 -3.27 11.68
C TYR I 45 30.35 -1.77 11.52
N HIS I 46 29.92 -0.98 12.50
CA HIS I 46 30.10 0.47 12.37
C HIS I 46 31.58 0.86 12.40
N GLU I 47 32.41 0.12 13.14
CA GLU I 47 33.85 0.37 13.08
C GLU I 47 34.40 0.11 11.67
N SER I 48 33.98 -0.98 11.03
CA SER I 48 34.41 -1.24 9.67
C SER I 48 33.99 -0.13 8.72
N ILE I 49 32.75 0.33 8.84
CA ILE I 49 32.26 1.42 8.00
C ILE I 49 33.12 2.66 8.18
N ASP I 50 33.45 2.98 9.44
CA ASP I 50 34.30 4.14 9.72
CA ASP I 50 34.29 4.13 9.72
C ASP I 50 35.64 4.03 9.00
N GLU I 51 36.23 2.83 8.97
CA GLU I 51 37.51 2.64 8.26
C GLU I 51 37.33 2.76 6.77
N MET I 52 36.19 2.29 6.25
CA MET I 52 35.90 2.51 4.83
C MET I 52 35.87 3.98 4.48
N LYS I 53 35.26 4.80 5.34
CA LYS I 53 35.17 6.24 5.08
C LYS I 53 36.57 6.88 5.16
N HIS I 54 37.38 6.46 6.12
CA HIS I 54 38.77 6.95 6.17
C HIS I 54 39.54 6.55 4.89
N ALA I 55 39.38 5.30 4.44
CA ALA I 55 40.07 4.86 3.23
C ALA I 55 39.64 5.69 2.04
N ASP I 56 38.34 6.01 1.95
CA ASP I 56 37.85 6.86 0.86
C ASP I 56 38.58 8.20 0.82
N LYS I 57 38.64 8.89 1.96
CA LYS I 57 39.30 10.19 1.98
C LYS I 57 40.78 10.06 1.66
N LEU I 58 41.42 9.00 2.15
CA LEU I 58 42.84 8.82 1.82
C LEU I 58 43.03 8.63 0.32
N ILE I 59 42.20 7.79 -0.31
CA ILE I 59 42.25 7.59 -1.75
C ILE I 59 42.05 8.92 -2.49
N GLU I 60 41.06 9.70 -2.06
CA GLU I 60 40.79 10.98 -2.72
C GLU I 60 41.97 11.93 -2.60
N ARG I 61 42.61 11.97 -1.43
CA ARG I 61 43.75 12.87 -1.22
C ARG I 61 44.95 12.44 -2.05
N ILE I 62 45.23 11.13 -2.09
CA ILE I 62 46.36 10.65 -2.88
C ILE I 62 46.20 11.06 -4.33
N LEU I 63 45.00 10.87 -4.90
CA LEU I 63 44.74 11.23 -6.30
C LEU I 63 44.86 12.72 -6.53
N PHE I 64 44.34 13.55 -5.62
CA PHE I 64 44.52 14.97 -5.80
C PHE I 64 46.00 15.32 -5.88
N LEU I 65 46.81 14.65 -5.08
CA LEU I 65 48.25 14.87 -5.03
C LEU I 65 49.01 14.17 -6.17
N GLU I 66 48.27 13.57 -7.10
CA GLU I 66 48.80 12.95 -8.30
C GLU I 66 49.63 11.71 -7.99
N GLY I 67 49.27 11.01 -6.92
CA GLY I 67 49.82 9.70 -6.64
C GLY I 67 48.89 8.60 -7.08
N LEU I 68 49.37 7.37 -6.93
CA LEU I 68 48.61 6.16 -7.25
C LEU I 68 48.20 5.50 -5.96
N PRO I 69 46.91 5.49 -5.59
CA PRO I 69 46.50 4.80 -4.36
C PRO I 69 46.71 3.31 -4.49
N ASN I 70 47.24 2.69 -3.44
CA ASN I 70 47.54 1.27 -3.47
C ASN I 70 46.43 0.51 -2.75
N LEU I 71 45.52 -0.06 -3.53
CA LEU I 71 44.50 -0.97 -3.03
C LEU I 71 44.81 -2.43 -3.33
N GLN I 72 46.01 -2.72 -3.84
CA GLN I 72 46.39 -4.07 -4.24
C GLN I 72 47.06 -4.84 -3.11
N ASP I 73 47.90 -4.20 -2.34
CA ASP I 73 48.63 -4.88 -1.29
C ASP I 73 47.79 -4.87 -0.03
N LEU I 74 47.56 -6.05 0.51
CA LEU I 74 46.78 -6.22 1.73
C LEU I 74 47.66 -6.93 2.75
N GLY I 75 47.90 -6.27 3.88
CA GLY I 75 48.67 -6.86 4.95
C GLY I 75 47.93 -7.92 5.72
N LYS I 76 48.55 -8.35 6.82
CA LYS I 76 48.07 -9.50 7.57
C LYS I 76 46.88 -9.13 8.43
N LEU I 77 45.75 -9.80 8.22
CA LEU I 77 44.59 -9.66 9.09
C LEU I 77 44.82 -10.42 10.39
N LEU I 78 44.44 -9.81 11.52
CA LEU I 78 44.54 -10.47 12.82
C LEU I 78 43.14 -10.92 13.23
N ILE I 79 42.82 -12.19 12.99
CA ILE I 79 41.49 -12.73 13.27
C ILE I 79 41.57 -13.56 14.55
N GLY I 80 40.80 -13.18 15.55
CA GLY I 80 40.74 -13.94 16.78
C GLY I 80 39.81 -15.16 16.65
N GLU I 81 39.89 -16.04 17.65
CA GLU I 81 39.05 -17.24 17.68
C GLU I 81 37.98 -17.19 18.77
N ASN I 82 38.02 -16.19 19.64
CA ASN I 82 36.97 -15.93 20.61
C ASN I 82 36.94 -14.42 20.90
N THR I 83 35.94 -14.00 21.66
CA THR I 83 35.64 -12.56 21.78
C THR I 83 36.83 -11.78 22.36
N GLN I 84 37.40 -12.28 23.46
CA GLN I 84 38.57 -11.62 24.02
C GLN I 84 39.70 -11.48 23.00
N GLU I 85 40.01 -12.55 22.27
CA GLU I 85 41.10 -12.51 21.31
C GLU I 85 40.78 -11.57 20.18
N MET I 86 39.53 -11.56 19.71
CA MET I 86 39.16 -10.67 18.63
C MET I 86 39.34 -9.20 19.03
N LEU I 87 38.92 -8.85 20.25
CA LEU I 87 39.07 -7.49 20.73
C LEU I 87 40.54 -7.13 20.86
N GLN I 88 41.35 -8.08 21.34
CA GLN I 88 42.79 -7.79 21.45
C GLN I 88 43.41 -7.65 20.09
N CYS I 89 42.95 -8.42 19.10
CA CYS I 89 43.48 -8.30 17.75
C CYS I 89 43.18 -6.93 17.16
N ASP I 90 41.93 -6.47 17.33
CA ASP I 90 41.58 -5.11 16.90
C ASP I 90 42.48 -4.10 17.59
N LEU I 91 42.71 -4.29 18.88
CA LEU I 91 43.50 -3.32 19.63
C LEU I 91 44.94 -3.30 19.13
N ASN I 92 45.52 -4.48 18.89
CA ASN I 92 46.88 -4.55 18.37
C ASN I 92 47.00 -3.85 17.03
N LEU I 93 46.03 -4.06 16.14
CA LEU I 93 46.01 -3.35 14.86
C LEU I 93 45.89 -1.84 15.04
N GLU I 94 45.00 -1.38 15.94
CA GLU I 94 44.81 0.06 16.12
C GLU I 94 46.10 0.71 16.65
N LEU I 95 46.81 0.03 17.55
CA LEU I 95 48.06 0.59 18.09
C LEU I 95 49.14 0.72 17.00
N LYS I 96 49.25 -0.26 16.09
CA LYS I 96 50.11 -0.06 14.92
C LYS I 96 49.62 1.10 14.06
N ALA I 97 48.32 1.19 13.86
CA ALA I 97 47.78 2.25 13.02
C ALA I 97 48.12 3.63 13.58
N THR I 98 48.02 3.82 14.89
CA THR I 98 48.27 5.15 15.43
C THR I 98 49.76 5.48 15.44
N LYS I 99 50.63 4.49 15.64
CA LYS I 99 52.06 4.74 15.46
C LYS I 99 52.33 5.24 14.04
N ASP I 100 51.79 4.56 13.04
CA ASP I 100 52.02 4.97 11.65
C ASP I 100 51.42 6.33 11.34
N LEU I 101 50.22 6.62 11.88
CA LEU I 101 49.63 7.95 11.69
C LEU I 101 50.53 9.07 12.25
N ARG I 102 51.09 8.85 13.44
CA ARG I 102 51.98 9.87 14.03
C ARG I 102 53.19 10.15 13.16
N GLU I 103 53.80 9.09 12.59
CA GLU I 103 54.96 9.27 11.73
C GLU I 103 54.56 9.99 10.44
N ALA I 104 53.38 9.68 9.89
CA ALA I 104 52.93 10.36 8.68
C ALA I 104 52.67 11.84 8.97
N ILE I 105 52.10 12.14 10.13
CA ILE I 105 51.84 13.54 10.48
C ILE I 105 53.16 14.31 10.61
N VAL I 106 54.15 13.73 11.30
CA VAL I 106 55.48 14.36 11.36
C VAL I 106 55.93 14.76 9.96
N HIS I 107 55.84 13.82 9.01
CA HIS I 107 56.37 14.11 7.69
C HIS I 107 55.53 15.16 6.94
N CYS I 108 54.20 15.08 7.03
CA CYS I 108 53.39 16.13 6.42
C CYS I 108 53.79 17.50 6.97
N GLU I 109 53.99 17.59 8.29
CA GLU I 109 54.36 18.87 8.89
C GLU I 109 55.67 19.38 8.30
N GLN I 110 56.66 18.49 8.15
CA GLN I 110 57.97 18.91 7.66
C GLN I 110 57.93 19.43 6.23
N VAL I 111 57.09 18.88 5.36
CA VAL I 111 57.03 19.37 3.98
C VAL I 111 55.91 20.38 3.79
N HIS I 112 55.27 20.81 4.86
CA HIS I 112 54.26 21.85 4.83
C HIS I 112 52.97 21.42 4.15
N ASP I 113 52.70 20.11 4.17
CA ASP I 113 51.44 19.62 3.62
C ASP I 113 50.44 19.62 4.79
N TYR I 114 49.99 20.81 5.13
CA TYR I 114 49.18 20.98 6.32
C TYR I 114 47.77 20.42 6.14
N VAL I 115 47.26 20.35 4.90
CA VAL I 115 45.93 19.77 4.66
C VAL I 115 45.96 18.27 4.84
N SER I 116 46.98 17.58 4.30
CA SER I 116 47.16 16.17 4.59
C SER I 116 47.33 15.92 6.07
N ARG I 117 48.07 16.80 6.76
CA ARG I 117 48.20 16.63 8.21
C ARG I 117 46.84 16.68 8.88
N ASP I 118 46.01 17.64 8.47
CA ASP I 118 44.69 17.79 9.10
C ASP I 118 43.81 16.57 8.87
N LEU I 119 43.82 16.03 7.66
CA LEU I 119 43.13 14.78 7.40
C LEU I 119 43.60 13.65 8.32
N LEU I 120 44.92 13.50 8.44
CA LEU I 120 45.45 12.43 9.26
C LEU I 120 45.15 12.65 10.73
N LYS I 121 45.17 13.89 11.20
CA LYS I 121 44.78 14.17 12.59
C LYS I 121 43.34 13.74 12.84
N ASP I 122 42.44 14.04 11.90
CA ASP I 122 41.05 13.59 12.05
C ASP I 122 40.95 12.07 12.10
N ILE I 123 41.69 11.37 11.23
CA ILE I 123 41.66 9.90 11.27
C ILE I 123 42.23 9.41 12.60
N LEU I 124 43.31 10.04 13.08
CA LEU I 124 43.89 9.64 14.36
C LEU I 124 42.91 9.83 15.51
N GLU I 125 42.13 10.91 15.48
CA GLU I 125 41.12 11.08 16.52
C GLU I 125 40.14 9.91 16.51
N SER I 126 39.71 9.48 15.33
N SER I 126 39.70 9.48 15.32
CA SER I 126 38.81 8.35 15.23
CA SER I 126 38.80 8.33 15.23
C SER I 126 39.47 7.07 15.73
C SER I 126 39.47 7.06 15.73
N GLU I 127 40.75 6.86 15.39
CA GLU I 127 41.40 5.63 15.82
C GLU I 127 41.60 5.63 17.33
N GLU I 128 41.92 6.78 17.94
CA GLU I 128 42.00 6.81 19.40
C GLU I 128 40.64 6.57 20.05
N GLU I 129 39.55 7.04 19.44
CA GLU I 129 38.24 6.68 19.97
C GLU I 129 38.01 5.17 19.91
N HIS I 130 38.46 4.52 18.84
CA HIS I 130 38.33 3.06 18.77
C HIS I 130 39.15 2.37 19.85
N ILE I 131 40.37 2.87 20.09
CA ILE I 131 41.22 2.35 21.15
C ILE I 131 40.53 2.46 22.51
N ASP I 132 39.94 3.62 22.79
CA ASP I 132 39.21 3.76 24.04
C ASP I 132 38.13 2.68 24.15
N TYR I 133 37.36 2.51 23.08
CA TYR I 133 36.29 1.52 23.08
C TYR I 133 36.85 0.13 23.37
N LEU I 134 37.92 -0.25 22.66
CA LEU I 134 38.48 -1.59 22.80
C LEU I 134 39.04 -1.83 24.19
N GLU I 135 39.88 -0.90 24.67
CA GLU I 135 40.42 -1.02 26.01
C GLU I 135 39.32 -1.13 27.03
N THR I 136 38.24 -0.35 26.84
CA THR I 136 37.14 -0.37 27.77
C THR I 136 36.42 -1.72 27.77
N GLN I 137 36.22 -2.31 26.59
CA GLN I 137 35.56 -3.62 26.52
C GLN I 137 36.40 -4.69 27.23
N LEU I 138 37.72 -4.67 26.99
CA LEU I 138 38.59 -5.63 27.65
C LEU I 138 38.56 -5.45 29.15
N GLY I 139 38.51 -4.19 29.60
CA GLY I 139 38.37 -3.94 31.03
C GLY I 139 37.03 -4.41 31.58
N LEU I 140 35.96 -4.25 30.81
CA LEU I 140 34.65 -4.67 31.31
C LEU I 140 34.61 -6.19 31.49
N ILE I 141 35.24 -6.93 30.59
CA ILE I 141 35.29 -8.40 30.73
C ILE I 141 35.87 -8.78 32.08
N GLN I 142 36.88 -8.05 32.54
CA GLN I 142 37.50 -8.30 33.84
C GLN I 142 36.58 -7.89 34.98
N LYS I 143 35.81 -6.82 34.83
CA LYS I 143 35.00 -6.35 35.93
C LYS I 143 33.69 -7.13 36.07
N VAL I 144 33.05 -7.47 34.96
CA VAL I 144 31.73 -8.13 35.06
C VAL I 144 31.81 -9.61 34.81
N GLY I 145 32.96 -10.12 34.37
CA GLY I 145 33.08 -11.51 33.98
C GLY I 145 32.70 -11.71 32.53
N LEU I 146 33.32 -12.72 31.91
CA LEU I 146 33.13 -12.94 30.49
C LEU I 146 31.70 -13.31 30.17
N GLU I 147 31.07 -14.18 30.97
CA GLU I 147 29.71 -14.60 30.68
C GLU I 147 28.72 -13.42 30.70
N ASN I 148 28.83 -12.54 31.71
CA ASN I 148 27.98 -11.35 31.74
C ASN I 148 28.32 -10.43 30.58
N TYR I 149 29.60 -10.25 30.28
CA TYR I 149 29.98 -9.36 29.19
C TYR I 149 29.33 -9.82 27.89
N LEU I 150 29.41 -11.11 27.60
CA LEU I 150 28.82 -11.60 26.39
C LEU I 150 27.30 -11.47 26.43
N GLN I 151 26.68 -11.80 27.57
CA GLN I 151 25.24 -11.67 27.73
C GLN I 151 24.78 -10.26 27.36
N SER I 152 25.51 -9.26 27.82
CA SER I 152 25.17 -7.87 27.57
C SER I 152 25.30 -7.47 26.12
N HIS I 153 25.90 -8.32 25.27
CA HIS I 153 26.08 -8.02 23.86
C HIS I 153 25.30 -8.95 22.97
N MET I 154 24.34 -9.69 23.54
CA MET I 154 23.48 -10.56 22.75
C MET I 154 22.44 -9.77 21.95
N HIS I 155 21.77 -8.81 22.59
CA HIS I 155 20.64 -8.13 21.97
C HIS I 155 20.98 -6.67 21.71
N GLU I 156 20.55 -6.18 20.54
CA GLU I 156 20.81 -4.79 20.15
C GLU I 156 19.86 -3.85 20.89
N MET J 1 -53.84 20.15 27.34
CA MET J 1 -54.91 20.79 26.52
C MET J 1 -56.05 19.77 26.34
N LYS J 2 -57.28 20.13 26.69
CA LYS J 2 -58.36 19.13 26.71
C LYS J 2 -58.66 18.74 25.28
N GLY J 3 -58.39 17.50 24.92
CA GLY J 3 -58.67 17.06 23.58
C GLY J 3 -60.10 16.53 23.42
N ASP J 4 -60.49 16.41 22.17
CA ASP J 4 -61.75 15.76 21.81
C ASP J 4 -61.69 14.27 22.16
N LYS J 5 -62.69 13.78 22.88
CA LYS J 5 -62.67 12.39 23.35
C LYS J 5 -62.55 11.42 22.19
N LYS J 6 -63.27 11.67 21.09
CA LYS J 6 -63.25 10.76 19.95
C LYS J 6 -61.95 10.88 19.15
N VAL J 7 -61.30 12.05 19.09
CA VAL J 7 -59.95 12.09 18.55
C VAL J 7 -59.05 11.13 19.33
N ILE J 8 -59.11 11.21 20.66
CA ILE J 8 -58.26 10.37 21.49
C ILE J 8 -58.55 8.89 21.23
N GLN J 9 -59.82 8.53 21.07
CA GLN J 9 -60.12 7.14 20.74
C GLN J 9 -59.49 6.74 19.41
N HIS J 10 -59.56 7.63 18.42
CA HIS J 10 -58.94 7.34 17.12
C HIS J 10 -57.43 7.20 17.25
N LEU J 11 -56.79 8.11 18.00
CA LEU J 11 -55.34 8.04 18.21
C LEU J 11 -54.95 6.72 18.90
N ASN J 12 -55.74 6.28 19.88
CA ASN J 12 -55.49 5.00 20.53
C ASN J 12 -55.70 3.83 19.58
N LYS J 13 -56.65 3.94 18.63
CA LYS J 13 -56.79 2.86 17.65
C LYS J 13 -55.58 2.81 16.71
N ILE J 14 -55.13 3.96 16.22
CA ILE J 14 -53.91 3.99 15.40
C ILE J 14 -52.73 3.47 16.20
N LEU J 15 -52.63 3.88 17.46
CA LEU J 15 -51.56 3.39 18.31
C LEU J 15 -51.60 1.87 18.43
N GLY J 16 -52.81 1.31 18.60
CA GLY J 16 -52.93 -0.13 18.68
C GLY J 16 -52.44 -0.83 17.41
N ASN J 17 -52.76 -0.25 16.26
CA ASN J 17 -52.23 -0.79 15.00
C ASN J 17 -50.70 -0.71 14.98
N GLU J 18 -50.11 0.39 15.45
CA GLU J 18 -48.65 0.48 15.44
C GLU J 18 -48.03 -0.56 16.38
N LEU J 19 -48.66 -0.79 17.53
CA LEU J 19 -48.14 -1.76 18.50
C LEU J 19 -48.14 -3.17 17.93
N ILE J 20 -49.18 -3.53 17.18
CA ILE J 20 -49.20 -4.80 16.47
C ILE J 20 -48.04 -4.84 15.49
N ALA J 21 -47.89 -3.78 14.70
CA ALA J 21 -46.88 -3.74 13.65
C ALA J 21 -45.46 -3.82 14.22
N ILE J 22 -45.20 -3.12 15.33
CA ILE J 22 -43.90 -3.21 15.99
C ILE J 22 -43.51 -4.68 16.20
N ASN J 23 -44.39 -5.44 16.84
CA ASN J 23 -44.10 -6.81 17.24
C ASN J 23 -44.05 -7.73 16.03
N GLN J 24 -45.00 -7.59 15.12
CA GLN J 24 -45.04 -8.41 13.92
C GLN J 24 -43.79 -8.20 13.09
N TYR J 25 -43.42 -6.94 12.83
CA TYR J 25 -42.22 -6.67 12.03
C TYR J 25 -40.96 -7.08 12.78
N PHE J 26 -40.94 -6.90 14.10
CA PHE J 26 -39.72 -7.28 14.81
C PHE J 26 -39.52 -8.78 14.74
N LEU J 27 -40.59 -9.56 14.94
CA LEU J 27 -40.46 -11.01 14.88
C LEU J 27 -40.11 -11.46 13.46
N HIS J 28 -40.77 -10.90 12.45
CA HIS J 28 -40.40 -11.27 11.08
C HIS J 28 -38.94 -10.96 10.80
N SER J 29 -38.47 -9.79 11.26
CA SER J 29 -37.07 -9.43 11.09
C SER J 29 -36.16 -10.51 11.67
N ARG J 30 -36.45 -10.95 12.89
CA ARG J 30 -35.56 -11.89 13.56
C ARG J 30 -35.68 -13.29 12.95
N MET J 31 -36.84 -13.63 12.42
CA MET J 31 -36.99 -14.89 11.66
C MET J 31 -36.11 -14.86 10.41
N TRP J 32 -36.18 -13.76 9.66
CA TRP J 32 -35.38 -13.63 8.46
C TRP J 32 -33.89 -13.68 8.78
N ASN J 33 -33.47 -13.02 9.86
CA ASN J 33 -32.06 -13.09 10.27
C ASN J 33 -31.66 -14.52 10.62
N ASP J 34 -32.50 -15.21 11.39
CA ASP J 34 -32.23 -16.61 11.76
C ASP J 34 -32.09 -17.48 10.51
N TRP J 35 -32.87 -17.21 9.48
CA TRP J 35 -32.81 -17.97 8.23
C TRP J 35 -31.67 -17.54 7.33
N GLY J 36 -30.89 -16.55 7.71
CA GLY J 36 -29.78 -16.08 6.89
C GLY J 36 -30.17 -15.10 5.81
N LEU J 37 -31.40 -14.59 5.81
CA LEU J 37 -31.83 -13.61 4.84
C LEU J 37 -31.66 -12.21 5.44
N LYS J 38 -30.39 -11.83 5.60
CA LYS J 38 -30.05 -10.70 6.47
C LYS J 38 -30.47 -9.35 5.88
N ARG J 39 -30.56 -9.24 4.56
CA ARG J 39 -31.02 -7.97 3.99
C ARG J 39 -32.50 -7.73 4.27
N LEU J 40 -33.32 -8.79 4.20
CA LEU J 40 -34.72 -8.71 4.59
C LEU J 40 -34.84 -8.45 6.08
N GLY J 41 -34.02 -9.15 6.88
CA GLY J 41 -34.04 -8.92 8.31
C GLY J 41 -33.73 -7.48 8.70
N ALA J 42 -32.71 -6.90 8.07
CA ALA J 42 -32.35 -5.51 8.37
C ALA J 42 -33.46 -4.55 7.92
N HIS J 43 -34.02 -4.78 6.74
CA HIS J 43 -35.03 -3.89 6.24
C HIS J 43 -36.27 -3.95 7.12
N GLU J 44 -36.66 -5.16 7.53
CA GLU J 44 -37.83 -5.35 8.40
C GLU J 44 -37.58 -4.80 9.81
N TYR J 45 -36.34 -4.90 10.28
CA TYR J 45 -35.98 -4.25 11.56
C TYR J 45 -36.23 -2.74 11.47
N HIS J 46 -35.79 -2.12 10.38
CA HIS J 46 -35.99 -0.69 10.24
C HIS J 46 -37.47 -0.34 10.12
N GLU J 47 -38.27 -1.19 9.50
CA GLU J 47 -39.72 -0.96 9.50
C GLU J 47 -40.28 -0.98 10.91
N SER J 48 -39.82 -1.94 11.72
CA SER J 48 -40.26 -2.03 13.11
C SER J 48 -39.88 -0.75 13.88
N ILE J 49 -38.66 -0.28 13.70
CA ILE J 49 -38.21 0.95 14.37
C ILE J 49 -39.09 2.12 13.95
N ASP J 50 -39.42 2.20 12.66
CA ASP J 50 -40.24 3.31 12.21
CA ASP J 50 -40.28 3.27 12.16
C ASP J 50 -41.62 3.27 12.86
N GLU J 51 -42.17 2.07 13.10
CA GLU J 51 -43.46 1.98 13.79
C GLU J 51 -43.31 2.36 15.25
N MET J 52 -42.18 2.02 15.88
CA MET J 52 -41.89 2.46 17.24
C MET J 52 -41.88 3.98 17.32
N LYS J 53 -41.31 4.64 16.31
CA LYS J 53 -41.26 6.10 16.35
C LYS J 53 -42.66 6.69 16.21
N HIS J 54 -43.48 6.13 15.33
CA HIS J 54 -44.88 6.57 15.20
C HIS J 54 -45.63 6.38 16.51
N ALA J 55 -45.45 5.22 17.18
CA ALA J 55 -46.12 4.95 18.44
C ALA J 55 -45.73 5.97 19.50
N ASP J 56 -44.43 6.32 19.54
CA ASP J 56 -43.96 7.39 20.43
C ASP J 56 -44.72 8.69 20.16
N LYS J 57 -44.82 9.10 18.90
CA LYS J 57 -45.48 10.38 18.64
C LYS J 57 -46.96 10.33 19.02
N LEU J 58 -47.61 9.19 18.80
CA LEU J 58 -49.03 9.06 19.17
C LEU J 58 -49.23 9.11 20.68
N ILE J 59 -48.37 8.40 21.43
CA ILE J 59 -48.41 8.44 22.88
C ILE J 59 -48.26 9.87 23.38
N GLU J 60 -47.29 10.60 22.82
CA GLU J 60 -47.04 11.97 23.25
C GLU J 60 -48.23 12.87 22.96
N ARG J 61 -48.83 12.73 21.77
CA ARG J 61 -50.00 13.54 21.40
C ARG J 61 -51.19 13.24 22.30
N ILE J 62 -51.45 11.95 22.57
CA ILE J 62 -52.55 11.57 23.45
C ILE J 62 -52.39 12.20 24.83
N LEU J 63 -51.19 12.10 25.42
CA LEU J 63 -50.95 12.68 26.74
C LEU J 63 -51.12 14.19 26.73
N PHE J 64 -50.62 14.87 25.69
CA PHE J 64 -50.84 16.31 25.58
C PHE J 64 -52.33 16.63 25.59
N LEU J 65 -53.12 15.81 24.90
CA LEU J 65 -54.57 16.01 24.83
C LEU J 65 -55.30 15.51 26.08
N GLU J 66 -54.55 15.08 27.09
CA GLU J 66 -55.06 14.68 28.39
C GLU J 66 -55.85 13.39 28.31
N GLY J 67 -55.49 12.53 27.36
CA GLY J 67 -56.01 11.18 27.31
C GLY J 67 -55.04 10.17 27.91
N LEU J 68 -55.51 8.92 27.96
CA LEU J 68 -54.73 7.79 28.45
C LEU J 68 -54.30 6.93 27.29
N PRO J 69 -53.01 6.90 26.95
CA PRO J 69 -52.54 6.02 25.87
C PRO J 69 -52.73 4.57 26.27
N ASN J 70 -53.28 3.78 25.36
CA ASN J 70 -53.56 2.38 25.63
C ASN J 70 -52.41 1.54 25.08
N LEU J 71 -51.52 1.10 25.96
CA LEU J 71 -50.45 0.18 25.60
C LEU J 71 -50.71 -1.25 26.10
N GLN J 72 -51.89 -1.51 26.65
CA GLN J 72 -52.22 -2.79 27.28
C GLN J 72 -52.89 -3.76 26.31
N ASP J 73 -53.77 -3.26 25.46
CA ASP J 73 -54.52 -4.11 24.54
C ASP J 73 -53.67 -4.29 23.27
N LEU J 74 -53.35 -5.53 22.97
CA LEU J 74 -52.57 -5.89 21.78
C LEU J 74 -53.40 -6.79 20.91
N GLY J 75 -53.69 -6.33 19.70
CA GLY J 75 -54.45 -7.10 18.74
C GLY J 75 -53.64 -8.23 18.14
N LYS J 76 -54.22 -8.86 17.13
CA LYS J 76 -53.73 -10.12 16.59
C LYS J 76 -52.53 -9.88 15.68
N LEU J 77 -51.40 -10.49 16.00
CA LEU J 77 -50.26 -10.47 15.09
C LEU J 77 -50.51 -11.42 13.93
N LEU J 78 -50.13 -11.01 12.71
CA LEU J 78 -50.18 -11.87 11.52
C LEU J 78 -48.75 -12.31 11.21
N ILE J 79 -48.38 -13.51 11.64
CA ILE J 79 -47.02 -14.04 11.48
C ILE J 79 -47.00 -15.05 10.36
N GLY J 80 -46.23 -14.80 9.33
CA GLY J 80 -46.16 -15.78 8.26
C GLY J 80 -45.22 -16.95 8.55
N GLU J 81 -45.31 -17.96 7.71
CA GLU J 81 -44.48 -19.15 7.85
C GLU J 81 -43.37 -19.25 6.80
N ASN J 82 -43.38 -18.38 5.79
CA ASN J 82 -42.31 -18.29 4.81
C ASN J 82 -42.31 -16.85 4.27
N THR J 83 -41.31 -16.54 3.45
CA THR J 83 -41.08 -15.13 3.09
C THR J 83 -42.31 -14.54 2.40
N GLN J 84 -42.88 -15.24 1.44
CA GLN J 84 -44.05 -14.70 0.74
C GLN J 84 -45.20 -14.46 1.70
N GLU J 85 -45.47 -15.40 2.59
CA GLU J 85 -46.56 -15.22 3.54
C GLU J 85 -46.27 -14.06 4.49
N MET J 86 -45.02 -13.91 4.92
CA MET J 86 -44.67 -12.84 5.84
C MET J 86 -44.89 -11.48 5.20
N LEU J 87 -44.48 -11.33 3.95
CA LEU J 87 -44.71 -10.06 3.26
C LEU J 87 -46.20 -9.79 3.08
N GLN J 88 -46.97 -10.83 2.75
CA GLN J 88 -48.40 -10.62 2.57
C GLN J 88 -49.09 -10.33 3.91
N CYS J 89 -48.60 -10.92 5.01
CA CYS J 89 -49.10 -10.56 6.34
C CYS J 89 -48.80 -9.09 6.67
N ASP J 90 -47.60 -8.63 6.39
CA ASP J 90 -47.27 -7.23 6.60
C ASP J 90 -48.18 -6.35 5.77
N LEU J 91 -48.41 -6.72 4.50
CA LEU J 91 -49.25 -5.90 3.62
C LEU J 91 -50.70 -5.86 4.09
N ASN J 92 -51.26 -7.02 4.48
CA ASN J 92 -52.62 -7.01 5.01
C ASN J 92 -52.74 -6.11 6.24
N LEU J 93 -51.75 -6.14 7.13
CA LEU J 93 -51.76 -5.24 8.28
C LEU J 93 -51.69 -3.78 7.86
N GLU J 94 -50.81 -3.45 6.90
CA GLU J 94 -50.68 -2.07 6.47
C GLU J 94 -51.97 -1.56 5.83
N LEU J 95 -52.66 -2.40 5.05
CA LEU J 95 -53.90 -1.97 4.42
C LEU J 95 -54.98 -1.69 5.47
N LYS J 96 -55.05 -2.49 6.52
CA LYS J 96 -55.94 -2.16 7.64
C LYS J 96 -55.52 -0.84 8.30
N ALA J 97 -54.22 -0.66 8.48
CA ALA J 97 -53.70 0.52 9.15
C ALA J 97 -54.05 1.79 8.38
N THR J 98 -53.95 1.75 7.05
CA THR J 98 -54.20 2.98 6.32
C THR J 98 -55.69 3.28 6.24
N LYS J 99 -56.54 2.25 6.23
CA LYS J 99 -57.99 2.47 6.33
C LYS J 99 -58.32 3.18 7.64
N ASP J 100 -57.76 2.70 8.76
CA ASP J 100 -58.04 3.33 10.04
C ASP J 100 -57.48 4.75 10.09
N LEU J 101 -56.30 4.96 9.48
CA LEU J 101 -55.74 6.31 9.46
C LEU J 101 -56.65 7.28 8.70
N ARG J 102 -57.22 6.85 7.58
CA ARG J 102 -58.10 7.74 6.83
C ARG J 102 -59.32 8.11 7.66
N GLU J 103 -59.92 7.14 8.34
CA GLU J 103 -61.08 7.42 9.17
C GLU J 103 -60.71 8.34 10.33
N ALA J 104 -59.50 8.18 10.89
CA ALA J 104 -59.08 9.10 11.95
C ALA J 104 -58.88 10.51 11.39
N ILE J 105 -58.30 10.64 10.19
CA ILE J 105 -58.10 11.98 9.66
C ILE J 105 -59.46 12.64 9.42
N VAL J 106 -60.42 11.91 8.88
CA VAL J 106 -61.77 12.48 8.70
C VAL J 106 -62.27 13.09 10.01
N HIS J 107 -62.17 12.34 11.09
CA HIS J 107 -62.73 12.86 12.33
C HIS J 107 -61.96 14.07 12.85
N CYS J 108 -60.60 14.02 12.81
CA CYS J 108 -59.81 15.18 13.22
C CYS J 108 -60.19 16.43 12.43
N GLU J 109 -60.38 16.28 11.12
CA GLU J 109 -60.78 17.42 10.30
C GLU J 109 -62.12 17.99 10.75
N GLN J 110 -63.10 17.09 11.04
CA GLN J 110 -64.46 17.50 11.39
C GLN J 110 -64.51 18.26 12.72
N VAL J 111 -63.65 17.93 13.68
CA VAL J 111 -63.59 18.62 14.98
C VAL J 111 -62.45 19.64 15.04
N HIS J 112 -61.82 19.95 13.91
CA HIS J 112 -60.84 21.03 13.79
C HIS J 112 -59.54 20.78 14.56
N ASP J 113 -59.20 19.51 14.80
CA ASP J 113 -57.91 19.17 15.41
C ASP J 113 -56.92 19.00 14.26
N TYR J 114 -56.47 20.13 13.74
CA TYR J 114 -55.65 20.13 12.55
C TYR J 114 -54.23 19.61 12.82
N VAL J 115 -53.75 19.73 14.06
CA VAL J 115 -52.40 19.24 14.41
C VAL J 115 -52.42 17.71 14.49
N SER J 116 -53.45 17.13 15.12
CA SER J 116 -53.61 15.67 15.08
C SER J 116 -53.74 15.18 13.65
N ARG J 117 -54.47 15.92 12.80
CA ARG J 117 -54.56 15.51 11.39
C ARG J 117 -53.17 15.49 10.75
N ASP J 118 -52.36 16.51 11.00
CA ASP J 118 -51.06 16.58 10.37
C ASP J 118 -50.17 15.43 10.81
N LEU J 119 -50.19 15.10 12.11
CA LEU J 119 -49.47 13.93 12.59
C LEU J 119 -49.93 12.66 11.87
N LEU J 120 -51.24 12.47 11.75
CA LEU J 120 -51.75 11.26 11.12
C LEU J 120 -51.42 11.22 9.65
N LYS J 121 -51.43 12.39 8.99
CA LYS J 121 -51.05 12.44 7.57
C LYS J 121 -49.60 12.03 7.37
N ASP J 122 -48.70 12.50 8.25
CA ASP J 122 -47.30 12.09 8.17
C ASP J 122 -47.15 10.58 8.37
N ILE J 123 -47.85 10.00 9.34
CA ILE J 123 -47.81 8.55 9.54
C ILE J 123 -48.34 7.83 8.31
N LEU J 124 -49.43 8.32 7.72
CA LEU J 124 -50.01 7.69 6.53
C LEU J 124 -49.04 7.71 5.36
N GLU J 125 -48.29 8.80 5.22
CA GLU J 125 -47.27 8.86 4.18
C GLU J 125 -46.22 7.76 4.38
N SER J 126 -45.82 7.53 5.63
N SER J 126 -45.77 7.56 5.62
CA SER J 126 -44.87 6.44 5.95
CA SER J 126 -44.89 6.45 5.95
C SER J 126 -45.49 5.06 5.76
C SER J 126 -45.54 5.10 5.62
N GLU J 127 -46.79 4.91 6.07
CA GLU J 127 -47.43 3.62 5.83
C GLU J 127 -47.63 3.35 4.34
N GLU J 128 -47.94 4.38 3.55
CA GLU J 128 -48.06 4.18 2.11
C GLU J 128 -46.71 3.85 1.46
N GLU J 129 -45.63 4.42 1.97
CA GLU J 129 -44.30 4.01 1.52
C GLU J 129 -44.04 2.56 1.86
N HIS J 130 -44.46 2.11 3.04
CA HIS J 130 -44.32 0.71 3.38
C HIS J 130 -45.14 -0.17 2.44
N ILE J 131 -46.36 0.26 2.09
CA ILE J 131 -47.17 -0.50 1.15
C ILE J 131 -46.48 -0.61 -0.21
N ASP J 132 -45.92 0.50 -0.69
CA ASP J 132 -45.14 0.46 -1.94
C ASP J 132 -44.01 -0.58 -1.86
N TYR J 133 -43.25 -0.54 -0.77
CA TYR J 133 -42.17 -1.50 -0.59
C TYR J 133 -42.69 -2.93 -0.65
N LEU J 134 -43.76 -3.23 0.11
CA LEU J 134 -44.29 -4.59 0.18
C LEU J 134 -44.85 -5.07 -1.16
N GLU J 135 -45.69 -4.26 -1.80
CA GLU J 135 -46.22 -4.64 -3.10
C GLU J 135 -45.10 -4.89 -4.10
N THR J 136 -44.05 -4.07 -4.03
CA THR J 136 -42.92 -4.20 -4.95
C THR J 136 -42.16 -5.51 -4.69
N GLN J 137 -41.99 -5.89 -3.42
CA GLN J 137 -41.29 -7.14 -3.12
C GLN J 137 -42.06 -8.33 -3.66
N LEU J 138 -43.38 -8.34 -3.44
CA LEU J 138 -44.21 -9.42 -3.92
C LEU J 138 -44.20 -9.48 -5.43
N GLY J 139 -44.20 -8.31 -6.08
CA GLY J 139 -44.06 -8.30 -7.54
C GLY J 139 -42.72 -8.81 -8.01
N LEU J 140 -41.65 -8.48 -7.28
CA LEU J 140 -40.31 -8.94 -7.68
C LEU J 140 -40.20 -10.45 -7.58
N ILE J 141 -40.81 -11.05 -6.56
CA ILE J 141 -40.79 -12.52 -6.45
C ILE J 141 -41.35 -13.13 -7.73
N GLN J 142 -42.41 -12.54 -8.27
CA GLN J 142 -42.99 -13.06 -9.51
C GLN J 142 -42.06 -12.81 -10.69
N LYS J 143 -41.36 -11.68 -10.71
CA LYS J 143 -40.56 -11.32 -11.88
C LYS J 143 -39.21 -12.04 -11.91
N VAL J 144 -38.52 -12.19 -10.78
CA VAL J 144 -37.20 -12.83 -10.76
C VAL J 144 -37.24 -14.26 -10.22
N GLY J 145 -38.38 -14.72 -9.71
CA GLY J 145 -38.47 -16.03 -9.08
C GLY J 145 -38.09 -16.01 -7.61
N LEU J 146 -38.71 -16.92 -6.86
CA LEU J 146 -38.50 -16.88 -5.41
C LEU J 146 -37.05 -17.16 -5.03
N GLU J 147 -36.41 -18.13 -5.68
CA GLU J 147 -35.04 -18.46 -5.34
C GLU J 147 -34.09 -17.29 -5.57
N ASN J 148 -34.23 -16.57 -6.69
CA ASN J 148 -33.41 -15.39 -6.91
C ASN J 148 -33.78 -14.28 -5.91
N TYR J 149 -35.07 -14.12 -5.64
CA TYR J 149 -35.46 -13.05 -4.71
C TYR J 149 -34.82 -13.28 -3.35
N LEU J 150 -34.88 -14.51 -2.84
CA LEU J 150 -34.27 -14.78 -1.56
C LEU J 150 -32.75 -14.64 -1.63
N GLN J 151 -32.13 -15.13 -2.71
CA GLN J 151 -30.68 -14.96 -2.89
C GLN J 151 -30.28 -13.50 -2.77
N SER J 152 -31.03 -12.62 -3.43
CA SER J 152 -30.70 -11.22 -3.41
C SER J 152 -30.86 -10.59 -2.03
N HIS J 153 -31.43 -11.30 -1.06
CA HIS J 153 -31.61 -10.75 0.28
C HIS J 153 -30.79 -11.51 1.33
N MET J 154 -29.79 -12.28 0.89
CA MET J 154 -28.95 -13.00 1.85
C MET J 154 -27.97 -12.08 2.56
N HIS J 155 -27.28 -11.23 1.81
CA HIS J 155 -26.19 -10.42 2.34
C HIS J 155 -26.61 -8.95 2.38
N GLU J 156 -26.23 -8.26 3.44
CA GLU J 156 -26.59 -6.85 3.59
C GLU J 156 -25.74 -5.97 2.68
N MET K 1 -0.43 -23.94 39.50
CA MET K 1 -1.48 -24.37 40.47
C MET K 1 -2.07 -25.71 40.08
N LYS K 2 -1.91 -26.73 40.91
CA LYS K 2 -2.27 -28.08 40.49
C LYS K 2 -3.78 -28.24 40.35
N GLY K 3 -4.19 -28.57 39.16
CA GLY K 3 -5.59 -28.77 38.87
C GLY K 3 -6.06 -30.20 39.14
N ASP K 4 -7.36 -30.35 39.09
CA ASP K 4 -8.02 -31.64 39.17
C ASP K 4 -7.67 -32.49 37.97
N LYS K 5 -7.27 -33.74 38.23
CA LYS K 5 -6.84 -34.62 37.15
C LYS K 5 -7.90 -34.78 36.07
N LYS K 6 -9.16 -34.96 36.48
CA LYS K 6 -10.21 -35.20 35.51
C LYS K 6 -10.61 -33.92 34.77
N VAL K 7 -10.52 -32.76 35.41
CA VAL K 7 -10.65 -31.48 34.68
C VAL K 7 -9.63 -31.44 33.55
N ILE K 8 -8.37 -31.74 33.88
CA ILE K 8 -7.33 -31.68 32.86
C ILE K 8 -7.65 -32.65 31.73
N GLN K 9 -8.14 -33.86 32.06
CA GLN K 9 -8.51 -34.79 31.01
C GLN K 9 -9.66 -34.26 30.15
N HIS K 10 -10.64 -33.65 30.80
CA HIS K 10 -11.69 -33.00 30.01
C HIS K 10 -11.12 -31.90 29.12
N LEU K 11 -10.24 -31.05 29.68
CA LEU K 11 -9.65 -29.98 28.88
C LEU K 11 -8.91 -30.54 27.69
N ASN K 12 -8.18 -31.66 27.89
CA ASN K 12 -7.48 -32.27 26.77
C ASN K 12 -8.44 -32.89 25.75
N LYS K 13 -9.59 -33.39 26.17
CA LYS K 13 -10.55 -33.88 25.19
C LYS K 13 -11.11 -32.73 24.35
N ILE K 14 -11.49 -31.63 25.00
CA ILE K 14 -11.97 -30.45 24.27
C ILE K 14 -10.88 -29.95 23.32
N LEU K 15 -9.64 -29.90 23.82
CA LEU K 15 -8.53 -29.50 22.96
C LEU K 15 -8.44 -30.41 21.74
N GLY K 16 -8.59 -31.72 21.95
CA GLY K 16 -8.56 -32.65 20.84
C GLY K 16 -9.63 -32.36 19.80
N ASN K 17 -10.84 -32.03 20.26
CA ASN K 17 -11.90 -31.62 19.34
C ASN K 17 -11.52 -30.35 18.58
N GLU K 18 -10.92 -29.38 19.27
CA GLU K 18 -10.49 -28.16 18.58
C GLU K 18 -9.41 -28.44 17.54
N LEU K 19 -8.47 -29.34 17.86
CA LEU K 19 -7.42 -29.67 16.89
C LEU K 19 -7.96 -30.34 15.65
N ILE K 20 -8.94 -31.25 15.79
CA ILE K 20 -9.60 -31.78 14.61
C ILE K 20 -10.24 -30.65 13.80
N ALA K 21 -10.98 -29.78 14.49
CA ALA K 21 -11.70 -28.70 13.82
C ALA K 21 -10.77 -27.75 13.09
N ILE K 22 -9.62 -27.42 13.69
CA ILE K 22 -8.64 -26.57 13.02
C ILE K 22 -8.32 -27.12 11.63
N ASN K 23 -7.90 -28.39 11.59
CA ASN K 23 -7.47 -28.96 10.32
C ASN K 23 -8.64 -29.15 9.36
N GLN K 24 -9.76 -29.64 9.85
CA GLN K 24 -10.91 -29.87 8.98
C GLN K 24 -11.37 -28.56 8.34
N TYR K 25 -11.52 -27.51 9.15
CA TYR K 25 -11.96 -26.23 8.59
C TYR K 25 -10.88 -25.62 7.69
N PHE K 26 -9.61 -25.76 8.07
CA PHE K 26 -8.59 -25.20 7.19
C PHE K 26 -8.60 -25.90 5.83
N LEU K 27 -8.72 -27.23 5.80
CA LEU K 27 -8.78 -27.92 4.51
C LEU K 27 -10.03 -27.54 3.73
N HIS K 28 -11.19 -27.51 4.40
CA HIS K 28 -12.40 -27.10 3.69
C HIS K 28 -12.25 -25.70 3.11
N SER K 29 -11.68 -24.78 3.89
CA SER K 29 -11.48 -23.42 3.39
C SER K 29 -10.67 -23.44 2.09
N ARG K 30 -9.56 -24.17 2.09
CA ARG K 30 -8.70 -24.15 0.92
C ARG K 30 -9.33 -24.92 -0.25
N MET K 31 -10.13 -25.92 0.02
CA MET K 31 -10.89 -26.57 -1.06
C MET K 31 -11.85 -25.60 -1.72
N TRP K 32 -12.60 -24.85 -0.91
CA TRP K 32 -13.52 -23.87 -1.45
C TRP K 32 -12.80 -22.81 -2.25
N ASN K 33 -11.64 -22.32 -1.77
CA ASN K 33 -10.86 -21.35 -2.52
C ASN K 33 -10.40 -21.92 -3.86
N ASP K 34 -9.89 -23.14 -3.81
CA ASP K 34 -9.48 -23.82 -5.04
C ASP K 34 -10.64 -23.91 -6.02
N TRP K 35 -11.86 -24.12 -5.51
CA TRP K 35 -13.00 -24.22 -6.41
C TRP K 35 -13.52 -22.87 -6.87
N GLY K 36 -12.95 -21.76 -6.43
CA GLY K 36 -13.43 -20.44 -6.84
C GLY K 36 -14.54 -19.87 -5.96
N LEU K 37 -14.83 -20.51 -4.83
CA LEU K 37 -15.86 -20.08 -3.89
C LEU K 37 -15.20 -19.33 -2.72
N LYS K 38 -14.66 -18.17 -3.05
CA LYS K 38 -13.72 -17.50 -2.15
C LYS K 38 -14.40 -16.93 -0.91
N ARG K 39 -15.68 -16.57 -0.99
CA ARG K 39 -16.38 -16.10 0.21
C ARG K 39 -16.61 -17.23 1.20
N LEU K 40 -16.91 -18.44 0.70
CA LEU K 40 -16.93 -19.61 1.59
C LEU K 40 -15.56 -19.90 2.13
N GLY K 41 -14.53 -19.83 1.27
CA GLY K 41 -13.18 -20.05 1.73
C GLY K 41 -12.79 -19.09 2.84
N ALA K 42 -13.13 -17.80 2.68
CA ALA K 42 -12.76 -16.82 3.70
C ALA K 42 -13.50 -17.08 5.01
N HIS K 43 -14.79 -17.40 4.94
CA HIS K 43 -15.54 -17.62 6.16
C HIS K 43 -15.04 -18.87 6.90
N GLU K 44 -14.79 -19.95 6.17
CA GLU K 44 -14.28 -21.16 6.78
C GLU K 44 -12.87 -20.96 7.34
N TYR K 45 -12.05 -20.14 6.67
CA TYR K 45 -10.75 -19.77 7.22
C TYR K 45 -10.90 -19.09 8.57
N HIS K 46 -11.83 -18.14 8.68
CA HIS K 46 -12.03 -17.46 9.96
C HIS K 46 -12.58 -18.43 11.01
N GLU K 47 -13.38 -19.41 10.62
CA GLU K 47 -13.76 -20.47 11.57
C GLU K 47 -12.52 -21.26 12.04
N SER K 48 -11.61 -21.58 11.15
CA SER K 48 -10.39 -22.29 11.54
C SER K 48 -9.57 -21.46 12.54
N ILE K 49 -9.42 -20.16 12.27
CA ILE K 49 -8.70 -19.27 13.18
C ILE K 49 -9.36 -19.26 14.55
N ASP K 50 -10.71 -19.15 14.59
CA ASP K 50 -11.45 -19.22 15.86
CA ASP K 50 -11.40 -19.18 15.88
C ASP K 50 -11.02 -20.42 16.68
N GLU K 51 -10.98 -21.60 16.05
CA GLU K 51 -10.64 -22.83 16.75
C GLU K 51 -9.19 -22.82 17.19
N MET K 52 -8.31 -22.24 16.38
CA MET K 52 -6.93 -22.04 16.80
C MET K 52 -6.85 -21.21 18.08
N LYS K 53 -7.64 -20.14 18.17
CA LYS K 53 -7.61 -19.30 19.37
C LYS K 53 -8.15 -20.04 20.59
N HIS K 54 -9.22 -20.84 20.42
CA HIS K 54 -9.69 -21.69 21.52
C HIS K 54 -8.62 -22.71 21.94
N ALA K 55 -7.96 -23.36 20.98
CA ALA K 55 -6.93 -24.32 21.34
C ALA K 55 -5.82 -23.66 22.13
N ASP K 56 -5.41 -22.44 21.72
CA ASP K 56 -4.41 -21.68 22.47
C ASP K 56 -4.85 -21.48 23.91
N LYS K 57 -6.07 -21.03 24.13
CA LYS K 57 -6.53 -20.78 25.49
C LYS K 57 -6.60 -22.06 26.31
N LEU K 58 -6.98 -23.19 25.67
CA LEU K 58 -7.01 -24.47 26.36
C LEU K 58 -5.62 -24.93 26.75
N ILE K 59 -4.66 -24.81 25.83
CA ILE K 59 -3.26 -25.14 26.11
C ILE K 59 -2.74 -24.32 27.27
N GLU K 60 -3.05 -23.02 27.29
CA GLU K 60 -2.57 -22.16 28.36
C GLU K 60 -3.15 -22.57 29.70
N ARG K 61 -4.45 -22.87 29.75
CA ARG K 61 -5.09 -23.28 31.00
C ARG K 61 -4.55 -24.62 31.50
N ILE K 62 -4.36 -25.58 30.59
CA ILE K 62 -3.82 -26.88 30.98
C ILE K 62 -2.43 -26.71 31.61
N LEU K 63 -1.59 -25.91 30.97
CA LEU K 63 -0.25 -25.69 31.51
C LEU K 63 -0.31 -25.01 32.87
N PHE K 64 -1.18 -24.01 33.03
CA PHE K 64 -1.34 -23.36 34.31
C PHE K 64 -1.72 -24.35 35.40
N LEU K 65 -2.60 -25.28 35.07
CA LEU K 65 -3.04 -26.32 36.00
C LEU K 65 -2.00 -27.43 36.14
N GLU K 66 -0.84 -27.29 35.50
CA GLU K 66 0.28 -28.21 35.63
C GLU K 66 -0.01 -29.57 34.98
N GLY K 67 -0.82 -29.55 33.93
CA GLY K 67 -1.02 -30.71 33.08
C GLY K 67 -0.20 -30.64 31.81
N LEU K 68 -0.30 -31.73 31.05
CA LEU K 68 0.40 -31.83 29.77
C LEU K 68 -0.60 -31.71 28.64
N PRO K 69 -0.57 -30.61 27.87
CA PRO K 69 -1.48 -30.51 26.71
C PRO K 69 -1.14 -31.57 25.67
N ASN K 70 -2.18 -32.24 25.15
CA ASN K 70 -2.01 -33.30 24.17
C ASN K 70 -2.25 -32.74 22.78
N LEU K 71 -1.17 -32.43 22.06
CA LEU K 71 -1.23 -32.06 20.66
C LEU K 71 -0.80 -33.20 19.74
N GLN K 72 -0.59 -34.39 20.29
CA GLN K 72 -0.08 -35.52 19.51
C GLN K 72 -1.18 -36.38 18.91
N ASP K 73 -2.23 -36.63 19.68
CA ASP K 73 -3.32 -37.48 19.23
C ASP K 73 -4.27 -36.58 18.46
N LEU K 74 -4.52 -36.93 17.22
CA LEU K 74 -5.46 -36.22 16.37
C LEU K 74 -6.55 -37.20 16.00
N GLY K 75 -7.80 -36.88 16.35
CA GLY K 75 -8.91 -37.73 15.99
C GLY K 75 -9.28 -37.59 14.52
N LYS K 76 -10.40 -38.21 14.16
CA LYS K 76 -10.76 -38.37 12.76
C LYS K 76 -11.32 -37.07 12.18
N LEU K 77 -10.69 -36.61 11.09
CA LEU K 77 -11.20 -35.49 10.31
C LEU K 77 -12.34 -35.93 9.41
N LEU K 78 -13.39 -35.10 9.36
CA LEU K 78 -14.54 -35.35 8.48
C LEU K 78 -14.46 -34.39 7.30
N ILE K 79 -13.94 -34.87 6.18
CA ILE K 79 -13.73 -34.06 4.98
C ILE K 79 -14.80 -34.38 3.96
N GLY K 80 -15.57 -33.38 3.59
CA GLY K 80 -16.61 -33.59 2.60
C GLY K 80 -16.10 -33.56 1.19
N GLU K 81 -16.95 -34.01 0.27
CA GLU K 81 -16.59 -34.01 -1.13
C GLU K 81 -17.34 -32.96 -1.92
N ASN K 82 -18.32 -32.29 -1.30
CA ASN K 82 -18.97 -31.17 -1.93
C ASN K 82 -19.46 -30.23 -0.84
N THR K 83 -19.96 -29.06 -1.26
CA THR K 83 -20.24 -28.00 -0.29
C THR K 83 -21.20 -28.47 0.79
N GLN K 84 -22.32 -29.04 0.39
CA GLN K 84 -23.30 -29.47 1.38
C GLN K 84 -22.72 -30.48 2.36
N GLU K 85 -21.99 -31.49 1.86
CA GLU K 85 -21.36 -32.46 2.75
C GLU K 85 -20.31 -31.81 3.65
N MET K 86 -19.55 -30.84 3.12
CA MET K 86 -18.52 -30.19 3.94
C MET K 86 -19.17 -29.46 5.12
N LEU K 87 -20.25 -28.73 4.85
CA LEU K 87 -20.98 -28.06 5.92
C LEU K 87 -21.55 -29.07 6.91
N GLN K 88 -22.13 -30.17 6.43
CA GLN K 88 -22.69 -31.15 7.37
C GLN K 88 -21.60 -31.83 8.19
N CYS K 89 -20.44 -32.10 7.59
CA CYS K 89 -19.28 -32.60 8.34
C CYS K 89 -18.86 -31.63 9.42
N ASP K 90 -18.79 -30.33 9.10
CA ASP K 90 -18.52 -29.34 10.13
C ASP K 90 -19.57 -29.38 11.22
N LEU K 91 -20.85 -29.50 10.84
CA LEU K 91 -21.92 -29.46 11.84
C LEU K 91 -21.87 -30.71 12.74
N ASN K 92 -21.64 -31.89 12.16
CA ASN K 92 -21.51 -33.09 12.98
C ASN K 92 -20.36 -32.95 13.98
N LEU K 93 -19.23 -32.40 13.54
CA LEU K 93 -18.13 -32.18 14.46
C LEU K 93 -18.51 -31.21 15.56
N GLU K 94 -19.20 -30.12 15.21
CA GLU K 94 -19.55 -29.13 16.23
C GLU K 94 -20.53 -29.72 17.25
N LEU K 95 -21.46 -30.56 16.79
CA LEU K 95 -22.42 -31.14 17.73
C LEU K 95 -21.72 -32.08 18.70
N LYS K 96 -20.74 -32.85 18.23
CA LYS K 96 -19.94 -33.63 19.17
C LYS K 96 -19.19 -32.71 20.13
N ALA K 97 -18.63 -31.61 19.62
CA ALA K 97 -17.86 -30.70 20.47
C ALA K 97 -18.72 -30.12 21.60
N THR K 98 -19.96 -29.72 21.30
CA THR K 98 -20.77 -29.10 22.35
C THR K 98 -21.26 -30.12 23.36
N LYS K 99 -21.53 -31.36 22.94
CA LYS K 99 -21.78 -32.43 23.89
C LYS K 99 -20.59 -32.60 24.84
N ASP K 100 -19.38 -32.66 24.30
CA ASP K 100 -18.20 -32.81 25.16
C ASP K 100 -17.99 -31.60 26.06
N LEU K 101 -18.25 -30.39 25.55
CA LEU K 101 -18.15 -29.20 26.37
C LEU K 101 -19.11 -29.24 27.55
N ARG K 102 -20.34 -29.70 27.33
CA ARG K 102 -21.31 -29.74 28.43
C ARG K 102 -20.86 -30.71 29.53
N GLU K 103 -20.40 -31.88 29.16
CA GLU K 103 -19.94 -32.83 30.18
C GLU K 103 -18.75 -32.29 30.95
N ALA K 104 -17.84 -31.60 30.26
CA ALA K 104 -16.69 -30.99 30.94
C ALA K 104 -17.13 -29.93 31.93
N ILE K 105 -18.13 -29.12 31.56
CA ILE K 105 -18.62 -28.06 32.44
C ILE K 105 -19.25 -28.67 33.69
N VAL K 106 -20.06 -29.73 33.55
CA VAL K 106 -20.59 -30.43 34.73
C VAL K 106 -19.47 -30.79 35.70
N HIS K 107 -18.40 -31.39 35.19
CA HIS K 107 -17.35 -31.84 36.10
C HIS K 107 -16.61 -30.65 36.73
N CYS K 108 -16.30 -29.60 35.94
CA CYS K 108 -15.69 -28.41 36.53
C CYS K 108 -16.54 -27.87 37.67
N GLU K 109 -17.85 -27.83 37.47
CA GLU K 109 -18.74 -27.33 38.52
C GLU K 109 -18.65 -28.20 39.75
N GLN K 110 -18.61 -29.52 39.57
CA GLN K 110 -18.63 -30.41 40.72
C GLN K 110 -17.38 -30.27 41.57
N VAL K 111 -16.22 -30.03 40.93
CA VAL K 111 -14.97 -29.90 41.69
C VAL K 111 -14.60 -28.43 41.93
N HIS K 112 -15.50 -27.49 41.61
CA HIS K 112 -15.39 -26.06 41.92
C HIS K 112 -14.29 -25.37 41.12
N ASP K 113 -13.96 -25.87 39.93
CA ASP K 113 -13.01 -25.18 39.06
C ASP K 113 -13.83 -24.20 38.20
N TYR K 114 -14.22 -23.10 38.83
CA TYR K 114 -15.14 -22.16 38.20
C TYR K 114 -14.47 -21.37 37.09
N VAL K 115 -13.16 -21.14 37.17
CA VAL K 115 -12.48 -20.49 36.07
C VAL K 115 -12.42 -21.39 34.84
N SER K 116 -12.07 -22.67 35.02
CA SER K 116 -12.13 -23.55 33.85
C SER K 116 -13.55 -23.60 33.29
N ARG K 117 -14.56 -23.62 34.17
CA ARG K 117 -15.93 -23.62 33.69
C ARG K 117 -16.21 -22.40 32.83
N ASP K 118 -15.76 -21.21 33.27
CA ASP K 118 -15.99 -19.99 32.51
C ASP K 118 -15.32 -20.03 31.14
N LEU K 119 -14.08 -20.53 31.06
CA LEU K 119 -13.42 -20.68 29.75
C LEU K 119 -14.23 -21.59 28.82
N LEU K 120 -14.67 -22.74 29.33
CA LEU K 120 -15.43 -23.67 28.52
C LEU K 120 -16.79 -23.06 28.12
N LYS K 121 -17.40 -22.29 29.01
CA LYS K 121 -18.65 -21.61 28.64
C LYS K 121 -18.42 -20.65 27.48
N ASP K 122 -17.32 -19.88 27.53
CA ASP K 122 -16.99 -18.99 26.42
C ASP K 122 -16.76 -19.76 25.12
N ILE K 123 -16.04 -20.89 25.19
CA ILE K 123 -15.85 -21.70 23.99
C ILE K 123 -17.18 -22.24 23.50
N LEU K 124 -18.04 -22.70 24.43
CA LEU K 124 -19.35 -23.21 24.05
C LEU K 124 -20.20 -22.14 23.36
N GLU K 125 -20.11 -20.89 23.83
CA GLU K 125 -20.83 -19.83 23.13
C GLU K 125 -20.36 -19.70 21.70
N SER K 126 -19.04 -19.73 21.49
N SER K 126 -19.04 -19.73 21.48
CA SER K 126 -18.48 -19.68 20.14
CA SER K 126 -18.50 -19.67 20.13
C SER K 126 -18.92 -20.87 19.30
C SER K 126 -18.95 -20.87 19.30
N GLU K 127 -18.88 -22.08 19.86
CA GLU K 127 -19.28 -23.25 19.09
C GLU K 127 -20.77 -23.19 18.76
N GLU K 128 -21.62 -22.70 19.68
CA GLU K 128 -23.04 -22.58 19.32
C GLU K 128 -23.25 -21.54 18.23
N GLU K 129 -22.46 -20.46 18.22
CA GLU K 129 -22.53 -19.55 17.07
C GLU K 129 -22.10 -20.24 15.78
N HIS K 130 -21.06 -21.09 15.82
CA HIS K 130 -20.71 -21.81 14.61
CA HIS K 130 -20.68 -21.85 14.63
C HIS K 130 -21.83 -22.73 14.15
N ILE K 131 -22.51 -23.41 15.08
CA ILE K 131 -23.64 -24.25 14.74
C ILE K 131 -24.74 -23.43 14.05
N ASP K 132 -25.03 -22.26 14.61
CA ASP K 132 -26.00 -21.36 13.97
C ASP K 132 -25.59 -21.06 12.52
N TYR K 133 -24.33 -20.69 12.30
CA TYR K 133 -23.88 -20.40 10.95
C TYR K 133 -24.10 -21.60 10.03
N LEU K 134 -23.70 -22.79 10.49
CA LEU K 134 -23.76 -23.99 9.64
C LEU K 134 -25.20 -24.38 9.33
N GLU K 135 -26.05 -24.46 10.36
CA GLU K 135 -27.45 -24.76 10.13
C GLU K 135 -28.09 -23.76 9.17
N THR K 136 -27.73 -22.48 9.32
CA THR K 136 -28.29 -21.45 8.47
C THR K 136 -27.82 -21.60 7.03
N GLN K 137 -26.55 -21.93 6.83
CA GLN K 137 -26.07 -22.14 5.47
C GLN K 137 -26.81 -23.31 4.83
N LEU K 138 -26.98 -24.40 5.58
CA LEU K 138 -27.69 -25.54 5.04
C LEU K 138 -29.13 -25.18 4.72
N GLY K 139 -29.76 -24.35 5.55
CA GLY K 139 -31.11 -23.89 5.25
C GLY K 139 -31.17 -22.99 4.03
N LEU K 140 -30.17 -22.13 3.86
CA LEU K 140 -30.15 -21.27 2.67
C LEU K 140 -30.02 -22.09 1.40
N ILE K 141 -29.21 -23.15 1.43
CA ILE K 141 -29.08 -23.99 0.24
C ILE K 141 -30.45 -24.50 -0.17
N GLN K 142 -31.27 -24.87 0.81
CA GLN K 142 -32.63 -25.35 0.51
C GLN K 142 -33.53 -24.24 -0.02
N LYS K 143 -33.41 -23.01 0.52
CA LYS K 143 -34.31 -21.94 0.14
C LYS K 143 -33.92 -21.29 -1.18
N VAL K 144 -32.63 -21.07 -1.43
CA VAL K 144 -32.22 -20.38 -2.66
C VAL K 144 -31.71 -21.36 -3.71
N GLY K 145 -31.50 -22.62 -3.36
CA GLY K 145 -30.90 -23.60 -4.28
C GLY K 145 -29.40 -23.54 -4.25
N LEU K 146 -28.78 -24.70 -4.51
CA LEU K 146 -27.33 -24.79 -4.39
C LEU K 146 -26.62 -23.88 -5.37
N GLU K 147 -27.10 -23.83 -6.62
CA GLU K 147 -26.39 -23.01 -7.62
C GLU K 147 -26.38 -21.53 -7.23
N ASN K 148 -27.51 -21.01 -6.75
CA ASN K 148 -27.53 -19.62 -6.29
C ASN K 148 -26.69 -19.45 -5.03
N TYR K 149 -26.74 -20.42 -4.11
CA TYR K 149 -25.94 -20.32 -2.91
C TYR K 149 -24.46 -20.23 -3.25
N LEU K 150 -24.01 -21.11 -4.13
CA LEU K 150 -22.58 -21.06 -4.51
C LEU K 150 -22.27 -19.79 -5.27
N GLN K 151 -23.16 -19.36 -6.15
CA GLN K 151 -22.96 -18.10 -6.86
C GLN K 151 -22.73 -16.96 -5.88
N SER K 152 -23.53 -16.92 -4.82
CA SER K 152 -23.42 -15.85 -3.82
C SER K 152 -22.13 -15.94 -3.03
N HIS K 153 -21.37 -17.02 -3.18
CA HIS K 153 -20.12 -17.17 -2.44
C HIS K 153 -18.89 -17.22 -3.33
N MET K 154 -19.02 -16.79 -4.59
CA MET K 154 -17.87 -16.76 -5.49
C MET K 154 -16.90 -15.64 -5.14
N HIS K 155 -17.43 -14.46 -4.84
CA HIS K 155 -16.62 -13.25 -4.69
C HIS K 155 -16.63 -12.81 -3.23
N GLU K 156 -15.48 -12.32 -2.76
CA GLU K 156 -15.38 -11.83 -1.39
C GLU K 156 -16.03 -10.44 -1.28
N MET L 1 -5.74 63.64 -22.48
CA MET L 1 -4.84 64.83 -22.36
C MET L 1 -4.12 65.01 -23.66
N LYS L 2 -4.30 66.15 -24.32
CA LYS L 2 -3.78 66.29 -25.68
C LYS L 2 -2.26 66.30 -25.66
N GLY L 3 -1.66 65.34 -26.33
CA GLY L 3 -0.21 65.27 -26.41
C GLY L 3 0.34 66.05 -27.60
N ASP L 4 1.65 66.25 -27.55
CA ASP L 4 2.39 66.85 -28.65
C ASP L 4 2.30 65.97 -29.89
N LYS L 5 1.94 66.58 -31.02
CA LYS L 5 1.72 65.81 -32.25
C LYS L 5 2.94 65.00 -32.63
N LYS L 6 4.13 65.59 -32.55
CA LYS L 6 5.31 64.87 -32.99
C LYS L 6 5.70 63.77 -31.99
N VAL L 7 5.37 63.95 -30.71
CA VAL L 7 5.52 62.86 -29.75
C VAL L 7 4.69 61.66 -30.18
N ILE L 8 3.42 61.91 -30.51
CA ILE L 8 2.53 60.84 -30.95
C ILE L 8 3.09 60.17 -32.19
N GLN L 9 3.68 60.95 -33.10
CA GLN L 9 4.29 60.35 -34.29
C GLN L 9 5.46 59.46 -33.91
N HIS L 10 6.28 59.89 -32.96
CA HIS L 10 7.38 59.03 -32.50
C HIS L 10 6.83 57.75 -31.88
N LEU L 11 5.84 57.88 -31.01
CA LEU L 11 5.26 56.71 -30.36
C LEU L 11 4.69 55.74 -31.39
N ASN L 12 4.01 56.25 -32.41
CA ASN L 12 3.50 55.38 -33.46
C ASN L 12 4.64 54.74 -34.24
N LYS L 13 5.76 55.44 -34.40
CA LYS L 13 6.90 54.82 -35.05
C LYS L 13 7.49 53.72 -34.17
N ILE L 14 7.61 53.97 -32.86
CA ILE L 14 8.08 52.91 -31.97
C ILE L 14 7.09 51.75 -32.01
N LEU L 15 5.79 52.04 -31.96
CA LEU L 15 4.78 50.99 -32.04
C LEU L 15 4.97 50.15 -33.30
N GLY L 16 5.24 50.80 -34.42
CA GLY L 16 5.48 50.07 -35.64
C GLY L 16 6.65 49.10 -35.56
N ASN L 17 7.71 49.49 -34.88
CA ASN L 17 8.84 48.57 -34.72
C ASN L 17 8.44 47.37 -33.86
N GLU L 18 7.68 47.60 -32.78
CA GLU L 18 7.26 46.50 -31.93
C GLU L 18 6.32 45.54 -32.68
N LEU L 19 5.42 46.08 -33.50
CA LEU L 19 4.51 45.23 -34.28
C LEU L 19 5.28 44.35 -35.27
N ILE L 20 6.32 44.90 -35.90
CA ILE L 20 7.20 44.07 -36.72
C ILE L 20 7.84 42.98 -35.86
N ALA L 21 8.37 43.38 -34.70
CA ALA L 21 9.08 42.43 -33.84
C ALA L 21 8.17 41.31 -33.36
N ILE L 22 6.94 41.66 -32.96
CA ILE L 22 5.98 40.64 -32.54
C ILE L 22 5.91 39.55 -33.58
N ASN L 23 5.65 39.93 -34.83
CA ASN L 23 5.42 38.93 -35.86
C ASN L 23 6.70 38.20 -36.21
N GLN L 24 7.81 38.93 -36.31
CA GLN L 24 9.08 38.30 -36.66
C GLN L 24 9.49 37.29 -35.61
N TYR L 25 9.43 37.67 -34.33
CA TYR L 25 9.85 36.75 -33.27
C TYR L 25 8.87 35.58 -33.14
N PHE L 26 7.58 35.82 -33.35
CA PHE L 26 6.63 34.72 -33.23
C PHE L 26 6.86 33.67 -34.31
N LEU L 27 7.10 34.10 -35.55
CA LEU L 27 7.38 33.12 -36.60
C LEU L 27 8.70 32.41 -36.37
N HIS L 28 9.74 33.14 -35.99
CA HIS L 28 11.01 32.47 -35.67
C HIS L 28 10.80 31.43 -34.58
N SER L 29 10.02 31.78 -33.56
CA SER L 29 9.73 30.83 -32.48
C SER L 29 9.09 29.57 -33.04
N ARG L 30 8.07 29.72 -33.85
CA ARG L 30 7.36 28.55 -34.37
C ARG L 30 8.20 27.79 -35.38
N MET L 31 9.08 28.49 -36.12
CA MET L 31 10.02 27.77 -36.97
C MET L 31 10.97 26.92 -36.15
N TRP L 32 11.56 27.49 -35.09
CA TRP L 32 12.48 26.72 -34.26
C TRP L 32 11.80 25.53 -33.60
N ASN L 33 10.57 25.71 -33.11
CA ASN L 33 9.84 24.57 -32.55
C ASN L 33 9.62 23.49 -33.60
N ASP L 34 9.18 23.89 -34.78
CA ASP L 34 9.00 22.92 -35.87
C ASP L 34 10.29 22.14 -36.13
N TRP L 35 11.43 22.80 -36.01
CA TRP L 35 12.70 22.11 -36.24
C TRP L 35 13.18 21.29 -35.05
N GLY L 36 12.46 21.26 -33.94
CA GLY L 36 12.93 20.51 -32.80
C GLY L 36 13.88 21.26 -31.90
N LEU L 37 14.01 22.56 -32.09
CA LEU L 37 14.90 23.40 -31.28
C LEU L 37 14.05 24.16 -30.26
N LYS L 38 13.50 23.38 -29.32
CA LYS L 38 12.40 23.87 -28.49
C LYS L 38 12.87 24.91 -27.47
N ARG L 39 14.12 24.86 -27.04
CA ARG L 39 14.59 25.87 -26.11
C ARG L 39 14.72 27.21 -26.82
N LEU L 40 15.17 27.21 -28.07
CA LEU L 40 15.14 28.44 -28.87
C LEU L 40 13.71 28.89 -29.11
N GLY L 41 12.83 27.94 -29.45
CA GLY L 41 11.44 28.28 -29.67
C GLY L 41 10.80 28.93 -28.46
N ALA L 42 11.04 28.36 -27.28
CA ALA L 42 10.43 28.93 -26.08
C ALA L 42 11.00 30.32 -25.79
N HIS L 43 12.32 30.49 -25.90
CA HIS L 43 12.89 31.79 -25.59
C HIS L 43 12.38 32.86 -26.56
N GLU L 44 12.31 32.51 -27.84
CA GLU L 44 11.86 33.47 -28.86
C GLU L 44 10.37 33.80 -28.69
N TYR L 45 9.58 32.82 -28.27
CA TYR L 45 8.19 33.08 -27.90
C TYR L 45 8.12 34.14 -26.81
N HIS L 46 8.96 34.01 -25.78
CA HIS L 46 8.91 34.99 -24.70
C HIS L 46 9.36 36.37 -25.18
N GLU L 47 10.29 36.42 -26.13
CA GLU L 47 10.65 37.71 -26.73
C GLU L 47 9.45 38.32 -27.46
N SER L 48 8.70 37.49 -28.19
CA SER L 48 7.49 37.99 -28.87
C SER L 48 6.48 38.53 -27.85
N ILE L 49 6.24 37.78 -26.78
CA ILE L 49 5.30 38.22 -25.77
C ILE L 49 5.73 39.56 -25.17
N ASP L 50 7.03 39.72 -24.92
CA ASP L 50 7.51 40.98 -24.35
CA ASP L 50 7.48 40.98 -24.32
C ASP L 50 7.23 42.14 -25.27
N GLU L 51 7.42 41.93 -26.57
CA GLU L 51 7.12 42.97 -27.55
C GLU L 51 5.63 43.24 -27.60
N MET L 52 4.80 42.19 -27.45
CA MET L 52 3.36 42.40 -27.34
C MET L 52 3.03 43.30 -26.15
N LYS L 53 3.70 43.10 -25.01
CA LYS L 53 3.42 43.93 -23.85
C LYS L 53 3.85 45.39 -24.10
N HIS L 54 5.00 45.59 -24.76
CA HIS L 54 5.44 46.95 -25.09
C HIS L 54 4.45 47.65 -26.00
N ALA L 55 3.99 46.93 -27.03
CA ALA L 55 3.00 47.50 -27.93
C ALA L 55 1.76 47.91 -27.18
N ASP L 56 1.30 47.05 -26.26
CA ASP L 56 0.15 47.36 -25.46
C ASP L 56 0.34 48.71 -24.75
N LYS L 57 1.47 48.89 -24.09
CA LYS L 57 1.68 50.11 -23.34
C LYS L 57 1.77 51.34 -24.27
N LEU L 58 2.36 51.16 -25.45
CA LEU L 58 2.44 52.27 -26.41
C LEU L 58 1.06 52.64 -26.91
N ILE L 59 0.26 51.63 -27.27
CA ILE L 59 -1.12 51.87 -27.66
C ILE L 59 -1.85 52.62 -26.58
N GLU L 60 -1.70 52.18 -25.33
CA GLU L 60 -2.39 52.84 -24.23
C GLU L 60 -1.95 54.29 -24.05
N ARG L 61 -0.65 54.56 -24.18
CA ARG L 61 -0.18 55.94 -24.02
C ARG L 61 -0.70 56.84 -25.14
N ILE L 62 -0.67 56.35 -26.38
CA ILE L 62 -1.13 57.12 -27.53
C ILE L 62 -2.58 57.53 -27.35
N LEU L 63 -3.42 56.57 -26.93
CA LEU L 63 -4.81 56.89 -26.74
C LEU L 63 -4.99 57.92 -25.65
N PHE L 64 -4.23 57.80 -24.56
CA PHE L 64 -4.29 58.79 -23.49
C PHE L 64 -3.95 60.18 -24.01
N LEU L 65 -2.96 60.26 -24.90
CA LEU L 65 -2.55 61.50 -25.51
C LEU L 65 -3.50 61.91 -26.64
N GLU L 66 -4.57 61.16 -26.85
CA GLU L 66 -5.63 61.48 -27.81
C GLU L 66 -5.11 61.42 -29.22
N GLY L 67 -4.15 60.53 -29.45
CA GLY L 67 -3.71 60.17 -30.77
C GLY L 67 -4.37 58.89 -31.24
N LEU L 68 -4.05 58.53 -32.47
CA LEU L 68 -4.59 57.35 -33.13
C LEU L 68 -3.50 56.30 -33.24
N PRO L 69 -3.56 55.20 -32.49
CA PRO L 69 -2.53 54.16 -32.63
C PRO L 69 -2.63 53.53 -34.01
N ASN L 70 -1.48 53.36 -34.63
CA ASN L 70 -1.41 52.80 -35.99
C ASN L 70 -1.07 51.31 -35.90
N LEU L 71 -2.09 50.46 -36.04
CA LEU L 71 -1.87 49.03 -36.16
C LEU L 71 -2.06 48.53 -37.58
N GLN L 72 -2.26 49.43 -38.55
CA GLN L 72 -2.52 49.05 -39.94
C GLN L 72 -1.25 48.91 -40.75
N ASP L 73 -0.30 49.80 -40.56
CA ASP L 73 0.93 49.77 -41.33
C ASP L 73 1.93 48.85 -40.66
N LEU L 74 2.35 47.83 -41.39
CA LEU L 74 3.32 46.86 -40.92
C LEU L 74 4.53 46.92 -41.84
N GLY L 75 5.68 47.28 -41.29
CA GLY L 75 6.92 47.33 -42.05
C GLY L 75 7.44 45.94 -42.34
N LYS L 76 8.67 45.90 -42.86
CA LYS L 76 9.23 44.68 -43.44
C LYS L 76 9.75 43.76 -42.36
N LEU L 77 9.24 42.53 -42.33
CA LEU L 77 9.75 41.49 -41.45
C LEU L 77 11.05 40.93 -42.00
N LEU L 78 12.02 40.71 -41.11
CA LEU L 78 13.30 40.13 -41.49
C LEU L 78 13.26 38.68 -41.00
N ILE L 79 12.87 37.76 -41.87
CA ILE L 79 12.72 36.36 -41.51
C ILE L 79 13.94 35.63 -42.03
N GLY L 80 14.69 35.01 -41.12
CA GLY L 80 15.80 34.20 -41.52
C GLY L 80 15.37 32.82 -41.91
N GLU L 81 16.29 32.11 -42.53
CA GLU L 81 16.07 30.75 -42.98
C GLU L 81 16.93 29.74 -42.21
N ASN L 82 17.80 30.20 -41.31
CA ASN L 82 18.56 29.30 -40.46
C ASN L 82 18.86 30.00 -39.14
N THR L 83 19.30 29.22 -38.16
CA THR L 83 19.36 29.74 -36.80
C THR L 83 20.24 30.99 -36.72
N GLN L 84 21.48 30.89 -37.21
CA GLN L 84 22.37 32.05 -37.12
C GLN L 84 21.76 33.26 -37.83
N GLU L 85 21.15 33.06 -38.99
CA GLU L 85 20.55 34.17 -39.73
C GLU L 85 19.33 34.73 -39.01
N MET L 86 18.52 33.87 -38.38
CA MET L 86 17.35 34.38 -37.66
C MET L 86 17.78 35.27 -36.50
N LEU L 87 18.82 34.87 -35.77
CA LEU L 87 19.32 35.69 -34.67
C LEU L 87 19.83 37.02 -35.19
N GLN L 88 20.57 36.98 -36.30
CA GLN L 88 21.06 38.23 -36.89
C GLN L 88 19.92 39.13 -37.35
N CYS L 89 18.84 38.54 -37.92
CA CYS L 89 17.69 39.37 -38.29
C CYS L 89 17.07 40.04 -37.08
N ASP L 90 16.93 39.30 -35.98
CA ASP L 90 16.42 39.89 -34.75
C ASP L 90 17.32 41.04 -34.28
N LEU L 91 18.63 40.82 -34.33
CA LEU L 91 19.58 41.83 -33.88
C LEU L 91 19.53 43.08 -34.75
N ASN L 92 19.51 42.89 -36.08
CA ASN L 92 19.39 44.04 -36.96
C ASN L 92 18.12 44.83 -36.68
N LEU L 93 17.01 44.14 -36.44
CA LEU L 93 15.79 44.87 -36.08
C LEU L 93 15.94 45.59 -34.75
N GLU L 94 16.57 44.95 -33.76
CA GLU L 94 16.70 45.61 -32.46
C GLU L 94 17.57 46.85 -32.57
N LEU L 95 18.62 46.79 -33.39
CA LEU L 95 19.51 47.95 -33.53
C LEU L 95 18.77 49.11 -34.18
N LYS L 96 17.89 48.83 -35.14
CA LYS L 96 17.03 49.88 -35.67
C LYS L 96 16.08 50.39 -34.60
N ALA L 97 15.49 49.49 -33.81
CA ALA L 97 14.52 49.89 -32.81
C ALA L 97 15.12 50.84 -31.77
N THR L 98 16.34 50.55 -31.31
CA THR L 98 16.93 51.39 -30.27
C THR L 98 17.36 52.74 -30.81
N LYS L 99 17.83 52.81 -32.06
CA LYS L 99 18.06 54.13 -32.66
C LYS L 99 16.80 54.97 -32.67
N ASP L 100 15.68 54.37 -33.07
CA ASP L 100 14.42 55.11 -33.09
C ASP L 100 13.99 55.50 -31.69
N LEU L 101 14.20 54.63 -30.69
CA LEU L 101 13.85 55.01 -29.31
C LEU L 101 14.64 56.24 -28.86
N ARG L 102 15.93 56.27 -29.16
CA ARG L 102 16.76 57.42 -28.74
C ARG L 102 16.25 58.71 -29.36
N GLU L 103 15.90 58.69 -30.66
CA GLU L 103 15.38 59.89 -31.29
C GLU L 103 14.04 60.32 -30.67
N ALA L 104 13.20 59.36 -30.33
CA ALA L 104 11.93 59.69 -29.68
C ALA L 104 12.15 60.28 -28.30
N ILE L 105 13.12 59.73 -27.56
CA ILE L 105 13.42 60.24 -26.23
C ILE L 105 13.91 61.67 -26.29
N VAL L 106 14.79 61.99 -27.24
CA VAL L 106 15.25 63.38 -27.42
C VAL L 106 14.07 64.32 -27.54
N HIS L 107 13.12 63.98 -28.41
CA HIS L 107 12.01 64.89 -28.64
C HIS L 107 11.09 64.98 -27.44
N CYS L 108 10.80 63.85 -26.78
CA CYS L 108 10.03 63.92 -25.54
C CYS L 108 10.68 64.88 -24.54
N GLU L 109 12.01 64.81 -24.41
CA GLU L 109 12.72 65.67 -23.47
C GLU L 109 12.53 67.14 -23.84
N GLN L 110 12.63 67.47 -25.14
CA GLN L 110 12.52 68.87 -25.58
C GLN L 110 11.14 69.46 -25.33
N VAL L 111 10.08 68.67 -25.47
CA VAL L 111 8.73 69.19 -25.25
C VAL L 111 8.23 68.87 -23.84
N HIS L 112 9.09 68.35 -22.97
CA HIS L 112 8.79 68.15 -21.55
C HIS L 112 7.79 67.03 -21.32
N ASP L 113 7.70 66.07 -22.22
CA ASP L 113 6.79 64.94 -22.01
C ASP L 113 7.59 63.86 -21.26
N TYR L 114 7.77 64.09 -19.97
CA TYR L 114 8.67 63.26 -19.20
C TYR L 114 8.08 61.86 -18.95
N VAL L 115 6.76 61.74 -18.89
CA VAL L 115 6.16 60.42 -18.70
C VAL L 115 6.35 59.58 -19.95
N SER L 116 6.11 60.15 -21.13
CA SER L 116 6.40 59.40 -22.34
C SER L 116 7.86 59.03 -22.41
N ARG L 117 8.76 59.93 -21.98
CA ARG L 117 10.17 59.59 -22.01
C ARG L 117 10.44 58.39 -21.12
N ASP L 118 9.84 58.38 -19.92
CA ASP L 118 10.09 57.29 -18.97
C ASP L 118 9.63 55.97 -19.55
N LEU L 119 8.45 55.95 -20.18
CA LEU L 119 7.98 54.76 -20.87
C LEU L 119 8.97 54.31 -21.94
N LEU L 120 9.46 55.24 -22.76
CA LEU L 120 10.39 54.86 -23.82
C LEU L 120 11.72 54.37 -23.26
N LYS L 121 12.19 54.98 -22.17
CA LYS L 121 13.40 54.49 -21.52
C LYS L 121 13.24 53.05 -21.03
N ASP L 122 12.07 52.74 -20.43
CA ASP L 122 11.85 51.36 -19.99
C ASP L 122 11.87 50.40 -21.17
N ILE L 123 11.25 50.79 -22.28
CA ILE L 123 11.29 49.93 -23.45
C ILE L 123 12.73 49.79 -23.96
N LEU L 124 13.48 50.88 -23.96
CA LEU L 124 14.86 50.81 -24.41
C LEU L 124 15.68 49.85 -23.56
N GLU L 125 15.45 49.84 -22.25
CA GLU L 125 16.14 48.89 -21.38
C GLU L 125 15.83 47.45 -21.79
N SER L 126 14.56 47.15 -22.07
N SER L 126 14.56 47.14 -22.08
CA SER L 126 14.21 45.80 -22.52
CA SER L 126 14.22 45.79 -22.52
C SER L 126 14.92 45.46 -23.83
C SER L 126 14.91 45.46 -23.84
N GLU L 127 14.91 46.39 -24.79
CA GLU L 127 15.50 46.10 -26.09
C GLU L 127 17.01 45.94 -25.98
N GLU L 128 17.67 46.73 -25.12
CA GLU L 128 19.10 46.51 -24.96
C GLU L 128 19.37 45.16 -24.29
N GLU L 129 18.49 44.70 -23.39
CA GLU L 129 18.63 43.34 -22.87
C GLU L 129 18.49 42.30 -23.98
N HIS L 130 17.52 42.49 -24.86
CA HIS L 130 17.40 41.59 -26.01
C HIS L 130 18.65 41.62 -26.88
N ILE L 131 19.18 42.81 -27.17
CA ILE L 131 20.44 42.90 -27.90
C ILE L 131 21.53 42.11 -27.17
N ASP L 132 21.63 42.28 -25.86
CA ASP L 132 22.63 41.51 -25.12
C ASP L 132 22.47 40.02 -25.39
N TYR L 133 21.23 39.55 -25.28
CA TYR L 133 20.95 38.13 -25.51
C TYR L 133 21.40 37.72 -26.91
N LEU L 134 21.00 38.49 -27.93
CA LEU L 134 21.29 38.11 -29.31
C LEU L 134 22.79 38.12 -29.60
N GLU L 135 23.48 39.20 -29.23
CA GLU L 135 24.93 39.25 -29.43
C GLU L 135 25.58 38.06 -28.74
N THR L 136 25.12 37.74 -27.53
CA THR L 136 25.69 36.62 -26.80
C THR L 136 25.44 35.29 -27.51
N GLN L 137 24.25 35.07 -28.07
CA GLN L 137 24.00 33.81 -28.79
C GLN L 137 24.90 33.70 -30.02
N LEU L 138 25.03 34.80 -30.77
CA LEU L 138 25.89 34.77 -31.94
C LEU L 138 27.32 34.48 -31.53
N GLY L 139 27.77 35.05 -30.41
CA GLY L 139 29.10 34.73 -29.92
C GLY L 139 29.23 33.29 -29.50
N LEU L 140 28.20 32.72 -28.86
CA LEU L 140 28.28 31.33 -28.44
C LEU L 140 28.38 30.39 -29.63
N ILE L 141 27.67 30.71 -30.72
CA ILE L 141 27.79 29.88 -31.91
C ILE L 141 29.24 29.78 -32.35
N GLN L 142 29.98 30.88 -32.28
CA GLN L 142 31.40 30.87 -32.65
C GLN L 142 32.24 30.09 -31.66
N LYS L 143 31.92 30.19 -30.37
CA LYS L 143 32.77 29.57 -29.35
C LYS L 143 32.54 28.07 -29.21
N VAL L 144 31.27 27.61 -29.27
CA VAL L 144 30.97 26.19 -29.08
C VAL L 144 30.75 25.47 -30.42
N GLY L 145 30.63 26.19 -31.51
CA GLY L 145 30.31 25.59 -32.80
C GLY L 145 28.82 25.46 -33.02
N LEU L 146 28.41 25.52 -34.29
CA LEU L 146 26.99 25.55 -34.62
C LEU L 146 26.27 24.28 -34.17
N GLU L 147 26.86 23.12 -34.42
CA GLU L 147 26.18 21.88 -34.07
C GLU L 147 25.94 21.76 -32.56
N ASN L 148 26.95 22.09 -31.74
CA ASN L 148 26.79 22.07 -30.29
C ASN L 148 25.77 23.11 -29.83
N TYR L 149 25.79 24.32 -30.43
CA TYR L 149 24.84 25.35 -30.03
C TYR L 149 23.42 24.87 -30.29
N LEU L 150 23.19 24.26 -31.46
CA LEU L 150 21.86 23.72 -31.75
C LEU L 150 21.52 22.55 -30.82
N GLN L 151 22.47 21.65 -30.58
CA GLN L 151 22.20 20.56 -29.65
C GLN L 151 21.74 21.07 -28.29
N SER L 152 22.41 22.10 -27.78
CA SER L 152 22.07 22.67 -26.48
C SER L 152 20.71 23.36 -26.46
N HIS L 153 20.07 23.54 -27.61
CA HIS L 153 18.77 24.19 -27.66
C HIS L 153 17.67 23.26 -28.15
N MET L 154 17.92 21.95 -28.17
CA MET L 154 16.90 20.98 -28.55
C MET L 154 15.87 20.81 -27.43
N HIS L 155 16.34 20.65 -26.20
CA HIS L 155 15.52 20.28 -25.06
C HIS L 155 15.45 21.40 -24.04
N GLU L 156 14.29 21.49 -23.38
CA GLU L 156 14.03 22.49 -22.36
C GLU L 156 14.75 22.16 -21.05
#